data_8Y5I
#
_entry.id   8Y5I
#
_cell.length_a   1.00
_cell.length_b   1.00
_cell.length_c   1.00
_cell.angle_alpha   90.00
_cell.angle_beta   90.00
_cell.angle_gamma   90.00
#
_symmetry.space_group_name_H-M   'P 1'
#
loop_
_entity.id
_entity.type
_entity.pdbx_description
1 polymer 'Spermidine/putrescine import ATP-binding protein PotA'
2 polymer 'Spermidine/putrescine transport system permease protein PotB'
3 polymer 'Spermidine/putrescine transport system permease protein PotC'
4 polymer 'Putrescine-binding periplasmic protein'
5 non-polymer "ADENOSINE-5'-TRIPHOSPHATE"
6 non-polymer 'MAGNESIUM ION'
#
loop_
_entity_poly.entity_id
_entity_poly.type
_entity_poly.pdbx_seq_one_letter_code
_entity_poly.pdbx_strand_id
1 'polypeptide(L)'
;MGQSKKLNKQPSSLSPLVQLAGIRKCFDGKEVIPQLDLTINNGEFLTLLGPSGCGKTTVLRLIAGLETVDSGRIMLDNED
ITHVPAENRYVNTVFQSYALFPHMTVFENVAFGLRMQKTPAAEITPRVMEALRMVQLETFAQRKPHQLSGGQQQRVAIAR
AVVNKPRLLLLDQSLSALDYKLRKQMQNELKALQRKLGITFVFVTHDQEEALTMSDRIVVMRDGRIEQDGTPREIYEEPK
NLFVAGFIGEINMFNATVIERLDEQRVRANVEGRECNIYVNFAVEPGQKLHVLLRPEDLRVEEINDDNHAEGLIGYVRER
NYKGMTLESVVELENGKMVMVSEFFNEDDPDFDHSLDQKMAINWVESWEVVLADEEHK
;
A,D
2 'polypeptide(L)'
;MKNTTSFQNVVIVTIVGWLVLFVFLPNLMIIGTSFLTRDDASFVKMVFTLDNYTRLLDPLYFEVLLHSLNMALIATLACL
VLGYPFAWFLAKLPHKVRPLLLFLLIVPFWTNSLIRIYGLKIFLSTKGYLNEFLLWLGVIDTPIRIMFTPSAVIIGLVYI
LLPFMVMPLYSSIEKLDKPLLEAARDLGASKLQTFIRIIIPLTMPGIIAGCLLVMLPAMGLFYVSDLMGGAKNLLIGNVI
KVQFLNIRDWPFGAATSITLTIVMGLMLLVYWRASRLLNKKVELE
;
B
3 'polypeptide(L)'
;MIGRLLRGGFMTAIYAYLYIPIIILIVNSFNSSRFGINWQGFTTKWYSLLMNNDSLLQAAQHSLTMAVFSATFATLIGSL
TAVALYRYRFRGKPFVSGMLFVVMMSPDIVMAISLLVLFMLLGIQLGFWSLLFSHITFCLPFVVVTVYSRLKGFDVRMLE
AAKDLGASEFTILRKIILPLAMPAVAAGWVLSFTLSMDDVVVSSFVTGPSYEILPLKIYSMVKVGVSPEVNALATILLVL
SLVMVIASQLIARDKTKGNTGDVK
;
C
4 'polypeptide(L)'
;MKKWSRHLLAAGALALGMSAAHADDNNTLYFYNWTEYVPPGLLEQFTKETGIKVIYSTYESNETMYAKLKTYKDGAYDLV
VPSTYYVDKMRKEGMIQKIDKSKLTNFSNLDPDMLNKPFDPNNDYSIPYIWGATAIGVNGDAVDPKSVTSWADLWKPEYK
GSLLLTDDAREVFQMALRKLGYSGNTTDPKEIEAAYNELKKLMPNVAAFNSDNPANPYMEGEVNLGMIWNGSAFVARQAG
TPIDVVWPKEGGIFWMDSLAIPANAKNKEGALKLINFLLRPDVAKQVAETIGYPTPNLAARKLLSPEVANDKTLYPDAET
IKNGEWQNDVGAASSIYEEYYQKLKAGR
;
E
#
# COMPACT_ATOMS: atom_id res chain seq x y z
N PRO A 16 33.97 15.10 -29.23
CA PRO A 16 33.42 15.45 -27.93
C PRO A 16 31.95 15.08 -27.80
N LEU A 17 31.68 13.91 -27.21
CA LEU A 17 30.31 13.44 -27.10
C LEU A 17 29.52 14.22 -26.06
N VAL A 18 30.08 14.47 -24.89
CA VAL A 18 29.36 15.14 -23.81
C VAL A 18 30.23 16.26 -23.26
N GLN A 19 29.62 17.43 -23.06
CA GLN A 19 30.30 18.60 -22.52
C GLN A 19 29.47 19.16 -21.37
N LEU A 20 30.10 19.34 -20.22
CA LEU A 20 29.49 19.97 -19.07
C LEU A 20 30.24 21.25 -18.77
N ALA A 21 29.57 22.39 -18.88
CA ALA A 21 30.21 23.69 -18.69
C ALA A 21 29.43 24.51 -17.68
N GLY A 22 30.06 24.84 -16.56
CA GLY A 22 29.44 25.70 -15.57
C GLY A 22 28.29 25.08 -14.82
N ILE A 23 28.23 23.74 -14.79
CA ILE A 23 27.14 23.06 -14.11
C ILE A 23 27.30 23.21 -12.60
N ARG A 24 26.22 23.60 -11.94
CA ARG A 24 26.24 23.89 -10.50
C ARG A 24 24.98 23.35 -9.88
N LYS A 25 25.11 22.71 -8.72
CA LYS A 25 23.95 22.06 -8.12
C LYS A 25 24.04 22.21 -6.60
N CYS A 26 22.90 22.54 -5.99
CA CYS A 26 22.80 22.70 -4.55
C CYS A 26 21.60 21.92 -4.05
N PHE A 27 21.74 21.31 -2.87
CA PHE A 27 20.67 20.55 -2.24
C PHE A 27 20.23 21.28 -0.98
N ASP A 28 19.01 21.81 -0.99
CA ASP A 28 18.41 22.45 0.18
C ASP A 28 19.30 23.56 0.74
N GLY A 29 19.96 24.29 -0.16
CA GLY A 29 20.73 25.44 0.24
C GLY A 29 22.18 25.19 0.57
N LYS A 30 22.68 23.96 0.41
CA LYS A 30 24.09 23.69 0.60
C LYS A 30 24.68 23.16 -0.69
N GLU A 31 25.96 23.47 -0.91
CA GLU A 31 26.62 23.22 -2.18
C GLU A 31 27.23 21.83 -2.23
N VAL A 32 27.00 21.13 -3.34
CA VAL A 32 27.63 19.85 -3.62
C VAL A 32 28.52 19.93 -4.85
N ILE A 33 28.07 20.58 -5.91
CA ILE A 33 28.91 20.85 -7.08
C ILE A 33 28.91 22.36 -7.32
N PRO A 34 29.94 23.08 -6.87
CA PRO A 34 29.97 24.53 -7.13
C PRO A 34 30.31 24.89 -8.57
N GLN A 35 31.35 24.29 -9.13
CA GLN A 35 31.75 24.53 -10.51
C GLN A 35 32.26 23.22 -11.07
N LEU A 36 31.98 22.95 -12.34
CA LEU A 36 32.41 21.70 -12.95
C LEU A 36 32.50 21.86 -14.46
N ASP A 37 33.71 21.71 -14.99
CA ASP A 37 33.93 21.66 -16.45
C ASP A 37 34.46 20.29 -16.79
N LEU A 38 33.77 19.58 -17.68
CA LEU A 38 34.15 18.22 -18.03
C LEU A 38 33.84 17.93 -19.49
N THR A 39 34.68 17.12 -20.13
CA THR A 39 34.48 16.68 -21.50
C THR A 39 34.67 15.18 -21.61
N ILE A 40 33.73 14.53 -22.31
CA ILE A 40 33.78 13.08 -22.57
C ILE A 40 33.72 12.86 -24.07
N ASN A 41 34.67 12.09 -24.59
CA ASN A 41 34.79 11.82 -26.02
C ASN A 41 34.22 10.44 -26.34
N ASN A 42 34.37 10.05 -27.60
CA ASN A 42 33.91 8.74 -28.05
C ASN A 42 35.00 7.70 -27.80
N GLY A 43 34.57 6.47 -27.53
CA GLY A 43 35.51 5.38 -27.35
C GLY A 43 36.48 5.58 -26.21
N GLU A 44 35.99 6.12 -25.09
CA GLU A 44 36.83 6.44 -23.94
C GLU A 44 36.32 5.71 -22.71
N PHE A 45 37.25 5.25 -21.88
CA PHE A 45 36.94 4.64 -20.59
C PHE A 45 37.37 5.61 -19.50
N LEU A 46 36.40 6.22 -18.83
CA LEU A 46 36.63 7.26 -17.84
C LEU A 46 36.16 6.76 -16.49
N THR A 47 37.03 6.82 -15.49
CA THR A 47 36.69 6.42 -14.13
C THR A 47 36.69 7.63 -13.22
N LEU A 48 35.80 7.64 -12.23
CA LEU A 48 35.70 8.71 -11.25
C LEU A 48 35.98 8.16 -9.86
N LEU A 49 36.89 8.81 -9.14
CA LEU A 49 37.26 8.39 -7.80
C LEU A 49 37.15 9.59 -6.86
N GLY A 50 36.87 9.31 -5.59
CA GLY A 50 36.59 10.36 -4.63
C GLY A 50 36.60 9.92 -3.19
N PRO A 51 36.57 10.89 -2.26
CA PRO A 51 36.66 10.59 -0.83
C PRO A 51 35.33 10.33 -0.14
N SER A 52 34.51 9.44 -0.73
CA SER A 52 33.34 8.87 -0.07
C SER A 52 32.37 9.95 0.41
N GLY A 53 31.78 10.65 -0.54
CA GLY A 53 30.74 11.60 -0.19
C GLY A 53 30.92 13.00 -0.75
N CYS A 54 31.78 13.15 -1.76
CA CYS A 54 31.99 14.47 -2.35
C CYS A 54 30.90 14.79 -3.36
N GLY A 55 30.92 14.10 -4.50
CA GLY A 55 29.74 13.91 -5.32
C GLY A 55 30.11 13.07 -6.51
N LYS A 56 29.45 11.93 -6.67
CA LYS A 56 29.67 11.06 -7.83
C LYS A 56 28.39 10.50 -8.42
N THR A 57 27.36 10.25 -7.61
CA THR A 57 26.06 9.85 -8.15
C THR A 57 25.27 11.05 -8.61
N THR A 58 25.49 12.21 -7.97
CA THR A 58 24.83 13.43 -8.40
C THR A 58 25.24 13.80 -9.82
N VAL A 59 26.52 13.65 -10.15
CA VAL A 59 26.99 13.95 -11.50
C VAL A 59 26.37 12.99 -12.51
N LEU A 60 26.33 11.71 -12.17
CA LEU A 60 25.75 10.72 -13.09
C LEU A 60 24.27 10.97 -13.31
N ARG A 61 23.54 11.32 -12.26
CA ARG A 61 22.12 11.61 -12.42
C ARG A 61 21.89 12.92 -13.19
N LEU A 62 22.78 13.90 -13.03
CA LEU A 62 22.67 15.12 -13.82
C LEU A 62 22.92 14.83 -15.30
N ILE A 63 23.88 13.97 -15.61
CA ILE A 63 24.16 13.62 -16.99
C ILE A 63 22.95 12.93 -17.62
N ALA A 64 22.34 12.01 -16.89
CA ALA A 64 21.12 11.37 -17.35
C ALA A 64 19.93 12.30 -17.15
N GLY A 65 18.75 11.77 -17.41
CA GLY A 65 17.55 12.60 -17.41
C GLY A 65 16.96 12.89 -16.06
N LEU A 66 17.66 12.54 -14.98
CA LEU A 66 17.18 12.76 -13.63
C LEU A 66 17.42 14.21 -13.25
N GLU A 67 17.34 14.52 -11.95
CA GLU A 67 17.31 15.88 -11.41
C GLU A 67 18.15 16.90 -12.18
N THR A 68 17.55 18.07 -12.44
CA THR A 68 18.10 19.07 -13.34
C THR A 68 19.18 19.91 -12.67
N VAL A 69 19.69 20.89 -13.41
CA VAL A 69 20.84 21.69 -13.00
C VAL A 69 20.40 23.11 -12.71
N ASP A 70 20.93 23.67 -11.62
CA ASP A 70 20.59 25.03 -11.23
C ASP A 70 21.09 26.05 -12.25
N SER A 71 22.35 25.94 -12.66
CA SER A 71 22.92 26.86 -13.64
C SER A 71 24.04 26.15 -14.39
N GLY A 72 24.15 26.42 -15.68
CA GLY A 72 25.17 25.82 -16.52
C GLY A 72 24.60 25.30 -17.81
N ARG A 73 25.41 24.49 -18.50
CA ARG A 73 25.04 23.94 -19.79
C ARG A 73 25.55 22.52 -19.96
N ILE A 74 24.68 21.66 -20.49
CA ILE A 74 25.01 20.30 -20.87
C ILE A 74 24.80 20.17 -22.38
N MET A 75 25.82 19.70 -23.08
CA MET A 75 25.77 19.57 -24.54
C MET A 75 26.11 18.14 -24.92
N LEU A 76 25.28 17.55 -25.78
CA LEU A 76 25.54 16.21 -26.32
C LEU A 76 25.47 16.30 -27.83
N ASP A 77 26.55 15.88 -28.49
CA ASP A 77 26.67 15.97 -29.95
C ASP A 77 26.39 17.38 -30.44
N ASN A 78 26.97 18.37 -29.76
CA ASN A 78 26.80 19.79 -30.09
C ASN A 78 25.33 20.20 -30.11
N GLU A 79 24.54 19.66 -29.19
CA GLU A 79 23.14 20.00 -29.06
C GLU A 79 22.82 20.28 -27.60
N ASP A 80 22.01 21.32 -27.38
CA ASP A 80 21.65 21.72 -26.02
C ASP A 80 20.57 20.77 -25.52
N ILE A 81 20.86 20.07 -24.43
CA ILE A 81 19.96 19.07 -23.86
C ILE A 81 19.67 19.35 -22.39
N THR A 82 20.02 20.55 -21.91
CA THR A 82 19.93 20.81 -20.48
C THR A 82 18.50 20.78 -19.96
N HIS A 83 17.52 20.91 -20.84
CA HIS A 83 16.12 20.94 -20.44
C HIS A 83 15.32 19.86 -21.15
N VAL A 84 15.99 18.80 -21.58
CA VAL A 84 15.29 17.65 -22.14
C VAL A 84 15.20 16.60 -21.05
N PRO A 85 14.07 15.94 -20.92
CA PRO A 85 13.91 14.99 -19.81
C PRO A 85 14.59 13.66 -20.08
N ALA A 86 14.35 12.69 -19.22
CA ALA A 86 14.71 11.31 -19.54
C ALA A 86 13.82 10.84 -20.67
N GLU A 87 13.90 9.55 -21.03
CA GLU A 87 13.15 8.90 -22.11
C GLU A 87 13.35 9.60 -23.45
N ASN A 88 14.23 10.60 -23.49
CA ASN A 88 14.60 11.26 -24.73
C ASN A 88 16.10 11.36 -24.91
N ARG A 89 16.90 10.94 -23.94
CA ARG A 89 18.34 10.87 -24.07
C ARG A 89 18.77 9.43 -24.28
N TYR A 90 19.77 9.24 -25.14
CA TYR A 90 20.26 7.91 -25.49
C TYR A 90 21.40 7.49 -24.56
N VAL A 91 21.09 7.45 -23.27
CA VAL A 91 22.02 7.06 -22.23
C VAL A 91 21.38 6.00 -21.36
N ASN A 92 22.20 5.17 -20.72
CA ASN A 92 21.68 4.15 -19.82
C ASN A 92 22.51 4.12 -18.54
N THR A 93 21.91 3.60 -17.47
CA THR A 93 22.51 3.66 -16.15
C THR A 93 22.37 2.33 -15.41
N VAL A 94 23.38 2.03 -14.59
CA VAL A 94 23.37 0.92 -13.65
C VAL A 94 23.50 1.52 -12.25
N PHE A 95 22.47 1.33 -11.44
CA PHE A 95 22.32 1.97 -10.14
C PHE A 95 23.15 1.26 -9.06
N GLN A 96 23.15 1.86 -7.87
CA GLN A 96 23.85 1.28 -6.74
C GLN A 96 22.92 0.47 -5.85
N SER A 97 21.63 0.79 -5.84
CA SER A 97 20.66 0.12 -4.98
C SER A 97 19.92 -1.00 -5.71
N TYR A 98 20.35 -1.32 -6.93
CA TYR A 98 19.75 -2.40 -7.73
C TYR A 98 18.27 -2.13 -7.99
N ALA A 99 18.00 -1.09 -8.75
CA ALA A 99 16.62 -0.70 -9.01
C ALA A 99 15.96 -1.74 -9.89
N LEU A 100 15.28 -2.70 -9.27
CA LEU A 100 14.82 -3.91 -9.94
C LEU A 100 13.33 -4.05 -9.73
N PHE A 101 12.60 -4.33 -10.82
CA PHE A 101 11.15 -4.45 -10.73
C PHE A 101 10.79 -5.73 -9.99
N PRO A 102 10.04 -5.65 -8.89
CA PRO A 102 9.83 -6.84 -8.06
C PRO A 102 8.72 -7.77 -8.51
N HIS A 103 7.88 -7.37 -9.47
CA HIS A 103 6.75 -8.17 -9.89
C HIS A 103 6.96 -8.86 -11.22
N MET A 104 8.19 -8.88 -11.73
CA MET A 104 8.50 -9.48 -13.01
C MET A 104 9.60 -10.52 -12.83
N THR A 105 9.69 -11.44 -13.79
CA THR A 105 10.77 -12.40 -13.81
C THR A 105 12.05 -11.70 -14.25
N VAL A 106 13.13 -12.47 -14.35
CA VAL A 106 14.36 -11.91 -14.92
C VAL A 106 14.15 -11.57 -16.38
N PHE A 107 13.40 -12.41 -17.10
CA PHE A 107 13.23 -12.21 -18.53
C PHE A 107 12.52 -10.90 -18.83
N GLU A 108 11.43 -10.61 -18.12
CA GLU A 108 10.71 -9.37 -18.37
C GLU A 108 11.56 -8.16 -17.99
N ASN A 109 12.32 -8.26 -16.90
CA ASN A 109 13.20 -7.17 -16.51
C ASN A 109 14.18 -6.87 -17.62
N VAL A 110 14.78 -7.90 -18.20
CA VAL A 110 15.76 -7.69 -19.26
C VAL A 110 15.09 -7.16 -20.53
N ALA A 111 13.89 -7.65 -20.83
CA ALA A 111 13.25 -7.29 -22.09
C ALA A 111 12.44 -5.99 -22.02
N PHE A 112 12.35 -5.36 -20.86
CA PHE A 112 11.61 -4.10 -20.75
C PHE A 112 12.15 -3.05 -21.71
N GLY A 113 13.46 -2.86 -21.73
CA GLY A 113 14.05 -1.85 -22.59
C GLY A 113 13.85 -2.14 -24.06
N LEU A 114 14.00 -3.41 -24.46
CA LEU A 114 13.74 -3.77 -25.84
C LEU A 114 12.30 -3.52 -26.23
N ARG A 115 11.35 -3.89 -25.36
CA ARG A 115 9.95 -3.72 -25.69
C ARG A 115 9.59 -2.26 -25.87
N MET A 116 10.12 -1.36 -25.03
CA MET A 116 9.61 0.00 -25.15
C MET A 116 10.16 0.77 -26.36
N GLN A 117 11.14 0.23 -27.09
CA GLN A 117 11.58 0.86 -28.32
C GLN A 117 11.02 0.15 -29.55
N LYS A 118 9.91 -0.55 -29.39
CA LYS A 118 9.20 -1.21 -30.49
C LYS A 118 10.11 -2.17 -31.24
N THR A 119 10.92 -2.92 -30.50
CA THR A 119 11.70 -3.96 -31.11
C THR A 119 10.78 -5.06 -31.64
N PRO A 120 11.01 -5.53 -32.86
CA PRO A 120 10.16 -6.61 -33.39
C PRO A 120 10.22 -7.85 -32.53
N ALA A 121 9.11 -8.57 -32.47
CA ALA A 121 8.95 -9.68 -31.53
C ALA A 121 9.81 -10.89 -31.86
N ALA A 122 10.47 -10.90 -33.02
CA ALA A 122 11.27 -12.06 -33.41
C ALA A 122 12.56 -12.14 -32.59
N GLU A 123 13.25 -11.02 -32.42
CA GLU A 123 14.57 -11.08 -31.79
C GLU A 123 14.57 -10.66 -30.32
N ILE A 124 13.41 -10.60 -29.66
CA ILE A 124 13.41 -10.30 -28.24
C ILE A 124 14.11 -11.42 -27.46
N THR A 125 13.79 -12.67 -27.78
CA THR A 125 14.33 -13.77 -26.98
C THR A 125 15.81 -14.03 -27.26
N PRO A 126 16.28 -14.12 -28.50
CA PRO A 126 17.73 -14.36 -28.69
C PRO A 126 18.63 -13.31 -28.07
N ARG A 127 18.27 -12.03 -28.15
CA ARG A 127 19.12 -10.99 -27.55
C ARG A 127 19.12 -11.08 -26.03
N VAL A 128 17.95 -11.32 -25.44
CA VAL A 128 17.87 -11.45 -23.98
C VAL A 128 18.69 -12.64 -23.51
N MET A 129 18.60 -13.77 -24.23
CA MET A 129 19.37 -14.93 -23.83
C MET A 129 20.87 -14.73 -24.08
N GLU A 130 21.24 -13.94 -25.08
CA GLU A 130 22.65 -13.60 -25.25
C GLU A 130 23.16 -12.82 -24.04
N ALA A 131 22.41 -11.80 -23.61
CA ALA A 131 22.83 -11.03 -22.44
C ALA A 131 22.88 -11.91 -21.20
N LEU A 132 21.90 -12.79 -21.03
CA LEU A 132 21.91 -13.68 -19.88
C LEU A 132 23.09 -14.64 -19.90
N ARG A 133 23.48 -15.13 -21.09
CA ARG A 133 24.68 -15.96 -21.18
C ARG A 133 25.93 -15.16 -20.85
N MET A 134 25.94 -13.87 -21.20
CA MET A 134 27.11 -13.04 -20.91
C MET A 134 27.36 -12.91 -19.42
N VAL A 135 26.31 -12.86 -18.60
CA VAL A 135 26.43 -12.65 -17.18
C VAL A 135 26.31 -13.96 -16.40
N GLN A 136 26.34 -15.10 -17.08
CA GLN A 136 26.26 -16.43 -16.46
C GLN A 136 24.99 -16.59 -15.62
N LEU A 137 23.85 -16.25 -16.20
CA LEU A 137 22.56 -16.41 -15.52
C LEU A 137 21.51 -16.93 -16.50
N GLU A 138 21.91 -17.81 -17.42
CA GLU A 138 20.95 -18.28 -18.40
C GLU A 138 19.92 -19.22 -17.80
N THR A 139 20.24 -19.83 -16.65
CA THR A 139 19.34 -20.81 -16.05
C THR A 139 18.32 -20.20 -15.09
N PHE A 140 18.46 -18.92 -14.76
CA PHE A 140 17.58 -18.26 -13.80
C PHE A 140 16.55 -17.37 -14.50
N ALA A 141 16.14 -17.75 -15.71
CA ALA A 141 15.33 -16.85 -16.52
C ALA A 141 13.96 -16.60 -15.89
N GLN A 142 13.36 -17.61 -15.29
CA GLN A 142 11.97 -17.55 -14.83
C GLN A 142 11.87 -17.44 -13.32
N ARG A 143 12.77 -16.70 -12.67
CA ARG A 143 12.79 -16.58 -11.23
C ARG A 143 12.63 -15.12 -10.83
N LYS A 144 11.85 -14.88 -9.79
CA LYS A 144 11.56 -13.52 -9.34
C LYS A 144 12.77 -12.94 -8.61
N PRO A 145 12.86 -11.60 -8.54
CA PRO A 145 14.02 -10.99 -7.88
C PRO A 145 14.16 -11.33 -6.40
N HIS A 146 13.05 -11.54 -5.70
CA HIS A 146 13.13 -11.89 -4.28
C HIS A 146 13.52 -13.34 -4.05
N GLN A 147 13.73 -14.12 -5.12
CA GLN A 147 14.28 -15.47 -5.01
C GLN A 147 15.76 -15.52 -5.31
N LEU A 148 16.40 -14.38 -5.54
CA LEU A 148 17.81 -14.31 -5.87
C LEU A 148 18.60 -13.62 -4.75
N SER A 149 19.91 -13.63 -4.90
CA SER A 149 20.84 -13.06 -3.94
C SER A 149 21.52 -11.82 -4.52
N GLY A 150 22.46 -11.25 -3.76
CA GLY A 150 22.99 -9.94 -4.11
C GLY A 150 23.74 -9.91 -5.41
N GLY A 151 24.68 -10.84 -5.58
CA GLY A 151 25.44 -10.88 -6.83
C GLY A 151 24.55 -11.13 -8.02
N GLN A 152 23.57 -12.01 -7.86
CA GLN A 152 22.65 -12.32 -8.95
C GLN A 152 21.80 -11.11 -9.31
N GLN A 153 21.31 -10.38 -8.32
CA GLN A 153 20.54 -9.16 -8.59
C GLN A 153 21.40 -8.15 -9.34
N GLN A 154 22.65 -7.98 -8.91
CA GLN A 154 23.52 -7.01 -9.56
C GLN A 154 23.80 -7.40 -11.01
N ARG A 155 24.02 -8.69 -11.26
CA ARG A 155 24.23 -9.15 -12.62
C ARG A 155 22.99 -8.95 -13.48
N VAL A 156 21.80 -9.14 -12.90
CA VAL A 156 20.57 -8.87 -13.63
C VAL A 156 20.49 -7.39 -14.01
N ALA A 157 20.90 -6.51 -13.10
CA ALA A 157 20.89 -5.08 -13.41
C ALA A 157 21.86 -4.74 -14.55
N ILE A 158 23.07 -5.31 -14.50
CA ILE A 158 24.03 -5.09 -15.59
C ILE A 158 23.45 -5.56 -16.91
N ALA A 159 22.85 -6.76 -16.92
CA ALA A 159 22.27 -7.29 -18.15
C ALA A 159 21.15 -6.40 -18.67
N ARG A 160 20.29 -5.90 -17.77
CA ARG A 160 19.21 -5.03 -18.21
C ARG A 160 19.74 -3.74 -18.82
N ALA A 161 20.85 -3.24 -18.30
CA ALA A 161 21.39 -1.99 -18.85
C ALA A 161 22.10 -2.22 -20.18
N VAL A 162 22.79 -3.36 -20.35
CA VAL A 162 23.63 -3.54 -21.54
C VAL A 162 22.93 -4.23 -22.70
N VAL A 163 21.66 -4.62 -22.55
CA VAL A 163 20.96 -5.25 -23.68
C VAL A 163 20.81 -4.27 -24.83
N ASN A 164 20.43 -3.03 -24.53
CA ASN A 164 20.31 -2.01 -25.56
C ASN A 164 21.70 -1.68 -26.12
N LYS A 165 21.75 -0.77 -27.07
CA LYS A 165 23.00 -0.34 -27.68
C LYS A 165 23.21 1.15 -27.41
N PRO A 166 23.30 1.55 -26.14
CA PRO A 166 23.39 2.98 -25.83
C PRO A 166 24.79 3.50 -26.12
N ARG A 167 24.88 4.75 -26.57
CA ARG A 167 26.19 5.33 -26.83
C ARG A 167 26.90 5.79 -25.56
N LEU A 168 26.16 5.98 -24.47
CA LEU A 168 26.76 6.41 -23.20
C LEU A 168 26.19 5.54 -22.10
N LEU A 169 27.05 4.77 -21.45
CA LEU A 169 26.66 3.88 -20.38
C LEU A 169 27.31 4.35 -19.08
N LEU A 170 26.49 4.67 -18.09
CA LEU A 170 26.94 5.11 -16.78
C LEU A 170 26.77 3.97 -15.79
N LEU A 171 27.86 3.52 -15.20
CA LEU A 171 27.84 2.44 -14.23
C LEU A 171 28.27 2.99 -12.88
N ASP A 172 27.48 2.72 -11.84
CA ASP A 172 27.82 3.22 -10.51
C ASP A 172 27.93 2.02 -9.57
N GLN A 173 29.15 1.59 -9.29
CA GLN A 173 29.43 0.43 -8.46
C GLN A 173 28.71 -0.80 -8.98
N SER A 174 29.05 -1.18 -10.20
CA SER A 174 28.40 -2.30 -10.86
C SER A 174 29.07 -3.64 -10.59
N LEU A 175 30.26 -3.65 -10.00
CA LEU A 175 30.98 -4.90 -9.74
C LEU A 175 31.45 -4.97 -8.30
N SER A 176 30.57 -4.73 -7.33
CA SER A 176 31.00 -4.74 -5.95
C SER A 176 30.62 -6.03 -5.22
N ALA A 177 29.53 -6.66 -5.61
CA ALA A 177 29.02 -7.83 -4.92
C ALA A 177 29.42 -9.15 -5.55
N LEU A 178 30.41 -9.15 -6.43
CA LEU A 178 30.90 -10.36 -7.06
C LEU A 178 32.26 -10.75 -6.49
N ASP A 179 32.60 -12.03 -6.62
CA ASP A 179 33.89 -12.53 -6.17
C ASP A 179 34.97 -12.22 -7.22
N TYR A 180 36.22 -12.36 -6.80
CA TYR A 180 37.35 -11.86 -7.61
C TYR A 180 37.41 -12.55 -8.97
N LYS A 181 37.31 -13.88 -8.98
CA LYS A 181 37.41 -14.62 -10.23
C LYS A 181 36.31 -14.23 -11.21
N LEU A 182 35.10 -13.99 -10.72
CA LEU A 182 34.03 -13.56 -11.60
C LEU A 182 34.16 -12.09 -11.99
N ARG A 183 34.73 -11.26 -11.11
CA ARG A 183 34.94 -9.86 -11.46
C ARG A 183 35.92 -9.73 -12.62
N LYS A 184 36.94 -10.58 -12.67
CA LYS A 184 37.84 -10.52 -13.81
C LYS A 184 37.11 -10.82 -15.11
N GLN A 185 36.24 -11.83 -15.10
CA GLN A 185 35.49 -12.16 -16.31
C GLN A 185 34.58 -11.02 -16.73
N MET A 186 33.93 -10.35 -15.77
CA MET A 186 33.07 -9.23 -16.15
C MET A 186 33.87 -8.03 -16.66
N GLN A 187 35.04 -7.78 -16.07
CA GLN A 187 35.89 -6.72 -16.60
C GLN A 187 36.24 -7.00 -18.06
N ASN A 188 36.63 -8.24 -18.34
CA ASN A 188 36.99 -8.57 -19.73
C ASN A 188 35.78 -8.49 -20.65
N GLU A 189 34.60 -8.89 -20.16
CA GLU A 189 33.40 -8.79 -20.98
C GLU A 189 33.11 -7.34 -21.35
N LEU A 190 33.13 -6.44 -20.38
CA LEU A 190 32.85 -5.04 -20.67
C LEU A 190 33.90 -4.45 -21.60
N LYS A 191 35.17 -4.80 -21.38
CA LYS A 191 36.22 -4.30 -22.25
C LYS A 191 36.03 -4.76 -23.69
N ALA A 192 35.66 -6.03 -23.87
CA ALA A 192 35.42 -6.55 -25.21
C ALA A 192 34.23 -5.86 -25.87
N LEU A 193 33.16 -5.63 -25.10
CA LEU A 193 32.01 -4.93 -25.67
C LEU A 193 32.39 -3.54 -26.13
N GLN A 194 33.16 -2.82 -25.31
CA GLN A 194 33.61 -1.48 -25.67
C GLN A 194 34.48 -1.51 -26.92
N ARG A 195 35.38 -2.48 -27.02
CA ARG A 195 36.26 -2.54 -28.17
C ARG A 195 35.49 -2.85 -29.45
N LYS A 196 34.55 -3.79 -29.40
CA LYS A 196 33.86 -4.21 -30.61
C LYS A 196 32.83 -3.17 -31.07
N LEU A 197 32.07 -2.59 -30.14
CA LEU A 197 30.95 -1.75 -30.57
C LEU A 197 31.33 -0.28 -30.71
N GLY A 198 31.75 0.35 -29.63
CA GLY A 198 31.99 1.78 -29.60
C GLY A 198 31.24 2.55 -28.53
N ILE A 199 30.81 1.89 -27.45
CA ILE A 199 30.12 2.56 -26.37
C ILE A 199 31.10 3.35 -25.53
N THR A 200 30.71 4.54 -25.11
CA THR A 200 31.45 5.32 -24.13
C THR A 200 30.98 4.95 -22.73
N PHE A 201 31.93 4.88 -21.80
CA PHE A 201 31.67 4.42 -20.44
C PHE A 201 32.00 5.52 -19.45
N VAL A 202 31.17 5.66 -18.42
CA VAL A 202 31.48 6.46 -17.25
C VAL A 202 31.32 5.55 -16.03
N PHE A 203 32.45 5.17 -15.43
CA PHE A 203 32.51 4.10 -14.45
C PHE A 203 32.84 4.71 -13.09
N VAL A 204 32.05 4.40 -12.08
CA VAL A 204 32.25 4.89 -10.72
C VAL A 204 32.62 3.72 -9.84
N THR A 205 33.76 3.82 -9.16
CA THR A 205 34.24 2.72 -8.34
C THR A 205 35.04 3.25 -7.18
N HIS A 206 35.38 2.35 -6.27
CA HIS A 206 36.27 2.64 -5.16
C HIS A 206 37.46 1.69 -5.09
N ASP A 207 37.44 0.60 -5.83
CA ASP A 207 38.58 -0.32 -5.92
C ASP A 207 39.61 0.29 -6.87
N GLN A 208 40.74 0.70 -6.33
CA GLN A 208 41.66 1.51 -7.10
C GLN A 208 42.47 0.68 -8.11
N GLU A 209 42.78 -0.57 -7.78
CA GLU A 209 43.54 -1.40 -8.71
C GLU A 209 42.72 -1.68 -9.96
N GLU A 210 41.43 -1.95 -9.81
CA GLU A 210 40.56 -2.16 -10.96
C GLU A 210 40.47 -0.89 -11.80
N ALA A 211 40.44 0.27 -11.16
CA ALA A 211 40.44 1.52 -11.89
C ALA A 211 41.72 1.69 -12.69
N LEU A 212 42.87 1.45 -12.05
CA LEU A 212 44.14 1.65 -12.75
C LEU A 212 44.34 0.65 -13.88
N THR A 213 43.85 -0.59 -13.76
CA THR A 213 44.11 -1.58 -14.82
C THR A 213 43.26 -1.36 -15.97
N MET A 214 41.99 -1.27 -15.69
CA MET A 214 40.97 -1.11 -16.68
C MET A 214 40.73 0.18 -17.42
N SER A 215 41.30 1.33 -17.09
CA SER A 215 40.89 2.52 -17.80
C SER A 215 41.81 3.51 -18.32
N ASP A 216 41.35 4.35 -19.23
CA ASP A 216 42.22 5.38 -19.84
C ASP A 216 42.16 6.90 -19.56
N ARG A 217 41.46 7.30 -18.52
CA ARG A 217 41.45 8.62 -17.96
C ARG A 217 40.89 8.37 -16.56
N ILE A 218 41.38 9.01 -15.51
CA ILE A 218 40.85 8.80 -14.22
C ILE A 218 40.71 10.17 -13.68
N VAL A 219 39.57 10.53 -13.15
CA VAL A 219 39.28 11.85 -12.61
C VAL A 219 39.01 11.70 -11.12
N VAL A 220 39.79 12.43 -10.31
CA VAL A 220 39.68 12.40 -8.87
C VAL A 220 38.99 13.67 -8.41
N MET A 221 38.08 13.54 -7.46
CA MET A 221 37.25 14.66 -7.01
C MET A 221 37.44 14.90 -5.53
N ARG A 222 37.08 16.11 -5.10
CA ARG A 222 37.02 16.44 -3.68
C ARG A 222 36.05 17.60 -3.50
N ASP A 223 34.91 17.32 -2.85
CA ASP A 223 33.81 18.28 -2.68
C ASP A 223 33.49 19.04 -3.97
N GLY A 224 33.29 18.32 -5.05
CA GLY A 224 32.91 18.94 -6.30
C GLY A 224 34.04 19.58 -7.07
N ARG A 225 35.27 19.55 -6.53
CA ARG A 225 36.43 20.10 -7.21
C ARG A 225 37.16 18.96 -7.92
N ILE A 226 37.55 19.20 -9.17
CA ILE A 226 38.35 18.25 -9.94
C ILE A 226 39.79 18.44 -9.49
N GLU A 227 40.35 17.48 -8.73
CA GLU A 227 41.68 17.66 -8.18
C GLU A 227 42.80 17.24 -9.13
N GLN A 228 42.55 16.27 -10.01
CA GLN A 228 43.56 15.82 -10.94
C GLN A 228 42.89 15.00 -12.01
N ASP A 229 43.28 15.20 -13.27
CA ASP A 229 42.71 14.49 -14.40
C ASP A 229 43.89 14.03 -15.25
N GLY A 230 43.98 12.74 -15.50
CA GLY A 230 45.10 12.24 -16.30
C GLY A 230 45.00 10.74 -16.49
N THR A 231 45.88 10.26 -17.36
CA THR A 231 45.93 8.86 -17.75
C THR A 231 46.33 8.03 -16.53
N PRO A 232 45.96 6.74 -16.46
CA PRO A 232 46.11 6.01 -15.20
C PRO A 232 47.54 5.85 -14.72
N ARG A 233 48.52 6.40 -15.40
CA ARG A 233 49.90 6.31 -14.97
C ARG A 233 50.39 7.56 -14.25
N GLU A 234 49.94 8.75 -14.66
CA GLU A 234 50.33 9.96 -13.94
C GLU A 234 49.65 10.04 -12.58
N ILE A 235 48.52 9.34 -12.41
CA ILE A 235 47.86 9.31 -11.12
C ILE A 235 48.74 8.64 -10.07
N TYR A 236 49.49 7.63 -10.49
CA TYR A 236 50.36 6.90 -9.57
C TYR A 236 51.79 7.42 -9.61
N GLU A 237 52.34 7.65 -10.79
CA GLU A 237 53.75 7.99 -10.90
C GLU A 237 54.04 9.43 -10.48
N GLU A 238 53.20 10.39 -10.91
CA GLU A 238 53.45 11.81 -10.67
C GLU A 238 52.23 12.50 -10.07
N PRO A 239 52.06 12.47 -8.76
CA PRO A 239 50.97 13.23 -8.13
C PRO A 239 51.17 14.71 -8.30
N LYS A 240 50.06 15.46 -8.24
CA LYS A 240 50.11 16.90 -8.48
C LYS A 240 49.85 17.72 -7.21
N ASN A 241 48.98 17.27 -6.32
CA ASN A 241 48.82 17.87 -5.00
C ASN A 241 49.21 16.83 -3.95
N LEU A 242 49.19 17.26 -2.69
CA LEU A 242 49.45 16.37 -1.57
C LEU A 242 48.27 15.44 -1.28
N PHE A 243 47.06 15.83 -1.68
CA PHE A 243 45.90 14.98 -1.41
C PHE A 243 45.83 13.83 -2.39
N VAL A 244 46.25 14.05 -3.64
CA VAL A 244 46.15 13.02 -4.67
C VAL A 244 47.32 12.06 -4.55
N ALA A 245 48.23 12.38 -3.62
CA ALA A 245 49.37 11.51 -3.33
C ALA A 245 49.13 10.60 -2.14
N GLY A 246 48.34 11.04 -1.17
CA GLY A 246 48.06 10.23 0.00
C GLY A 246 46.73 9.52 -0.09
N PHE A 247 46.10 9.56 -1.25
CA PHE A 247 44.81 8.92 -1.49
C PHE A 247 44.90 7.72 -2.41
N ILE A 248 45.80 7.73 -3.39
CA ILE A 248 45.84 6.65 -4.37
C ILE A 248 46.37 5.37 -3.76
N GLY A 249 47.38 5.44 -2.93
CA GLY A 249 47.92 4.27 -2.27
C GLY A 249 48.65 4.64 -1.02
N GLU A 250 49.46 3.70 -0.53
CA GLU A 250 50.31 3.94 0.63
C GLU A 250 51.51 4.76 0.19
N ILE A 251 51.87 5.76 1.00
CA ILE A 251 52.96 6.66 0.68
C ILE A 251 53.49 7.21 2.00
N ASN A 252 54.80 7.46 2.06
CA ASN A 252 55.36 8.03 3.27
C ASN A 252 56.07 9.34 2.96
N MET A 253 55.69 10.39 3.68
CA MET A 253 56.06 11.76 3.37
C MET A 253 57.23 12.18 4.23
N PHE A 254 58.24 12.76 3.61
CA PHE A 254 59.44 13.22 4.28
C PHE A 254 59.57 14.73 4.12
N ASN A 255 60.03 15.40 5.17
CA ASN A 255 60.24 16.84 5.14
C ASN A 255 61.69 17.14 4.83
N ALA A 256 61.92 18.03 3.86
CA ALA A 256 63.27 18.36 3.43
C ALA A 256 63.49 19.86 3.43
N THR A 257 64.74 20.25 3.68
CA THR A 257 65.17 21.63 3.61
C THR A 257 66.29 21.75 2.59
N VAL A 258 66.07 22.55 1.56
CA VAL A 258 67.05 22.70 0.49
C VAL A 258 68.28 23.39 1.04
N ILE A 259 69.46 22.95 0.61
CA ILE A 259 70.73 23.52 1.04
C ILE A 259 71.43 24.25 -0.10
N GLU A 260 71.80 23.51 -1.14
CA GLU A 260 72.60 24.08 -2.22
C GLU A 260 72.11 23.56 -3.55
N ARG A 261 72.12 24.44 -4.55
CA ARG A 261 71.67 24.11 -5.90
C ARG A 261 72.87 23.54 -6.64
N LEU A 262 72.92 22.21 -6.74
CA LEU A 262 74.08 21.54 -7.33
C LEU A 262 74.09 21.71 -8.84
N ASP A 263 73.07 21.17 -9.51
CA ASP A 263 72.99 21.19 -10.96
C ASP A 263 71.61 21.72 -11.37
N GLU A 264 71.33 21.65 -12.67
CA GLU A 264 70.02 22.07 -13.16
C GLU A 264 68.96 20.99 -12.96
N GLN A 265 69.34 19.80 -12.50
CA GLN A 265 68.38 18.75 -12.18
C GLN A 265 68.72 18.04 -10.87
N ARG A 266 69.74 18.51 -10.15
CA ARG A 266 70.18 17.92 -8.90
C ARG A 266 70.22 18.99 -7.82
N VAL A 267 69.68 18.67 -6.64
CA VAL A 267 69.67 19.59 -5.51
C VAL A 267 70.08 18.85 -4.25
N ARG A 268 70.90 19.50 -3.44
CA ARG A 268 71.28 18.98 -2.13
C ARG A 268 70.26 19.44 -1.10
N ALA A 269 69.82 18.50 -0.25
CA ALA A 269 68.83 18.85 0.75
C ALA A 269 69.04 18.01 2.01
N ASN A 270 68.73 18.63 3.15
CA ASN A 270 68.75 17.97 4.44
C ASN A 270 67.35 17.45 4.71
N VAL A 271 67.19 16.13 4.68
CA VAL A 271 65.88 15.48 4.79
C VAL A 271 65.98 14.45 5.89
N GLU A 272 64.99 14.47 6.80
CA GLU A 272 65.05 13.78 8.10
C GLU A 272 66.44 13.84 8.73
N GLY A 273 67.10 14.98 8.61
CA GLY A 273 68.36 15.19 9.30
C GLY A 273 69.59 14.66 8.60
N ARG A 274 69.44 14.04 7.43
CA ARG A 274 70.57 13.56 6.64
C ARG A 274 70.65 14.35 5.35
N GLU A 275 71.85 14.75 4.95
CA GLU A 275 72.04 15.46 3.69
C GLU A 275 72.10 14.47 2.54
N CYS A 276 71.40 14.77 1.46
CA CYS A 276 71.31 13.84 0.34
C CYS A 276 71.01 14.62 -0.93
N ASN A 277 70.91 13.89 -2.04
CA ASN A 277 70.72 14.46 -3.36
C ASN A 277 69.38 14.05 -3.94
N ILE A 278 68.61 15.03 -4.42
CA ILE A 278 67.28 14.79 -4.94
C ILE A 278 67.16 15.47 -6.30
N TYR A 279 66.11 15.11 -7.04
CA TYR A 279 65.85 15.66 -8.38
C TYR A 279 64.70 16.65 -8.25
N VAL A 280 64.97 17.91 -8.58
CA VAL A 280 63.95 18.95 -8.58
C VAL A 280 63.96 19.62 -9.94
N ASN A 281 62.77 19.79 -10.52
CA ASN A 281 62.65 20.36 -11.86
C ASN A 281 61.85 21.65 -11.86
N PHE A 282 62.10 22.52 -10.88
CA PHE A 282 61.51 23.85 -10.86
C PHE A 282 62.43 24.76 -10.06
N ALA A 283 62.07 26.04 -10.00
CA ALA A 283 62.90 27.03 -9.34
C ALA A 283 62.95 26.76 -7.84
N VAL A 284 64.16 26.75 -7.30
CA VAL A 284 64.36 26.49 -5.89
C VAL A 284 65.47 27.35 -5.28
N GLU A 285 65.26 27.79 -4.05
CA GLU A 285 66.23 28.62 -3.35
C GLU A 285 66.43 28.13 -1.93
N PRO A 286 67.69 28.02 -1.48
CA PRO A 286 68.04 27.56 -0.14
C PRO A 286 67.23 28.28 0.94
N GLY A 287 66.24 27.59 1.50
CA GLY A 287 65.41 28.18 2.54
C GLY A 287 63.96 27.72 2.47
N GLN A 288 63.66 26.87 1.51
CA GLN A 288 62.30 26.37 1.35
C GLN A 288 62.14 25.01 2.02
N LYS A 289 60.90 24.71 2.39
CA LYS A 289 60.53 23.42 2.96
C LYS A 289 59.82 22.63 1.88
N LEU A 290 60.40 21.49 1.49
CA LEU A 290 59.87 20.68 0.40
C LEU A 290 59.37 19.35 0.95
N HIS A 291 58.46 18.74 0.21
CA HIS A 291 57.95 17.42 0.53
C HIS A 291 58.54 16.40 -0.43
N VAL A 292 59.14 15.35 0.14
CA VAL A 292 59.66 14.23 -0.63
C VAL A 292 58.71 13.06 -0.42
N LEU A 293 58.26 12.48 -1.53
CA LEU A 293 57.30 11.39 -1.51
C LEU A 293 57.95 10.12 -2.02
N LEU A 294 57.83 9.05 -1.24
CA LEU A 294 58.31 7.73 -1.61
C LEU A 294 57.22 6.71 -1.33
N ARG A 295 57.29 5.62 -2.04
CA ARG A 295 56.36 4.51 -1.97
C ARG A 295 56.93 3.40 -1.12
N PRO A 296 56.07 2.55 -0.54
CA PRO A 296 56.58 1.45 0.27
C PRO A 296 57.51 0.51 -0.47
N GLU A 297 57.26 0.26 -1.75
CA GLU A 297 58.01 -0.75 -2.48
C GLU A 297 59.25 -0.20 -3.15
N ASP A 298 59.58 1.06 -2.92
CA ASP A 298 60.79 1.66 -3.48
C ASP A 298 61.93 1.77 -2.48
N LEU A 299 61.72 1.37 -1.23
CA LEU A 299 62.73 1.48 -0.19
C LEU A 299 63.34 0.12 0.05
N ARG A 300 64.65 0.10 0.31
CA ARG A 300 65.37 -1.13 0.61
C ARG A 300 65.87 -1.09 2.05
N VAL A 301 65.95 -2.25 2.67
CA VAL A 301 66.37 -2.36 4.06
C VAL A 301 67.55 -3.32 4.14
N GLU A 302 68.52 -2.98 5.00
CA GLU A 302 69.73 -3.77 5.20
C GLU A 302 70.08 -3.85 6.67
N GLU A 303 70.57 -5.01 7.10
CA GLU A 303 70.96 -5.21 8.49
C GLU A 303 72.25 -4.44 8.82
N ILE A 304 72.32 -3.87 10.02
CA ILE A 304 73.48 -3.11 10.45
C ILE A 304 73.97 -3.54 11.82
N ASN A 305 74.66 -4.67 11.87
CA ASN A 305 75.17 -5.21 13.13
C ASN A 305 76.19 -4.30 13.82
N ASP A 306 77.09 -3.70 13.02
CA ASP A 306 78.11 -2.81 13.56
C ASP A 306 77.49 -1.58 14.21
N ASP A 307 78.14 -1.07 15.25
CA ASP A 307 77.63 0.12 15.94
C ASP A 307 77.71 1.36 15.07
N ASN A 308 78.77 1.50 14.29
CA ASN A 308 78.93 2.67 13.44
C ASN A 308 77.89 2.66 12.32
N HIS A 309 77.32 3.82 12.05
CA HIS A 309 76.29 3.98 11.02
C HIS A 309 76.69 5.10 10.07
N ALA A 310 76.61 4.83 8.77
CA ALA A 310 76.96 5.81 7.75
C ALA A 310 76.13 5.57 6.50
N GLU A 311 75.60 6.65 5.93
CA GLU A 311 74.86 6.63 4.68
C GLU A 311 73.65 5.69 4.76
N GLY A 312 72.72 6.04 5.65
CA GLY A 312 71.50 5.27 5.79
C GLY A 312 70.74 5.60 7.06
N LEU A 313 69.42 5.67 6.97
CA LEU A 313 68.59 5.90 8.13
C LEU A 313 68.55 4.67 9.03
N ILE A 314 68.60 4.92 10.34
CA ILE A 314 68.57 3.88 11.36
C ILE A 314 67.15 3.81 11.93
N GLY A 315 66.69 2.59 12.19
CA GLY A 315 65.37 2.43 12.76
C GLY A 315 65.24 1.08 13.43
N TYR A 316 64.03 0.82 13.94
CA TYR A 316 63.70 -0.45 14.56
C TYR A 316 62.42 -1.00 13.96
N VAL A 317 62.47 -2.25 13.49
CA VAL A 317 61.30 -2.90 12.93
C VAL A 317 60.37 -3.34 14.04
N ARG A 318 59.09 -3.03 13.91
CA ARG A 318 58.15 -3.23 15.00
C ARG A 318 57.17 -4.37 14.77
N GLU A 319 56.43 -4.38 13.67
CA GLU A 319 55.56 -5.52 13.40
C GLU A 319 55.45 -5.77 11.91
N ARG A 320 54.88 -6.92 11.57
CA ARG A 320 54.60 -7.37 10.22
C ARG A 320 53.11 -7.55 10.03
N ASN A 321 52.69 -7.67 8.77
CA ASN A 321 51.26 -7.82 8.49
C ASN A 321 50.92 -9.04 7.65
N TYR A 322 51.70 -9.35 6.62
CA TYR A 322 51.44 -10.48 5.73
C TYR A 322 50.05 -10.37 5.10
N LYS A 323 49.94 -9.41 4.18
CA LYS A 323 48.68 -9.16 3.49
C LYS A 323 48.59 -9.88 2.14
N GLY A 324 49.19 -11.06 2.03
CA GLY A 324 49.04 -11.86 0.82
C GLY A 324 50.34 -12.20 0.15
N MET A 325 50.57 -11.64 -1.04
CA MET A 325 51.85 -11.76 -1.70
C MET A 325 52.89 -10.77 -1.19
N THR A 326 52.49 -9.82 -0.35
CA THR A 326 53.37 -8.78 0.16
C THR A 326 53.43 -8.83 1.68
N LEU A 327 54.61 -8.52 2.23
CA LEU A 327 54.84 -8.49 3.67
C LEU A 327 55.05 -7.03 4.08
N GLU A 328 54.00 -6.39 4.57
CA GLU A 328 54.13 -5.01 5.04
C GLU A 328 54.97 -4.97 6.31
N SER A 329 55.86 -3.99 6.40
CA SER A 329 56.77 -3.88 7.52
C SER A 329 56.80 -2.43 7.99
N VAL A 330 56.65 -2.22 9.29
CA VAL A 330 56.70 -0.89 9.88
C VAL A 330 58.02 -0.76 10.64
N VAL A 331 58.75 0.30 10.37
CA VAL A 331 60.00 0.59 11.06
C VAL A 331 59.93 2.01 11.62
N GLU A 332 60.25 2.15 12.90
CA GLU A 332 60.21 3.42 13.59
C GLU A 332 61.61 4.00 13.63
N LEU A 333 61.73 5.27 13.23
CA LEU A 333 62.99 5.96 13.35
C LEU A 333 63.13 6.55 14.75
N GLU A 334 64.36 6.94 15.09
CA GLU A 334 64.60 7.58 16.37
C GLU A 334 63.85 8.91 16.47
N ASN A 335 63.53 9.53 15.34
CA ASN A 335 62.74 10.76 15.37
C ASN A 335 61.31 10.48 15.82
N GLY A 336 60.79 9.29 15.52
CA GLY A 336 59.45 8.92 15.94
C GLY A 336 58.41 8.94 14.84
N LYS A 337 58.75 8.41 13.68
CA LYS A 337 57.85 8.39 12.53
C LYS A 337 57.88 7.03 11.86
N MET A 338 56.72 6.59 11.36
CA MET A 338 56.60 5.35 10.62
C MET A 338 57.16 5.50 9.21
N VAL A 339 57.50 4.37 8.60
CA VAL A 339 58.07 4.38 7.26
C VAL A 339 57.32 3.50 6.26
N MET A 340 56.64 2.43 6.70
CA MET A 340 55.81 1.60 5.82
C MET A 340 56.64 0.98 4.69
N VAL A 341 57.53 0.08 5.07
CA VAL A 341 58.38 -0.64 4.10
C VAL A 341 57.67 -1.91 3.67
N SER A 342 57.75 -2.22 2.36
CA SER A 342 57.03 -3.34 1.78
C SER A 342 57.98 -4.18 0.95
N GLU A 343 57.61 -5.46 0.78
CA GLU A 343 58.45 -6.40 0.04
C GLU A 343 57.58 -7.59 -0.38
N PHE A 344 58.21 -8.61 -0.95
CA PHE A 344 57.54 -9.86 -1.32
C PHE A 344 57.84 -10.93 -0.29
N PHE A 345 56.82 -11.69 0.09
CA PHE A 345 56.98 -12.74 1.09
C PHE A 345 57.52 -14.02 0.48
N ASN A 346 58.78 -14.37 0.76
CA ASN A 346 59.37 -15.62 0.29
C ASN A 346 59.56 -16.54 1.50
N GLU A 347 58.53 -17.34 1.77
CA GLU A 347 58.56 -18.18 2.96
C GLU A 347 59.58 -19.30 2.84
N ASP A 348 59.58 -20.00 1.71
CA ASP A 348 60.45 -21.15 1.54
C ASP A 348 61.91 -20.76 1.46
N ASP A 349 62.21 -19.49 1.23
CA ASP A 349 63.58 -19.02 1.25
C ASP A 349 64.02 -18.92 2.70
N PRO A 350 65.07 -19.63 3.11
CA PRO A 350 65.51 -19.61 4.51
C PRO A 350 66.53 -18.55 4.86
N ASP A 351 66.83 -17.61 3.96
CA ASP A 351 67.91 -16.65 4.18
C ASP A 351 67.39 -15.46 4.99
N PHE A 352 66.92 -15.78 6.20
CA PHE A 352 66.45 -14.78 7.16
C PHE A 352 65.45 -13.81 6.53
N ASP A 353 64.31 -14.34 6.07
CA ASP A 353 63.28 -13.48 5.50
C ASP A 353 62.70 -12.54 6.55
N HIS A 354 62.51 -13.04 7.78
CA HIS A 354 61.88 -12.27 8.84
C HIS A 354 62.71 -12.35 10.11
N SER A 355 62.85 -11.21 10.79
CA SER A 355 63.46 -11.16 12.10
C SER A 355 62.97 -9.90 12.81
N LEU A 356 62.69 -10.03 14.09
CA LEU A 356 61.95 -9.02 14.83
C LEU A 356 62.82 -8.43 15.92
N ASP A 357 62.57 -7.14 16.21
CA ASP A 357 63.25 -6.42 17.30
C ASP A 357 64.76 -6.37 17.09
N GLN A 358 65.18 -5.74 15.98
CA GLN A 358 66.58 -5.51 15.70
C GLN A 358 66.77 -4.15 15.06
N LYS A 359 67.97 -3.60 15.19
CA LYS A 359 68.30 -2.36 14.50
C LYS A 359 68.41 -2.60 13.00
N MET A 360 67.91 -1.66 12.22
CA MET A 360 67.67 -1.86 10.81
C MET A 360 68.09 -0.59 10.09
N ALA A 361 68.50 -0.71 8.82
CA ALA A 361 68.85 0.48 8.06
C ALA A 361 67.99 0.53 6.80
N ILE A 362 67.56 1.72 6.42
CA ILE A 362 66.71 1.89 5.24
C ILE A 362 67.36 2.90 4.31
N ASN A 363 67.30 2.62 3.01
CA ASN A 363 67.81 3.53 1.99
C ASN A 363 66.88 3.53 0.80
N TRP A 364 67.05 4.53 -0.05
CA TRP A 364 66.31 4.64 -1.30
C TRP A 364 67.27 4.97 -2.43
N VAL A 365 66.94 4.47 -3.62
CA VAL A 365 67.75 4.73 -4.80
C VAL A 365 67.40 6.12 -5.32
N GLU A 366 68.42 6.91 -5.64
CA GLU A 366 68.20 8.29 -6.06
C GLU A 366 67.46 8.32 -7.39
N SER A 367 66.85 9.48 -7.68
CA SER A 367 66.05 9.71 -8.88
C SER A 367 64.81 8.83 -8.91
N TRP A 368 64.35 8.38 -7.75
CA TRP A 368 63.14 7.59 -7.64
C TRP A 368 62.03 8.29 -6.89
N GLU A 369 62.33 9.36 -6.16
CA GLU A 369 61.38 10.05 -5.32
C GLU A 369 60.55 11.04 -6.13
N VAL A 370 59.57 11.64 -5.47
CA VAL A 370 58.76 12.70 -6.07
C VAL A 370 58.87 13.94 -5.20
N VAL A 371 59.12 15.08 -5.83
CA VAL A 371 59.38 16.32 -5.09
C VAL A 371 58.20 17.27 -5.28
N LEU A 372 57.77 17.89 -4.19
CA LEU A 372 56.69 18.87 -4.25
C LEU A 372 56.97 20.02 -3.28
N ALA A 373 56.27 21.13 -3.51
CA ALA A 373 56.40 22.30 -2.66
C ALA A 373 55.40 22.27 -1.51
N THR B 5 3.74 15.37 -22.03
CA THR B 5 3.04 16.36 -21.22
C THR B 5 1.58 16.48 -21.64
N SER B 6 1.29 16.03 -22.86
CA SER B 6 -0.08 16.09 -23.36
C SER B 6 -1.01 15.20 -22.54
N PHE B 7 -0.55 14.01 -22.17
CA PHE B 7 -1.39 13.08 -21.41
C PHE B 7 -1.76 13.67 -20.06
N GLN B 8 -0.79 14.27 -19.37
CA GLN B 8 -1.05 14.89 -18.08
C GLN B 8 -2.04 16.04 -18.22
N ASN B 9 -1.89 16.84 -19.27
CA ASN B 9 -2.80 17.95 -19.49
C ASN B 9 -4.22 17.45 -19.71
N VAL B 10 -4.38 16.39 -20.51
CA VAL B 10 -5.72 15.85 -20.77
C VAL B 10 -6.34 15.34 -19.48
N VAL B 11 -5.56 14.60 -18.69
CA VAL B 11 -6.08 14.02 -17.45
C VAL B 11 -6.52 15.13 -16.50
N ILE B 12 -5.69 16.16 -16.35
CA ILE B 12 -5.99 17.26 -15.42
C ILE B 12 -7.23 18.01 -15.89
N VAL B 13 -7.32 18.28 -17.20
CA VAL B 13 -8.47 19.03 -17.73
C VAL B 13 -9.76 18.25 -17.51
N THR B 14 -9.73 16.94 -17.77
CA THR B 14 -10.93 16.14 -17.56
C THR B 14 -11.35 16.13 -16.10
N ILE B 15 -10.39 15.94 -15.20
CA ILE B 15 -10.71 15.89 -13.78
C ILE B 15 -11.29 17.21 -13.29
N VAL B 16 -10.70 18.32 -13.71
CA VAL B 16 -11.23 19.62 -13.30
C VAL B 16 -12.61 19.88 -13.90
N GLY B 17 -12.80 19.53 -15.16
CA GLY B 17 -14.07 19.83 -15.81
C GLY B 17 -15.24 19.07 -15.23
N TRP B 18 -15.05 17.77 -14.97
CA TRP B 18 -16.12 16.99 -14.34
C TRP B 18 -16.51 17.59 -12.99
N LEU B 19 -15.51 17.89 -12.16
CA LEU B 19 -15.80 18.41 -10.82
C LEU B 19 -16.48 19.76 -10.88
N VAL B 20 -16.04 20.64 -11.78
CA VAL B 20 -16.68 21.95 -11.88
C VAL B 20 -18.12 21.79 -12.36
N LEU B 21 -18.35 20.93 -13.35
CA LEU B 21 -19.69 20.80 -13.90
C LEU B 21 -20.66 20.21 -12.89
N PHE B 22 -20.24 19.20 -12.14
CA PHE B 22 -21.18 18.43 -11.34
C PHE B 22 -21.10 18.69 -9.83
N VAL B 23 -20.18 19.54 -9.37
CA VAL B 23 -20.06 19.89 -7.96
C VAL B 23 -20.15 21.39 -7.72
N PHE B 24 -19.44 22.18 -8.53
CA PHE B 24 -19.41 23.63 -8.28
C PHE B 24 -20.75 24.27 -8.58
N LEU B 25 -21.32 23.99 -9.75
CA LEU B 25 -22.54 24.68 -10.16
C LEU B 25 -23.72 24.40 -9.24
N PRO B 26 -24.01 23.16 -8.83
CA PRO B 26 -25.07 22.97 -7.84
C PRO B 26 -24.83 23.69 -6.54
N ASN B 27 -23.58 23.74 -6.07
CA ASN B 27 -23.27 24.40 -4.81
C ASN B 27 -23.46 25.90 -4.89
N LEU B 28 -23.17 26.52 -6.03
CA LEU B 28 -23.46 27.93 -6.19
C LEU B 28 -24.95 28.20 -6.06
N MET B 29 -25.79 27.35 -6.65
CA MET B 29 -27.23 27.48 -6.48
C MET B 29 -27.64 27.32 -5.03
N ILE B 30 -27.02 26.37 -4.32
CA ILE B 30 -27.32 26.17 -2.91
C ILE B 30 -27.02 27.43 -2.11
N ILE B 31 -25.84 28.01 -2.33
CA ILE B 31 -25.46 29.23 -1.61
C ILE B 31 -26.40 30.37 -1.95
N GLY B 32 -26.75 30.51 -3.23
CA GLY B 32 -27.67 31.58 -3.61
C GLY B 32 -29.04 31.41 -2.98
N THR B 33 -29.51 30.17 -2.87
CA THR B 33 -30.79 29.90 -2.22
C THR B 33 -30.75 30.20 -0.72
N SER B 34 -29.63 29.91 -0.06
CA SER B 34 -29.55 30.07 1.39
C SER B 34 -29.79 31.50 1.85
N PHE B 35 -29.66 32.47 0.96
CA PHE B 35 -29.83 33.89 1.29
C PHE B 35 -31.13 34.44 0.74
N LEU B 36 -32.17 33.60 0.60
CA LEU B 36 -33.42 34.03 -0.01
C LEU B 36 -34.60 33.68 0.88
N THR B 37 -35.83 33.84 0.37
CA THR B 37 -37.02 33.80 1.22
C THR B 37 -38.00 32.72 0.75
N ARG B 38 -38.75 32.20 1.70
CA ARG B 38 -39.70 31.13 1.45
C ARG B 38 -40.96 31.68 0.78
N ASP B 39 -41.43 30.96 -0.24
CA ASP B 39 -42.66 31.33 -0.94
C ASP B 39 -43.34 30.06 -1.43
N ASP B 40 -44.65 29.96 -1.19
CA ASP B 40 -45.40 28.84 -1.72
C ASP B 40 -45.55 28.98 -3.23
N ALA B 41 -45.66 27.83 -3.91
CA ALA B 41 -45.88 27.75 -5.34
C ALA B 41 -44.67 28.20 -6.16
N SER B 42 -43.56 28.54 -5.51
CA SER B 42 -42.33 28.80 -6.25
C SER B 42 -41.12 28.19 -5.54
N PHE B 43 -41.29 27.85 -4.26
CA PHE B 43 -40.27 27.28 -3.38
C PHE B 43 -39.22 28.30 -2.96
N VAL B 44 -39.20 29.48 -3.59
CA VAL B 44 -38.23 30.53 -3.28
C VAL B 44 -38.64 31.81 -3.99
N LYS B 45 -38.32 32.96 -3.40
CA LYS B 45 -38.65 34.25 -3.99
C LYS B 45 -37.41 35.14 -3.96
N MET B 46 -37.53 36.33 -4.54
CA MET B 46 -36.41 37.23 -4.76
C MET B 46 -36.36 38.31 -3.67
N VAL B 47 -36.03 37.90 -2.45
CA VAL B 47 -35.85 38.82 -1.33
C VAL B 47 -34.61 38.40 -0.55
N PHE B 48 -33.73 39.35 -0.26
CA PHE B 48 -32.47 39.07 0.41
C PHE B 48 -32.64 39.21 1.91
N THR B 49 -32.46 38.12 2.64
CA THR B 49 -32.60 38.11 4.09
C THR B 49 -31.46 37.35 4.72
N LEU B 50 -31.14 37.71 5.95
CA LEU B 50 -30.14 37.01 6.76
C LEU B 50 -30.76 36.18 7.86
N ASP B 51 -32.09 36.12 7.94
CA ASP B 51 -32.76 35.40 9.00
C ASP B 51 -32.60 33.89 8.90
N ASN B 52 -32.27 33.36 7.72
CA ASN B 52 -32.09 31.93 7.59
C ASN B 52 -30.84 31.42 8.29
N TYR B 53 -29.96 32.31 8.74
CA TYR B 53 -28.80 31.95 9.54
C TYR B 53 -28.95 32.28 11.01
N THR B 54 -29.59 33.42 11.33
CA THR B 54 -29.75 33.80 12.73
C THR B 54 -30.80 32.97 13.44
N ARG B 55 -31.50 32.10 12.74
CA ARG B 55 -32.44 31.18 13.38
C ARG B 55 -31.76 29.90 13.86
N LEU B 56 -30.46 29.77 13.65
CA LEU B 56 -29.71 28.58 14.06
C LEU B 56 -29.20 28.70 15.49
N LEU B 57 -29.55 29.77 16.20
CA LEU B 57 -29.00 30.02 17.53
C LEU B 57 -29.75 29.31 18.64
N ASP B 58 -30.84 28.61 18.34
CA ASP B 58 -31.55 27.88 19.38
C ASP B 58 -30.75 26.66 19.83
N PRO B 59 -30.90 26.26 21.09
CA PRO B 59 -30.10 25.13 21.60
C PRO B 59 -30.40 23.80 20.93
N LEU B 60 -31.55 23.65 20.27
CA LEU B 60 -31.91 22.37 19.68
C LEU B 60 -30.84 21.91 18.70
N TYR B 61 -30.43 22.81 17.79
CA TYR B 61 -29.52 22.42 16.73
C TYR B 61 -28.15 22.06 17.27
N PHE B 62 -27.65 22.82 18.24
CA PHE B 62 -26.36 22.47 18.84
C PHE B 62 -26.43 21.12 19.54
N GLU B 63 -27.53 20.86 20.25
CA GLU B 63 -27.63 19.59 20.96
C GLU B 63 -27.70 18.41 20.00
N VAL B 64 -28.47 18.53 18.91
CA VAL B 64 -28.55 17.42 17.97
C VAL B 64 -27.21 17.23 17.25
N LEU B 65 -26.49 18.32 17.00
CA LEU B 65 -25.16 18.19 16.42
C LEU B 65 -24.21 17.42 17.34
N LEU B 66 -24.24 17.74 18.63
CA LEU B 66 -23.38 17.01 19.58
C LEU B 66 -23.74 15.53 19.65
N HIS B 67 -25.03 15.22 19.68
CA HIS B 67 -25.44 13.82 19.75
C HIS B 67 -25.00 13.06 18.50
N SER B 68 -25.15 13.68 17.33
CA SER B 68 -24.71 13.03 16.10
C SER B 68 -23.21 12.78 16.10
N LEU B 69 -22.42 13.76 16.54
CA LEU B 69 -20.98 13.57 16.61
C LEU B 69 -20.60 12.46 17.57
N ASN B 70 -21.29 12.37 18.72
CA ASN B 70 -20.98 11.33 19.68
C ASN B 70 -21.23 9.95 19.10
N MET B 71 -22.38 9.74 18.47
CA MET B 71 -22.65 8.43 17.88
C MET B 71 -21.64 8.09 16.79
N ALA B 72 -21.30 9.07 15.93
CA ALA B 72 -20.35 8.80 14.87
C ALA B 72 -18.99 8.40 15.40
N LEU B 73 -18.46 9.11 16.41
CA LEU B 73 -17.16 8.75 16.96
C LEU B 73 -17.18 7.37 17.61
N ILE B 74 -18.25 7.03 18.32
CA ILE B 74 -18.29 5.71 18.94
C ILE B 74 -18.29 4.62 17.86
N ALA B 75 -19.08 4.80 16.81
CA ALA B 75 -19.11 3.78 15.75
C ALA B 75 -17.75 3.65 15.08
N THR B 76 -17.07 4.79 14.83
CA THR B 76 -15.75 4.75 14.21
C THR B 76 -14.75 3.99 15.07
N LEU B 77 -14.70 4.29 16.36
CA LEU B 77 -13.76 3.59 17.22
C LEU B 77 -14.08 2.10 17.30
N ALA B 78 -15.35 1.74 17.39
CA ALA B 78 -15.71 0.33 17.48
C ALA B 78 -15.31 -0.42 16.22
N CYS B 79 -15.54 0.18 15.04
CA CYS B 79 -15.11 -0.44 13.80
C CYS B 79 -13.59 -0.59 13.76
N LEU B 80 -12.85 0.42 14.19
CA LEU B 80 -11.39 0.31 14.24
C LEU B 80 -10.94 -0.86 15.12
N VAL B 81 -11.50 -0.95 16.33
CA VAL B 81 -11.07 -1.97 17.28
C VAL B 81 -11.43 -3.35 16.76
N LEU B 82 -12.59 -3.49 16.14
CA LEU B 82 -13.01 -4.79 15.64
C LEU B 82 -12.40 -5.14 14.29
N GLY B 83 -11.81 -4.19 13.59
CA GLY B 83 -11.33 -4.44 12.25
C GLY B 83 -9.84 -4.51 12.08
N TYR B 84 -9.06 -3.74 12.85
CA TYR B 84 -7.61 -3.82 12.74
C TYR B 84 -7.08 -5.21 13.03
N PRO B 85 -7.45 -5.88 14.12
CA PRO B 85 -6.98 -7.26 14.31
C PRO B 85 -7.44 -8.21 13.22
N PHE B 86 -8.62 -8.00 12.66
CA PHE B 86 -9.09 -8.86 11.57
C PHE B 86 -8.16 -8.76 10.37
N ALA B 87 -7.83 -7.54 9.95
CA ALA B 87 -6.91 -7.36 8.84
C ALA B 87 -5.52 -7.92 9.17
N TRP B 88 -5.04 -7.71 10.39
CA TRP B 88 -3.72 -8.23 10.73
C TRP B 88 -3.68 -9.75 10.68
N PHE B 89 -4.70 -10.42 11.22
CA PHE B 89 -4.73 -11.87 11.18
C PHE B 89 -4.84 -12.38 9.76
N LEU B 90 -5.66 -11.72 8.93
CA LEU B 90 -5.83 -12.19 7.56
C LEU B 90 -4.59 -11.95 6.73
N ALA B 91 -3.77 -10.95 7.07
CA ALA B 91 -2.54 -10.70 6.33
C ALA B 91 -1.51 -11.81 6.51
N LYS B 92 -1.71 -12.71 7.47
CA LYS B 92 -0.75 -13.77 7.73
C LYS B 92 -1.05 -15.06 6.97
N LEU B 93 -2.27 -15.22 6.46
CA LEU B 93 -2.67 -16.47 5.83
C LEU B 93 -1.95 -16.65 4.49
N PRO B 94 -1.92 -17.89 3.95
CA PRO B 94 -1.25 -18.14 2.66
C PRO B 94 -1.72 -17.24 1.54
N HIS B 95 -0.91 -17.08 0.50
CA HIS B 95 -1.19 -16.10 -0.54
C HIS B 95 -2.34 -16.52 -1.43
N LYS B 96 -2.60 -17.82 -1.56
CA LYS B 96 -3.66 -18.27 -2.44
C LYS B 96 -5.04 -17.96 -1.85
N VAL B 97 -5.18 -18.07 -0.52
CA VAL B 97 -6.47 -17.95 0.13
C VAL B 97 -6.92 -16.51 0.28
N ARG B 98 -6.00 -15.55 0.31
CA ARG B 98 -6.32 -14.19 0.73
C ARG B 98 -7.43 -13.54 -0.09
N PRO B 99 -7.36 -13.49 -1.43
CA PRO B 99 -8.45 -12.82 -2.17
C PRO B 99 -9.80 -13.48 -1.99
N LEU B 100 -9.83 -14.80 -1.85
CA LEU B 100 -11.10 -15.49 -1.66
C LEU B 100 -11.79 -15.03 -0.38
N LEU B 101 -11.05 -14.93 0.71
CA LEU B 101 -11.63 -14.45 1.96
C LEU B 101 -11.98 -12.97 1.89
N LEU B 102 -11.17 -12.18 1.20
CA LEU B 102 -11.51 -10.78 1.00
C LEU B 102 -12.86 -10.64 0.32
N PHE B 103 -13.12 -11.46 -0.71
CA PHE B 103 -14.38 -11.34 -1.42
C PHE B 103 -15.54 -11.92 -0.62
N LEU B 104 -15.30 -12.99 0.14
CA LEU B 104 -16.35 -13.54 0.98
C LEU B 104 -16.76 -12.59 2.09
N LEU B 105 -15.85 -11.69 2.50
CA LEU B 105 -16.25 -10.66 3.45
C LEU B 105 -17.26 -9.69 2.83
N ILE B 106 -17.08 -9.35 1.55
CA ILE B 106 -17.87 -8.29 0.93
C ILE B 106 -19.13 -8.79 0.25
N VAL B 107 -19.24 -10.08 -0.03
CA VAL B 107 -20.43 -10.58 -0.72
C VAL B 107 -21.71 -10.46 0.12
N PRO B 108 -21.67 -10.52 1.46
CA PRO B 108 -22.88 -10.16 2.21
C PRO B 108 -23.33 -8.73 2.00
N PHE B 109 -22.42 -7.82 1.69
CA PHE B 109 -22.75 -6.42 1.56
C PHE B 109 -23.34 -6.05 0.22
N TRP B 110 -23.48 -7.02 -0.70
CA TRP B 110 -24.06 -6.77 -2.02
C TRP B 110 -25.54 -7.09 -2.06
N THR B 111 -26.25 -6.93 -0.94
CA THR B 111 -27.69 -7.10 -0.88
C THR B 111 -28.27 -5.84 -0.24
N ASN B 112 -29.55 -5.58 -0.51
CA ASN B 112 -30.19 -4.37 -0.02
C ASN B 112 -30.11 -4.28 1.49
N SER B 113 -29.82 -3.08 1.99
CA SER B 113 -29.56 -2.91 3.41
C SER B 113 -30.78 -3.18 4.25
N LEU B 114 -31.96 -2.79 3.76
CA LEU B 114 -33.18 -2.95 4.55
C LEU B 114 -33.49 -4.41 4.82
N ILE B 115 -33.28 -5.28 3.82
CA ILE B 115 -33.49 -6.71 4.03
C ILE B 115 -32.50 -7.24 5.07
N ARG B 116 -31.27 -6.76 5.04
CA ARG B 116 -30.28 -7.18 6.02
C ARG B 116 -30.69 -6.76 7.42
N ILE B 117 -31.21 -5.54 7.58
CA ILE B 117 -31.67 -5.08 8.88
C ILE B 117 -32.88 -5.88 9.33
N TYR B 118 -33.75 -6.25 8.39
CA TYR B 118 -34.87 -7.11 8.74
C TYR B 118 -34.38 -8.45 9.28
N GLY B 119 -33.36 -9.02 8.64
CA GLY B 119 -32.78 -10.26 9.15
C GLY B 119 -32.21 -10.10 10.55
N LEU B 120 -31.47 -9.02 10.79
CA LEU B 120 -30.91 -8.79 12.12
C LEU B 120 -31.99 -8.61 13.17
N LYS B 121 -33.06 -7.86 12.88
CA LYS B 121 -34.16 -7.71 13.81
C LYS B 121 -34.87 -9.03 14.09
N ILE B 122 -35.02 -9.88 13.08
CA ILE B 122 -35.52 -11.23 13.32
C ILE B 122 -34.58 -11.99 14.25
N PHE B 123 -33.28 -11.79 14.10
CA PHE B 123 -32.30 -12.51 14.91
C PHE B 123 -32.31 -12.09 16.37
N LEU B 124 -32.27 -10.79 16.66
CA LEU B 124 -32.01 -10.30 18.01
C LEU B 124 -33.26 -9.95 18.81
N SER B 125 -34.46 -10.14 18.26
CA SER B 125 -35.65 -9.66 18.94
C SER B 125 -35.96 -10.53 20.15
N THR B 126 -36.98 -10.12 20.90
CA THR B 126 -37.38 -10.88 22.08
C THR B 126 -37.86 -12.28 21.70
N LYS B 127 -38.78 -12.37 20.76
CA LYS B 127 -39.22 -13.66 20.21
C LYS B 127 -38.45 -13.97 18.93
N GLY B 128 -37.13 -13.87 19.00
CA GLY B 128 -36.25 -14.21 17.91
C GLY B 128 -35.60 -15.57 18.11
N TYR B 129 -34.83 -15.97 17.10
CA TYR B 129 -34.21 -17.30 17.14
C TYR B 129 -33.18 -17.40 18.25
N LEU B 130 -32.43 -16.33 18.51
CA LEU B 130 -31.36 -16.39 19.50
C LEU B 130 -31.91 -16.70 20.87
N ASN B 131 -32.97 -16.00 21.27
CA ASN B 131 -33.56 -16.23 22.59
C ASN B 131 -34.16 -17.61 22.69
N GLU B 132 -34.84 -18.08 21.64
CA GLU B 132 -35.43 -19.42 21.69
C GLU B 132 -34.35 -20.48 21.83
N PHE B 133 -33.25 -20.31 21.11
CA PHE B 133 -32.13 -21.24 21.22
C PHE B 133 -31.57 -21.22 22.63
N LEU B 134 -31.32 -20.03 23.17
CA LEU B 134 -30.68 -19.91 24.47
C LEU B 134 -31.65 -20.27 25.59
N LEU B 135 -32.91 -20.45 25.24
CA LEU B 135 -33.91 -20.88 26.21
C LEU B 135 -34.12 -22.38 26.23
N TRP B 136 -34.14 -23.02 25.06
CA TRP B 136 -34.46 -24.45 25.04
C TRP B 136 -33.28 -25.28 25.52
N LEU B 137 -32.07 -24.73 25.48
CA LEU B 137 -30.89 -25.43 25.98
C LEU B 137 -30.59 -25.13 27.43
N GLY B 138 -31.40 -24.34 28.10
CA GLY B 138 -31.06 -23.84 29.41
C GLY B 138 -30.32 -22.52 29.33
N VAL B 139 -30.30 -21.80 30.45
CA VAL B 139 -29.77 -20.42 30.63
C VAL B 139 -30.77 -19.34 30.13
N ILE B 140 -30.56 -18.06 30.41
CA ILE B 140 -31.45 -17.03 29.92
C ILE B 140 -32.94 -17.24 30.18
N ASP B 141 -33.33 -17.34 31.44
CA ASP B 141 -34.74 -17.61 31.81
C ASP B 141 -35.83 -16.69 31.28
N THR B 142 -35.52 -15.42 31.23
CA THR B 142 -36.40 -14.44 30.68
C THR B 142 -35.68 -13.90 29.46
N PRO B 143 -36.39 -13.44 28.44
CA PRO B 143 -35.69 -13.02 27.26
C PRO B 143 -34.83 -11.84 27.46
N ILE B 144 -33.72 -11.77 26.77
CA ILE B 144 -32.78 -10.65 26.85
C ILE B 144 -33.20 -9.61 25.85
N ARG B 145 -33.47 -8.40 26.33
CA ARG B 145 -33.97 -7.30 25.52
C ARG B 145 -32.80 -6.41 25.14
N ILE B 146 -32.58 -6.25 23.83
CA ILE B 146 -31.43 -5.51 23.33
C ILE B 146 -31.92 -4.46 22.35
N MET B 147 -33.10 -4.68 21.78
CA MET B 147 -33.63 -3.80 20.75
C MET B 147 -34.22 -2.54 21.37
N PHE B 148 -34.25 -1.46 20.58
CA PHE B 148 -34.80 -0.17 20.97
C PHE B 148 -33.98 0.48 22.09
N THR B 149 -32.67 0.29 22.07
CA THR B 149 -31.72 0.87 22.99
C THR B 149 -30.59 1.50 22.19
N PRO B 150 -29.84 2.43 22.78
CA PRO B 150 -28.74 3.05 22.03
C PRO B 150 -27.70 2.05 21.52
N SER B 151 -27.54 0.92 22.19
CA SER B 151 -26.55 -0.06 21.75
C SER B 151 -26.92 -0.67 20.39
N ALA B 152 -28.21 -0.85 20.14
CA ALA B 152 -28.62 -1.39 18.85
C ALA B 152 -28.25 -0.47 17.70
N VAL B 153 -28.26 0.85 17.94
CA VAL B 153 -27.83 1.79 16.91
C VAL B 153 -26.38 1.53 16.52
N ILE B 154 -25.51 1.32 17.52
CA ILE B 154 -24.12 1.04 17.26
C ILE B 154 -23.96 -0.29 16.53
N ILE B 155 -24.72 -1.31 16.94
CA ILE B 155 -24.64 -2.60 16.27
C ILE B 155 -24.99 -2.46 14.79
N GLY B 156 -26.05 -1.71 14.51
CA GLY B 156 -26.44 -1.50 13.12
C GLY B 156 -25.42 -0.72 12.31
N LEU B 157 -24.88 0.35 12.90
CA LEU B 157 -23.89 1.14 12.17
C LEU B 157 -22.65 0.31 11.86
N VAL B 158 -22.20 -0.50 12.82
CA VAL B 158 -21.07 -1.38 12.54
C VAL B 158 -21.43 -2.40 11.47
N TYR B 159 -22.64 -2.95 11.54
CA TYR B 159 -23.09 -3.95 10.57
C TYR B 159 -23.14 -3.37 9.16
N ILE B 160 -23.34 -2.06 9.04
CA ILE B 160 -23.43 -1.44 7.72
C ILE B 160 -22.06 -0.96 7.23
N LEU B 161 -21.20 -0.50 8.13
CA LEU B 161 -19.99 0.21 7.76
C LEU B 161 -18.70 -0.48 8.20
N LEU B 162 -18.62 -1.80 8.08
CA LEU B 162 -17.39 -2.50 8.45
C LEU B 162 -16.34 -2.51 7.34
N PRO B 163 -16.67 -2.88 6.09
CA PRO B 163 -15.63 -2.95 5.05
C PRO B 163 -14.92 -1.64 4.80
N PHE B 164 -15.60 -0.51 4.98
CA PHE B 164 -15.01 0.80 4.76
C PHE B 164 -13.82 1.05 5.67
N MET B 165 -13.70 0.29 6.76
CA MET B 165 -12.54 0.31 7.63
C MET B 165 -11.56 -0.82 7.35
N VAL B 166 -12.04 -1.96 6.86
CA VAL B 166 -11.15 -3.10 6.67
C VAL B 166 -10.29 -2.92 5.43
N MET B 167 -10.90 -2.56 4.29
CA MET B 167 -10.15 -2.61 3.04
C MET B 167 -9.00 -1.60 2.98
N PRO B 168 -9.21 -0.33 3.35
CA PRO B 168 -8.04 0.58 3.41
C PRO B 168 -6.96 0.12 4.36
N LEU B 169 -7.32 -0.54 5.46
CA LEU B 169 -6.32 -1.08 6.37
C LEU B 169 -5.57 -2.27 5.77
N TYR B 170 -6.27 -3.18 5.11
CA TYR B 170 -5.59 -4.32 4.51
C TYR B 170 -4.65 -3.88 3.40
N SER B 171 -5.06 -2.88 2.61
CA SER B 171 -4.18 -2.37 1.57
C SER B 171 -2.89 -1.83 2.15
N SER B 172 -2.97 -1.11 3.28
CA SER B 172 -1.76 -0.57 3.88
C SER B 172 -0.91 -1.66 4.54
N ILE B 173 -1.55 -2.66 5.16
CA ILE B 173 -0.79 -3.70 5.83
C ILE B 173 -0.05 -4.58 4.82
N GLU B 174 -0.67 -4.85 3.68
CA GLU B 174 -0.08 -5.78 2.71
C GLU B 174 1.28 -5.28 2.21
N LYS B 175 1.46 -3.97 2.13
CA LYS B 175 2.67 -3.42 1.53
C LYS B 175 3.82 -3.25 2.51
N LEU B 176 3.66 -3.68 3.77
CA LEU B 176 4.71 -3.49 4.75
C LEU B 176 5.97 -4.22 4.34
N ASP B 177 7.11 -3.60 4.62
CA ASP B 177 8.41 -4.07 4.15
C ASP B 177 9.00 -5.05 5.16
N LYS B 178 9.26 -6.28 4.71
CA LYS B 178 9.73 -7.33 5.61
C LYS B 178 11.09 -7.04 6.25
N PRO B 179 12.11 -6.57 5.53
CA PRO B 179 13.42 -6.38 6.17
C PRO B 179 13.39 -5.47 7.38
N LEU B 180 12.53 -4.45 7.39
CA LEU B 180 12.43 -3.58 8.56
C LEU B 180 11.96 -4.36 9.78
N LEU B 181 10.94 -5.20 9.61
CA LEU B 181 10.46 -6.02 10.72
C LEU B 181 11.52 -7.01 11.18
N GLU B 182 12.23 -7.62 10.24
CA GLU B 182 13.29 -8.54 10.64
C GLU B 182 14.38 -7.81 11.42
N ALA B 183 14.77 -6.62 10.98
CA ALA B 183 15.80 -5.86 11.70
C ALA B 183 15.33 -5.50 13.09
N ALA B 184 14.08 -5.06 13.22
CA ALA B 184 13.55 -4.76 14.55
C ALA B 184 13.60 -5.98 15.45
N ARG B 185 13.14 -7.14 14.95
CA ARG B 185 13.16 -8.34 15.78
C ARG B 185 14.58 -8.74 16.15
N ASP B 186 15.53 -8.36 15.35
CA ASP B 186 16.84 -8.82 15.65
C ASP B 186 17.50 -7.92 16.62
N LEU B 187 17.13 -6.64 16.64
CA LEU B 187 17.69 -5.69 17.59
C LEU B 187 17.13 -5.83 19.00
N GLY B 188 16.40 -6.91 19.29
CA GLY B 188 15.96 -7.15 20.65
C GLY B 188 14.55 -6.64 20.92
N ALA B 189 13.72 -6.59 19.89
CA ALA B 189 12.41 -6.01 20.03
C ALA B 189 11.43 -7.00 20.65
N SER B 190 10.18 -6.59 20.72
CA SER B 190 9.09 -7.44 21.15
C SER B 190 7.85 -7.05 20.36
N LYS B 191 6.79 -7.84 20.50
CA LYS B 191 5.59 -7.60 19.69
C LYS B 191 4.97 -6.24 20.00
N LEU B 192 4.82 -5.91 21.29
CA LEU B 192 4.19 -4.66 21.66
C LEU B 192 4.99 -3.46 21.17
N GLN B 193 6.32 -3.50 21.37
CA GLN B 193 7.16 -2.38 20.97
C GLN B 193 7.29 -2.26 19.47
N THR B 194 7.30 -3.38 18.76
CA THR B 194 7.25 -3.33 17.30
C THR B 194 5.96 -2.69 16.82
N PHE B 195 4.83 -3.01 17.47
CA PHE B 195 3.57 -2.37 17.08
C PHE B 195 3.61 -0.87 17.35
N ILE B 196 4.11 -0.47 18.52
CA ILE B 196 4.05 0.94 18.90
C ILE B 196 4.97 1.77 18.03
N ARG B 197 6.20 1.31 17.79
CA ARG B 197 7.24 2.15 17.22
C ARG B 197 7.38 2.04 15.70
N ILE B 198 6.86 0.98 15.08
CA ILE B 198 7.13 0.76 13.66
C ILE B 198 5.87 0.63 12.84
N ILE B 199 5.02 -0.34 13.17
CA ILE B 199 3.89 -0.68 12.30
C ILE B 199 2.91 0.49 12.24
N ILE B 200 2.57 1.08 13.38
CA ILE B 200 1.61 2.18 13.38
C ILE B 200 2.11 3.41 12.64
N PRO B 201 3.35 3.88 12.83
CA PRO B 201 3.82 5.00 12.03
C PRO B 201 3.85 4.72 10.54
N LEU B 202 3.97 3.45 10.15
CA LEU B 202 4.00 3.08 8.74
C LEU B 202 2.64 2.68 8.20
N THR B 203 1.62 2.62 9.04
CA THR B 203 0.26 2.25 8.64
C THR B 203 -0.73 3.37 8.92
N MET B 204 -0.28 4.49 9.51
CA MET B 204 -1.18 5.58 9.84
C MET B 204 -2.03 6.07 8.68
N PRO B 205 -1.54 6.21 7.44
CA PRO B 205 -2.44 6.65 6.36
C PRO B 205 -3.65 5.77 6.19
N GLY B 206 -3.50 4.45 6.34
CA GLY B 206 -4.64 3.57 6.27
C GLY B 206 -5.66 3.84 7.37
N ILE B 207 -5.18 4.07 8.59
CA ILE B 207 -6.06 4.38 9.70
C ILE B 207 -6.82 5.66 9.44
N ILE B 208 -6.14 6.70 8.96
CA ILE B 208 -6.79 7.98 8.70
C ILE B 208 -7.84 7.83 7.60
N ALA B 209 -7.49 7.14 6.52
CA ALA B 209 -8.45 6.94 5.43
C ALA B 209 -9.67 6.19 5.90
N GLY B 210 -9.48 5.08 6.62
CA GLY B 210 -10.61 4.34 7.13
C GLY B 210 -11.47 5.15 8.08
N CYS B 211 -10.85 5.90 8.99
CA CYS B 211 -11.61 6.69 9.93
C CYS B 211 -12.46 7.74 9.21
N LEU B 212 -11.90 8.41 8.20
CA LEU B 212 -12.70 9.34 7.43
C LEU B 212 -13.88 8.64 6.76
N LEU B 213 -13.61 7.52 6.09
CA LEU B 213 -14.65 6.85 5.31
C LEU B 213 -15.70 6.16 6.17
N VAL B 214 -15.46 5.92 7.45
CA VAL B 214 -16.46 5.38 8.36
C VAL B 214 -17.18 6.49 9.13
N MET B 215 -16.50 7.62 9.35
CA MET B 215 -17.11 8.66 10.17
C MET B 215 -17.99 9.58 9.33
N LEU B 216 -17.47 10.10 8.22
CA LEU B 216 -18.24 11.08 7.45
C LEU B 216 -19.55 10.50 6.90
N PRO B 217 -19.57 9.29 6.32
CA PRO B 217 -20.86 8.70 5.93
C PRO B 217 -21.79 8.41 7.10
N ALA B 218 -21.26 8.23 8.31
CA ALA B 218 -22.08 7.81 9.43
C ALA B 218 -23.09 8.88 9.81
N MET B 219 -22.80 10.14 9.48
CA MET B 219 -23.73 11.21 9.81
C MET B 219 -24.96 11.22 8.91
N GLY B 220 -24.90 10.55 7.77
CA GLY B 220 -26.05 10.46 6.89
C GLY B 220 -26.94 9.27 7.10
N LEU B 221 -26.51 8.31 7.91
CA LEU B 221 -27.32 7.12 8.21
C LEU B 221 -28.24 7.45 9.37
N PHE B 222 -29.43 7.92 9.05
CA PHE B 222 -30.46 8.18 10.06
C PHE B 222 -31.67 7.27 9.91
N TYR B 223 -31.64 6.34 8.95
CA TYR B 223 -32.73 5.39 8.76
C TYR B 223 -32.47 4.08 9.49
N VAL B 224 -31.23 3.58 9.45
CA VAL B 224 -30.90 2.38 10.21
C VAL B 224 -31.03 2.65 11.70
N SER B 225 -30.55 3.81 12.15
CA SER B 225 -30.67 4.16 13.56
C SER B 225 -32.13 4.26 13.99
N ASP B 226 -32.97 4.88 13.14
CA ASP B 226 -34.39 4.99 13.46
C ASP B 226 -35.04 3.62 13.60
N LEU B 227 -34.71 2.68 12.71
CA LEU B 227 -35.28 1.34 12.81
C LEU B 227 -34.79 0.62 14.06
N MET B 228 -33.48 0.62 14.28
CA MET B 228 -32.91 -0.26 15.29
C MET B 228 -33.00 0.30 16.70
N GLY B 229 -33.29 1.58 16.86
CA GLY B 229 -33.31 2.15 18.19
C GLY B 229 -34.45 3.13 18.45
N GLY B 230 -35.58 2.93 17.80
CA GLY B 230 -36.67 3.86 17.97
C GLY B 230 -36.34 5.19 17.34
N ALA B 231 -37.15 6.17 17.67
CA ALA B 231 -36.88 7.55 17.28
C ALA B 231 -36.80 8.45 18.49
N LYS B 232 -36.36 7.89 19.62
CA LYS B 232 -36.42 8.61 20.88
C LYS B 232 -35.42 9.75 20.93
N ASN B 233 -34.42 9.73 20.06
CA ASN B 233 -33.44 10.79 19.97
C ASN B 233 -33.37 11.32 18.55
N LEU B 234 -33.24 12.63 18.41
CA LEU B 234 -33.19 13.26 17.10
C LEU B 234 -31.76 13.27 16.57
N LEU B 235 -31.65 13.37 15.25
CA LEU B 235 -30.37 13.54 14.58
C LEU B 235 -30.53 14.59 13.50
N ILE B 236 -29.39 15.06 12.98
CA ILE B 236 -29.42 16.21 12.06
C ILE B 236 -30.10 15.83 10.76
N GLY B 237 -29.99 14.56 10.36
CA GLY B 237 -30.60 14.11 9.12
C GLY B 237 -32.10 14.32 9.12
N ASN B 238 -32.77 13.97 10.23
CA ASN B 238 -34.20 14.18 10.31
C ASN B 238 -34.54 15.66 10.26
N VAL B 239 -33.74 16.50 10.89
CA VAL B 239 -34.00 17.94 10.86
C VAL B 239 -33.99 18.45 9.42
N ILE B 240 -32.95 18.10 8.65
CA ILE B 240 -32.91 18.59 7.27
C ILE B 240 -34.01 17.98 6.43
N LYS B 241 -34.32 16.69 6.64
CA LYS B 241 -35.36 16.06 5.84
C LYS B 241 -36.73 16.69 6.09
N VAL B 242 -37.05 17.00 7.35
CA VAL B 242 -38.32 17.65 7.62
C VAL B 242 -38.31 19.09 7.12
N GLN B 243 -37.15 19.74 7.15
CA GLN B 243 -37.09 21.11 6.64
C GLN B 243 -37.32 21.14 5.14
N PHE B 244 -36.93 20.09 4.42
CA PHE B 244 -37.09 20.08 2.98
C PHE B 244 -38.43 19.50 2.52
N LEU B 245 -38.89 18.42 3.13
CA LEU B 245 -40.01 17.65 2.60
C LEU B 245 -41.28 17.74 3.45
N ASN B 246 -41.23 18.33 4.64
CA ASN B 246 -42.38 18.36 5.52
C ASN B 246 -42.80 19.77 5.90
N ILE B 247 -41.84 20.68 6.13
CA ILE B 247 -42.18 22.08 6.32
C ILE B 247 -42.09 22.85 5.01
N ARG B 248 -41.31 22.35 4.05
CA ARG B 248 -41.12 22.99 2.75
C ARG B 248 -40.51 24.37 2.87
N ASP B 249 -39.53 24.50 3.76
CA ASP B 249 -38.71 25.71 3.88
C ASP B 249 -37.32 25.41 3.34
N TRP B 250 -37.19 25.53 2.03
CA TRP B 250 -35.94 25.16 1.36
C TRP B 250 -34.75 26.04 1.74
N PRO B 251 -34.87 27.38 1.80
CA PRO B 251 -33.72 28.18 2.23
C PRO B 251 -33.15 27.80 3.59
N PHE B 252 -34.02 27.49 4.55
CA PHE B 252 -33.55 27.11 5.87
C PHE B 252 -32.80 25.78 5.84
N GLY B 253 -33.26 24.83 5.03
CA GLY B 253 -32.52 23.61 4.85
C GLY B 253 -31.15 23.84 4.24
N ALA B 254 -31.08 24.74 3.25
CA ALA B 254 -29.78 25.07 2.67
C ALA B 254 -28.85 25.66 3.72
N ALA B 255 -29.37 26.56 4.55
CA ALA B 255 -28.55 27.18 5.59
C ALA B 255 -28.04 26.15 6.59
N THR B 256 -28.92 25.24 7.01
CA THR B 256 -28.49 24.21 7.95
C THR B 256 -27.41 23.32 7.33
N SER B 257 -27.57 22.95 6.06
CA SER B 257 -26.56 22.10 5.42
C SER B 257 -25.21 22.80 5.32
N ILE B 258 -25.21 24.08 4.94
CA ILE B 258 -23.94 24.80 4.80
C ILE B 258 -23.25 24.94 6.16
N THR B 259 -24.02 25.29 7.20
CA THR B 259 -23.41 25.40 8.52
C THR B 259 -22.87 24.07 9.00
N LEU B 260 -23.59 22.97 8.75
CA LEU B 260 -23.08 21.66 9.11
C LEU B 260 -21.75 21.36 8.43
N THR B 261 -21.66 21.62 7.13
CA THR B 261 -20.42 21.33 6.41
C THR B 261 -19.26 22.20 6.92
N ILE B 262 -19.52 23.49 7.18
CA ILE B 262 -18.46 24.36 7.67
C ILE B 262 -17.96 23.88 9.04
N VAL B 263 -18.89 23.54 9.95
CA VAL B 263 -18.49 23.10 11.28
C VAL B 263 -17.68 21.81 11.20
N MET B 264 -18.15 20.86 10.38
CA MET B 264 -17.44 19.59 10.26
C MET B 264 -16.05 19.78 9.66
N GLY B 265 -15.92 20.67 8.68
CA GLY B 265 -14.61 20.94 8.11
C GLY B 265 -13.66 21.60 9.09
N LEU B 266 -14.15 22.59 9.84
CA LEU B 266 -13.28 23.28 10.79
C LEU B 266 -12.87 22.36 11.93
N MET B 267 -13.75 21.43 12.31
CA MET B 267 -13.42 20.52 13.40
C MET B 267 -12.19 19.69 13.07
N LEU B 268 -12.03 19.32 11.80
CA LEU B 268 -10.87 18.54 11.36
C LEU B 268 -9.64 19.40 11.16
N LEU B 269 -9.76 20.72 11.30
CA LEU B 269 -8.62 21.63 11.28
C LEU B 269 -7.90 21.60 9.94
N GLY C 3 -3.36 -20.52 20.82
CA GLY C 3 -3.02 -19.30 20.12
C GLY C 3 -3.66 -19.22 18.75
N ARG C 4 -3.43 -20.26 17.95
CA ARG C 4 -4.13 -20.41 16.68
C ARG C 4 -5.64 -20.50 16.90
N LEU C 5 -6.05 -21.17 17.97
CA LEU C 5 -7.47 -21.35 18.24
C LEU C 5 -8.18 -20.03 18.47
N LEU C 6 -7.57 -19.13 19.23
CA LEU C 6 -8.21 -17.83 19.49
C LEU C 6 -8.33 -17.01 18.22
N ARG C 7 -7.30 -17.03 17.38
CA ARG C 7 -7.34 -16.31 16.12
C ARG C 7 -8.45 -16.82 15.23
N GLY C 8 -8.54 -18.15 15.10
CA GLY C 8 -9.63 -18.73 14.33
C GLY C 8 -10.98 -18.38 14.92
N GLY C 9 -11.09 -18.37 16.24
CA GLY C 9 -12.34 -18.01 16.87
C GLY C 9 -12.76 -16.59 16.55
N PHE C 10 -11.80 -15.67 16.55
CA PHE C 10 -12.12 -14.29 16.20
C PHE C 10 -12.60 -14.17 14.76
N MET C 11 -11.86 -14.78 13.83
CA MET C 11 -12.25 -14.65 12.43
C MET C 11 -13.60 -15.31 12.17
N THR C 12 -13.84 -16.48 12.75
CA THR C 12 -15.13 -17.13 12.55
C THR C 12 -16.25 -16.41 13.30
N ALA C 13 -15.93 -15.68 14.38
CA ALA C 13 -16.96 -14.89 15.04
C ALA C 13 -17.43 -13.76 14.15
N ILE C 14 -16.49 -13.05 13.51
CA ILE C 14 -16.91 -11.98 12.61
C ILE C 14 -17.66 -12.55 11.41
N TYR C 15 -17.19 -13.66 10.85
CA TYR C 15 -17.90 -14.25 9.71
C TYR C 15 -19.31 -14.70 10.12
N ALA C 16 -19.46 -15.26 11.31
CA ALA C 16 -20.79 -15.62 11.79
C ALA C 16 -21.67 -14.39 11.93
N TYR C 17 -21.13 -13.33 12.53
CA TYR C 17 -21.88 -12.09 12.68
C TYR C 17 -22.36 -11.54 11.35
N LEU C 18 -21.58 -11.70 10.28
CA LEU C 18 -21.99 -11.20 8.98
C LEU C 18 -22.83 -12.16 8.15
N TYR C 19 -22.83 -13.45 8.48
CA TYR C 19 -23.50 -14.43 7.63
C TYR C 19 -24.74 -15.07 8.24
N ILE C 20 -24.91 -15.01 9.56
CA ILE C 20 -26.01 -15.72 10.21
C ILE C 20 -27.39 -15.11 9.88
N PRO C 21 -27.53 -13.83 9.54
CA PRO C 21 -28.84 -13.38 9.03
C PRO C 21 -29.11 -13.79 7.60
N ILE C 22 -28.07 -13.98 6.78
CA ILE C 22 -28.29 -14.39 5.41
C ILE C 22 -28.90 -15.78 5.35
N ILE C 23 -28.44 -16.68 6.21
CA ILE C 23 -29.01 -18.02 6.28
C ILE C 23 -30.48 -17.94 6.70
N ILE C 24 -30.79 -17.04 7.62
CA ILE C 24 -32.17 -16.87 8.05
C ILE C 24 -33.04 -16.39 6.89
N LEU C 25 -32.54 -15.45 6.09
CA LEU C 25 -33.30 -15.01 4.93
C LEU C 25 -33.50 -16.14 3.92
N ILE C 26 -32.46 -16.92 3.67
CA ILE C 26 -32.58 -18.03 2.72
C ILE C 26 -33.62 -19.04 3.21
N VAL C 27 -33.62 -19.33 4.51
CA VAL C 27 -34.59 -20.27 5.05
C VAL C 27 -36.01 -19.70 4.98
N ASN C 28 -36.18 -18.44 5.39
CA ASN C 28 -37.50 -17.81 5.35
C ASN C 28 -38.02 -17.60 3.94
N SER C 29 -37.16 -17.72 2.93
CA SER C 29 -37.66 -17.68 1.56
C SER C 29 -38.57 -18.86 1.25
N PHE C 30 -38.62 -19.88 2.10
CA PHE C 30 -39.45 -21.05 1.89
C PHE C 30 -40.58 -21.18 2.91
N ASN C 31 -40.72 -20.24 3.85
CA ASN C 31 -41.80 -20.34 4.82
C ASN C 31 -43.12 -19.90 4.20
N SER C 32 -44.21 -20.31 4.84
CA SER C 32 -45.54 -19.90 4.40
C SER C 32 -46.02 -18.62 5.06
N SER C 33 -45.40 -18.21 6.16
CA SER C 33 -45.78 -16.96 6.81
C SER C 33 -45.20 -15.78 6.05
N ARG C 34 -45.98 -14.70 5.96
CA ARG C 34 -45.50 -13.50 5.30
C ARG C 34 -44.76 -12.57 6.25
N PHE C 35 -44.68 -12.93 7.53
CA PHE C 35 -43.84 -12.24 8.52
C PHE C 35 -43.02 -13.33 9.18
N GLY C 36 -41.88 -13.67 8.57
CA GLY C 36 -41.12 -14.80 9.06
C GLY C 36 -40.54 -14.57 10.43
N ILE C 37 -41.16 -15.16 11.45
CA ILE C 37 -40.62 -15.15 12.79
C ILE C 37 -40.70 -16.57 13.32
N ASN C 38 -41.39 -17.42 12.57
CA ASN C 38 -41.59 -18.82 12.91
C ASN C 38 -41.79 -19.62 11.63
N TRP C 39 -41.65 -20.94 11.74
CA TRP C 39 -41.79 -21.85 10.61
C TRP C 39 -43.23 -22.36 10.58
N GLN C 40 -43.84 -22.30 9.39
CA GLN C 40 -45.23 -22.72 9.23
C GLN C 40 -45.42 -23.63 8.02
N GLY C 41 -44.36 -24.29 7.56
CA GLY C 41 -44.46 -25.23 6.47
C GLY C 41 -43.44 -24.94 5.39
N PHE C 42 -43.28 -25.90 4.47
CA PHE C 42 -42.39 -25.77 3.34
C PHE C 42 -43.18 -25.48 2.09
N THR C 43 -42.81 -24.43 1.38
CA THR C 43 -43.54 -24.05 0.17
C THR C 43 -42.58 -23.44 -0.83
N THR C 44 -42.97 -23.54 -2.11
CA THR C 44 -42.23 -22.91 -3.20
C THR C 44 -43.11 -21.93 -3.96
N LYS C 45 -44.16 -21.43 -3.30
CA LYS C 45 -45.07 -20.50 -3.95
C LYS C 45 -44.37 -19.18 -4.30
N TRP C 46 -43.47 -18.74 -3.42
CA TRP C 46 -42.85 -17.44 -3.59
C TRP C 46 -41.98 -17.40 -4.84
N TYR C 47 -41.24 -18.47 -5.11
CA TYR C 47 -40.41 -18.51 -6.31
C TYR C 47 -41.26 -18.49 -7.57
N SER C 48 -42.33 -19.28 -7.59
CA SER C 48 -43.23 -19.29 -8.74
C SER C 48 -43.85 -17.92 -8.97
N LEU C 49 -44.17 -17.23 -7.88
CA LEU C 49 -44.69 -15.88 -8.01
C LEU C 49 -43.65 -14.94 -8.58
N LEU C 50 -42.39 -15.10 -8.16
CA LEU C 50 -41.33 -14.21 -8.64
C LEU C 50 -41.08 -14.40 -10.13
N MET C 51 -41.06 -15.65 -10.60
CA MET C 51 -40.71 -15.89 -12.00
C MET C 51 -41.75 -15.31 -12.94
N ASN C 52 -42.92 -14.94 -12.42
CA ASN C 52 -44.05 -14.51 -13.23
C ASN C 52 -44.33 -13.01 -13.07
N ASN C 53 -43.68 -12.36 -12.12
CA ASN C 53 -43.95 -10.97 -11.77
C ASN C 53 -43.70 -10.00 -12.92
N ASP C 54 -42.63 -10.20 -13.69
CA ASP C 54 -42.30 -9.45 -14.91
C ASP C 54 -42.39 -7.94 -14.73
N SER C 55 -42.22 -7.46 -13.50
CA SER C 55 -41.97 -6.05 -13.24
C SER C 55 -40.90 -5.82 -12.18
N LEU C 56 -40.52 -6.84 -11.42
CA LEU C 56 -39.38 -6.79 -10.52
C LEU C 56 -38.10 -7.28 -11.15
N LEU C 57 -38.18 -8.18 -12.13
CA LEU C 57 -36.97 -8.68 -12.80
C LEU C 57 -36.27 -7.55 -13.53
N GLN C 58 -37.02 -6.68 -14.20
CA GLN C 58 -36.42 -5.57 -14.93
C GLN C 58 -35.72 -4.62 -13.96
N ALA C 59 -36.26 -4.45 -12.76
CA ALA C 59 -35.59 -3.63 -11.75
C ALA C 59 -34.22 -4.21 -11.41
N ALA C 60 -34.14 -5.52 -11.24
CA ALA C 60 -32.86 -6.15 -10.95
C ALA C 60 -31.88 -5.95 -12.10
N GLN C 61 -32.35 -6.12 -13.33
CA GLN C 61 -31.45 -5.95 -14.47
C GLN C 61 -30.94 -4.52 -14.58
N HIS C 62 -31.84 -3.54 -14.40
CA HIS C 62 -31.43 -2.13 -14.46
C HIS C 62 -30.43 -1.81 -13.35
N SER C 63 -30.68 -2.31 -12.14
CA SER C 63 -29.76 -2.04 -11.04
C SER C 63 -28.39 -2.65 -11.29
N LEU C 64 -28.34 -3.87 -11.83
CA LEU C 64 -27.05 -4.50 -12.13
C LEU C 64 -26.28 -3.72 -13.18
N THR C 65 -26.95 -3.31 -14.27
CA THR C 65 -26.26 -2.55 -15.30
C THR C 65 -25.73 -1.23 -14.76
N MET C 66 -26.56 -0.53 -13.97
CA MET C 66 -26.14 0.72 -13.36
C MET C 66 -24.92 0.53 -12.49
N ALA C 67 -24.95 -0.49 -11.63
CA ALA C 67 -23.82 -0.72 -10.73
C ALA C 67 -22.54 -0.99 -11.51
N VAL C 68 -22.62 -1.84 -12.54
CA VAL C 68 -21.42 -2.20 -13.28
C VAL C 68 -20.81 -0.97 -13.95
N PHE C 69 -21.62 -0.22 -14.70
CA PHE C 69 -21.08 0.90 -15.45
C PHE C 69 -20.58 2.01 -14.53
N SER C 70 -21.37 2.34 -13.50
CA SER C 70 -20.96 3.37 -12.56
C SER C 70 -19.67 3.00 -11.86
N ALA C 71 -19.55 1.76 -11.38
CA ALA C 71 -18.34 1.36 -10.68
C ALA C 71 -17.12 1.41 -11.59
N THR C 72 -17.24 0.94 -12.83
CA THR C 72 -16.09 0.95 -13.73
C THR C 72 -15.60 2.37 -13.99
N PHE C 73 -16.51 3.28 -14.40
CA PHE C 73 -16.05 4.63 -14.68
C PHE C 73 -15.57 5.34 -13.43
N ALA C 74 -16.21 5.10 -12.27
CA ALA C 74 -15.78 5.74 -11.04
C ALA C 74 -14.39 5.31 -10.64
N THR C 75 -14.09 4.01 -10.73
CA THR C 75 -12.74 3.57 -10.37
C THR C 75 -11.70 4.12 -11.34
N LEU C 76 -12.02 4.19 -12.64
CA LEU C 76 -11.05 4.73 -13.58
C LEU C 76 -10.75 6.20 -13.28
N ILE C 77 -11.79 7.02 -13.16
CA ILE C 77 -11.59 8.45 -12.93
C ILE C 77 -10.94 8.70 -11.59
N GLY C 78 -11.32 7.96 -10.55
CA GLY C 78 -10.71 8.16 -9.25
C GLY C 78 -9.25 7.77 -9.22
N SER C 79 -8.89 6.68 -9.89
CA SER C 79 -7.48 6.29 -9.95
C SER C 79 -6.66 7.37 -10.65
N LEU C 80 -7.17 7.89 -11.77
CA LEU C 80 -6.43 8.95 -12.44
C LEU C 80 -6.33 10.19 -11.57
N THR C 81 -7.38 10.52 -10.82
CA THR C 81 -7.33 11.68 -9.92
C THR C 81 -6.27 11.50 -8.85
N ALA C 82 -6.20 10.31 -8.23
CA ALA C 82 -5.23 10.08 -7.18
C ALA C 82 -3.81 10.16 -7.72
N VAL C 83 -3.56 9.56 -8.89
CA VAL C 83 -2.24 9.65 -9.49
C VAL C 83 -1.89 11.10 -9.80
N ALA C 84 -2.87 11.87 -10.29
CA ALA C 84 -2.62 13.28 -10.61
C ALA C 84 -2.27 14.08 -9.37
N LEU C 85 -2.99 13.86 -8.27
CA LEU C 85 -2.67 14.58 -7.04
C LEU C 85 -1.30 14.19 -6.50
N TYR C 86 -0.93 12.91 -6.58
CA TYR C 86 0.32 12.50 -5.97
C TYR C 86 1.53 12.95 -6.77
N ARG C 87 1.50 12.81 -8.09
CA ARG C 87 2.69 13.00 -8.92
C ARG C 87 2.67 14.29 -9.73
N TYR C 88 1.59 14.55 -10.46
CA TYR C 88 1.57 15.69 -11.38
C TYR C 88 1.57 16.99 -10.60
N ARG C 89 1.97 18.06 -11.28
CA ARG C 89 2.08 19.38 -10.68
C ARG C 89 1.24 20.37 -11.48
N PHE C 90 0.16 20.87 -10.88
CA PHE C 90 -0.67 21.89 -11.51
C PHE C 90 -1.02 22.94 -10.47
N ARG C 91 -1.72 23.98 -10.94
CA ARG C 91 -1.88 25.21 -10.16
C ARG C 91 -2.60 24.96 -8.85
N GLY C 92 -3.87 24.56 -8.91
CA GLY C 92 -4.61 24.37 -7.68
C GLY C 92 -5.07 22.96 -7.40
N LYS C 93 -4.41 22.31 -6.42
CA LYS C 93 -4.94 21.07 -5.88
C LYS C 93 -5.97 21.27 -4.78
N PRO C 94 -5.83 22.24 -3.86
CA PRO C 94 -6.83 22.36 -2.77
C PRO C 94 -8.26 22.53 -3.26
N PHE C 95 -8.46 23.24 -4.38
CA PHE C 95 -9.81 23.37 -4.92
C PHE C 95 -10.36 22.02 -5.35
N VAL C 96 -9.53 21.20 -5.99
CA VAL C 96 -9.98 19.86 -6.39
C VAL C 96 -10.28 19.01 -5.17
N SER C 97 -9.43 19.09 -4.16
CA SER C 97 -9.62 18.28 -2.95
C SER C 97 -10.89 18.68 -2.21
N GLY C 98 -11.19 19.98 -2.15
CA GLY C 98 -12.33 20.44 -1.38
C GLY C 98 -13.67 19.99 -1.94
N MET C 99 -13.78 19.90 -3.26
CA MET C 99 -15.05 19.48 -3.86
C MET C 99 -15.37 18.04 -3.53
N LEU C 100 -14.36 17.18 -3.43
CA LEU C 100 -14.60 15.82 -2.96
C LEU C 100 -15.12 15.78 -1.53
N PHE C 101 -14.55 16.60 -0.65
CA PHE C 101 -15.04 16.66 0.72
C PHE C 101 -16.48 17.16 0.79
N VAL C 102 -16.80 18.17 -0.02
CA VAL C 102 -18.18 18.67 -0.05
C VAL C 102 -19.14 17.59 -0.50
N VAL C 103 -18.76 16.80 -1.51
CA VAL C 103 -19.60 15.70 -1.96
C VAL C 103 -19.77 14.67 -0.85
N MET C 104 -18.70 14.38 -0.12
CA MET C 104 -18.81 13.38 0.94
C MET C 104 -19.64 13.85 2.12
N MET C 105 -19.97 15.15 2.20
CA MET C 105 -20.76 15.69 3.30
C MET C 105 -22.13 16.21 2.87
N SER C 106 -22.56 15.91 1.66
CA SER C 106 -23.87 16.39 1.23
C SER C 106 -24.97 15.56 1.88
N PRO C 107 -25.99 16.19 2.47
CA PRO C 107 -26.99 15.42 3.24
C PRO C 107 -27.85 14.47 2.41
N ASP C 108 -27.56 14.30 1.11
CA ASP C 108 -28.15 13.25 0.27
C ASP C 108 -29.58 13.64 -0.09
N ILE C 109 -30.11 14.70 0.53
CA ILE C 109 -31.43 15.19 0.15
C ILE C 109 -31.23 16.46 -0.67
N VAL C 110 -30.22 17.25 -0.33
CA VAL C 110 -29.96 18.47 -1.08
C VAL C 110 -29.38 18.14 -2.44
N MET C 111 -28.60 17.07 -2.53
CA MET C 111 -28.06 16.63 -3.82
C MET C 111 -29.17 16.28 -4.79
N ALA C 112 -30.18 15.55 -4.34
CA ALA C 112 -31.24 15.08 -5.21
C ALA C 112 -32.10 16.22 -5.76
N ILE C 113 -32.03 17.40 -5.18
CA ILE C 113 -32.75 18.55 -5.70
C ILE C 113 -31.86 19.45 -6.55
N SER C 114 -30.62 19.69 -6.09
CA SER C 114 -29.71 20.52 -6.88
C SER C 114 -29.42 19.87 -8.23
N LEU C 115 -29.11 18.57 -8.24
CA LEU C 115 -28.82 17.89 -9.50
C LEU C 115 -30.06 17.84 -10.38
N LEU C 116 -31.24 17.66 -9.79
CA LEU C 116 -32.47 17.63 -10.58
C LEU C 116 -32.70 18.96 -11.28
N VAL C 117 -32.52 20.08 -10.57
CA VAL C 117 -32.69 21.37 -11.21
C VAL C 117 -31.65 21.57 -12.30
N LEU C 118 -30.42 21.12 -12.04
CA LEU C 118 -29.37 21.27 -13.04
C LEU C 118 -29.68 20.52 -14.32
N PHE C 119 -30.18 19.30 -14.22
CA PHE C 119 -30.44 18.51 -15.42
C PHE C 119 -31.55 19.12 -16.26
N MET C 120 -32.60 19.66 -15.63
CA MET C 120 -33.62 20.36 -16.41
C MET C 120 -33.08 21.63 -17.04
N LEU C 121 -32.20 22.36 -16.36
CA LEU C 121 -31.59 23.52 -17.00
C LEU C 121 -30.78 23.10 -18.23
N LEU C 122 -30.04 22.01 -18.13
CA LEU C 122 -29.14 21.58 -19.20
C LEU C 122 -29.85 20.79 -20.29
N GLY C 123 -31.07 20.33 -20.06
CA GLY C 123 -31.82 19.59 -21.06
C GLY C 123 -31.54 18.10 -21.10
N ILE C 124 -30.70 17.58 -20.21
CA ILE C 124 -30.41 16.15 -20.21
C ILE C 124 -31.68 15.39 -19.85
N GLN C 125 -32.05 14.43 -20.70
CA GLN C 125 -33.25 13.63 -20.46
C GLN C 125 -33.04 12.71 -19.26
N LEU C 126 -34.08 12.59 -18.45
CA LEU C 126 -33.98 11.82 -17.22
C LEU C 126 -34.13 10.33 -17.51
N GLY C 127 -33.25 9.53 -16.94
CA GLY C 127 -33.28 8.10 -17.18
C GLY C 127 -31.91 7.48 -16.95
N PHE C 128 -31.47 6.72 -17.96
CA PHE C 128 -30.18 6.04 -17.88
C PHE C 128 -29.04 7.02 -17.66
N TRP C 129 -28.95 8.05 -18.50
CA TRP C 129 -27.81 8.95 -18.48
C TRP C 129 -27.78 9.78 -17.21
N SER C 130 -28.94 10.30 -16.79
CA SER C 130 -28.99 11.09 -15.57
C SER C 130 -28.59 10.27 -14.37
N LEU C 131 -29.04 9.01 -14.30
CA LEU C 131 -28.66 8.15 -13.19
C LEU C 131 -27.17 7.88 -13.20
N LEU C 132 -26.58 7.64 -14.37
CA LEU C 132 -25.15 7.34 -14.42
C LEU C 132 -24.32 8.54 -13.98
N PHE C 133 -24.69 9.73 -14.44
CA PHE C 133 -23.90 10.92 -14.11
C PHE C 133 -24.02 11.31 -12.64
N SER C 134 -25.01 10.79 -11.92
CA SER C 134 -25.10 10.99 -10.48
C SER C 134 -24.50 9.84 -9.70
N HIS C 135 -24.49 8.63 -10.25
CA HIS C 135 -23.84 7.51 -9.61
C HIS C 135 -22.33 7.54 -9.71
N ILE C 136 -21.78 8.28 -10.68
CA ILE C 136 -20.33 8.41 -10.76
C ILE C 136 -19.82 9.50 -9.83
N THR C 137 -20.57 10.60 -9.70
CA THR C 137 -20.10 11.76 -8.96
C THR C 137 -19.79 11.42 -7.51
N PHE C 138 -20.76 10.86 -6.78
CA PHE C 138 -20.39 10.15 -5.57
C PHE C 138 -19.89 8.77 -5.96
N CYS C 139 -19.24 8.10 -5.01
CA CYS C 139 -18.41 6.91 -5.23
C CYS C 139 -17.03 7.34 -5.73
N LEU C 140 -16.85 8.62 -6.01
CA LEU C 140 -15.53 9.11 -6.40
C LEU C 140 -14.62 9.38 -5.20
N PRO C 141 -15.06 10.07 -4.15
CA PRO C 141 -14.14 10.30 -3.01
C PRO C 141 -13.65 9.04 -2.36
N PHE C 142 -14.44 7.97 -2.35
CA PHE C 142 -14.01 6.74 -1.70
C PHE C 142 -12.82 6.12 -2.44
N VAL C 143 -12.92 6.00 -3.76
CA VAL C 143 -11.80 5.45 -4.52
C VAL C 143 -10.60 6.39 -4.48
N VAL C 144 -10.82 7.71 -4.51
CA VAL C 144 -9.69 8.63 -4.43
C VAL C 144 -8.95 8.46 -3.10
N VAL C 145 -9.70 8.40 -2.00
CA VAL C 145 -9.07 8.27 -0.69
C VAL C 145 -8.33 6.95 -0.57
N THR C 146 -8.93 5.85 -1.05
CA THR C 146 -8.28 4.55 -0.94
C THR C 146 -6.98 4.52 -1.73
N VAL C 147 -7.02 4.98 -2.99
CA VAL C 147 -5.83 4.89 -3.83
C VAL C 147 -4.75 5.85 -3.34
N TYR C 148 -5.13 7.02 -2.82
CA TYR C 148 -4.13 7.92 -2.26
C TYR C 148 -3.49 7.34 -1.00
N SER C 149 -4.27 6.63 -0.18
CA SER C 149 -3.68 5.97 0.98
C SER C 149 -2.70 4.88 0.55
N ARG C 150 -3.05 4.11 -0.49
CA ARG C 150 -2.14 3.06 -0.94
C ARG C 150 -0.89 3.63 -1.59
N LEU C 151 -1.01 4.76 -2.30
CA LEU C 151 0.12 5.29 -3.05
C LEU C 151 1.21 5.85 -2.14
N LYS C 152 0.84 6.40 -0.99
CA LYS C 152 1.83 7.04 -0.12
C LYS C 152 2.88 6.02 0.33
N GLY C 153 4.11 6.50 0.45
CA GLY C 153 5.23 5.62 0.74
C GLY C 153 5.81 4.91 -0.46
N PHE C 154 5.52 5.37 -1.67
CA PHE C 154 5.97 4.68 -2.86
C PHE C 154 7.48 4.82 -3.03
N ASP C 155 8.07 3.79 -3.65
CA ASP C 155 9.50 3.74 -3.89
C ASP C 155 9.79 4.38 -5.24
N VAL C 156 10.49 5.52 -5.23
CA VAL C 156 10.72 6.27 -6.45
C VAL C 156 11.86 5.71 -7.29
N ARG C 157 12.61 4.74 -6.75
CA ARG C 157 13.70 4.14 -7.52
C ARG C 157 13.17 3.45 -8.76
N MET C 158 12.04 2.74 -8.63
CA MET C 158 11.44 2.07 -9.78
C MET C 158 11.02 3.08 -10.85
N LEU C 159 10.39 4.18 -10.44
CA LEU C 159 9.97 5.18 -11.40
C LEU C 159 11.16 5.80 -12.11
N GLU C 160 12.23 6.09 -11.36
CA GLU C 160 13.42 6.67 -11.98
C GLU C 160 14.06 5.70 -12.96
N ALA C 161 14.13 4.41 -12.60
CA ALA C 161 14.71 3.43 -13.51
C ALA C 161 13.86 3.29 -14.77
N ALA C 162 12.54 3.28 -14.62
CA ALA C 162 11.67 3.17 -15.78
C ALA C 162 11.83 4.38 -16.70
N LYS C 163 11.94 5.58 -16.13
CA LYS C 163 12.19 6.75 -16.97
C LYS C 163 13.55 6.66 -17.64
N ASP C 164 14.55 6.15 -16.93
CA ASP C 164 15.88 6.02 -17.50
C ASP C 164 15.87 5.10 -18.72
N LEU C 165 15.18 3.96 -18.61
CA LEU C 165 15.10 3.05 -19.74
C LEU C 165 14.25 3.60 -20.87
N GLY C 166 13.50 4.66 -20.62
CA GLY C 166 12.61 5.21 -21.61
C GLY C 166 11.20 4.75 -21.37
N ALA C 167 10.35 5.62 -20.82
CA ALA C 167 8.99 5.26 -20.45
C ALA C 167 8.11 6.49 -20.50
N SER C 168 7.20 6.53 -21.47
CA SER C 168 6.22 7.59 -21.51
C SER C 168 5.26 7.45 -20.34
N GLU C 169 4.56 8.54 -20.01
CA GLU C 169 3.77 8.54 -18.79
C GLU C 169 2.74 7.42 -18.78
N PHE C 170 2.17 7.12 -19.94
CA PHE C 170 1.16 6.07 -20.01
C PHE C 170 1.71 4.71 -19.62
N THR C 171 2.84 4.32 -20.22
CA THR C 171 3.35 2.98 -19.98
C THR C 171 3.89 2.82 -18.57
N ILE C 172 4.58 3.84 -18.04
CA ILE C 172 5.07 3.74 -16.67
C ILE C 172 3.91 3.67 -15.71
N LEU C 173 2.92 4.56 -15.89
CA LEU C 173 1.69 4.49 -15.10
C LEU C 173 1.17 3.06 -15.09
N ARG C 174 0.77 2.55 -16.26
CA ARG C 174 0.18 1.23 -16.35
C ARG C 174 1.04 0.18 -15.66
N LYS C 175 2.23 -0.08 -16.22
CA LYS C 175 2.97 -1.28 -15.83
C LYS C 175 3.56 -1.19 -14.44
N ILE C 176 4.09 -0.02 -14.06
CA ILE C 176 4.73 0.08 -12.76
C ILE C 176 3.76 0.38 -11.64
N ILE C 177 2.76 1.25 -11.83
CA ILE C 177 1.91 1.70 -10.75
C ILE C 177 0.65 0.84 -10.63
N LEU C 178 0.06 0.42 -11.75
CA LEU C 178 -1.21 -0.27 -11.66
C LEU C 178 -1.10 -1.60 -10.91
N PRO C 179 -0.15 -2.49 -11.25
CA PRO C 179 -0.04 -3.75 -10.49
C PRO C 179 0.40 -3.56 -9.05
N LEU C 180 1.31 -2.62 -8.78
CA LEU C 180 1.76 -2.40 -7.41
C LEU C 180 0.70 -1.75 -6.54
N ALA C 181 -0.33 -1.13 -7.12
CA ALA C 181 -1.43 -0.57 -6.38
C ALA C 181 -2.77 -1.21 -6.75
N MET C 182 -2.74 -2.47 -7.18
CA MET C 182 -3.97 -3.15 -7.60
C MET C 182 -4.98 -3.36 -6.47
N PRO C 183 -4.60 -3.81 -5.27
CA PRO C 183 -5.62 -4.05 -4.24
C PRO C 183 -6.47 -2.84 -3.91
N ALA C 184 -5.88 -1.64 -3.93
CA ALA C 184 -6.67 -0.43 -3.73
C ALA C 184 -7.69 -0.25 -4.83
N VAL C 185 -7.32 -0.56 -6.08
CA VAL C 185 -8.26 -0.44 -7.19
C VAL C 185 -9.41 -1.44 -7.04
N ALA C 186 -9.10 -2.67 -6.64
CA ALA C 186 -10.16 -3.67 -6.43
C ALA C 186 -11.09 -3.26 -5.30
N ALA C 187 -10.53 -2.73 -4.20
CA ALA C 187 -11.34 -2.25 -3.11
C ALA C 187 -12.26 -1.12 -3.56
N GLY C 188 -11.71 -0.20 -4.36
CA GLY C 188 -12.54 0.87 -4.90
C GLY C 188 -13.67 0.35 -5.75
N TRP C 189 -13.39 -0.66 -6.59
CA TRP C 189 -14.43 -1.22 -7.45
C TRP C 189 -15.56 -1.83 -6.63
N VAL C 190 -15.22 -2.65 -5.63
CA VAL C 190 -16.28 -3.30 -4.86
C VAL C 190 -17.04 -2.29 -4.00
N LEU C 191 -16.34 -1.29 -3.46
CA LEU C 191 -17.03 -0.26 -2.67
C LEU C 191 -17.98 0.55 -3.55
N SER C 192 -17.55 0.90 -4.76
CA SER C 192 -18.43 1.62 -5.67
C SER C 192 -19.63 0.76 -6.07
N PHE C 193 -19.42 -0.53 -6.25
CA PHE C 193 -20.52 -1.43 -6.58
C PHE C 193 -21.54 -1.48 -5.45
N THR C 194 -21.07 -1.59 -4.20
CA THR C 194 -22.01 -1.73 -3.09
C THR C 194 -22.67 -0.40 -2.74
N LEU C 195 -22.07 0.72 -3.13
CA LEU C 195 -22.74 2.01 -2.92
C LEU C 195 -23.84 2.24 -3.96
N SER C 196 -23.70 1.68 -5.16
CA SER C 196 -24.65 1.90 -6.25
C SER C 196 -25.78 0.89 -6.24
N MET C 197 -26.08 0.33 -5.09
CA MET C 197 -27.21 -0.59 -4.97
C MET C 197 -28.13 -0.29 -3.80
N ASP C 198 -27.71 0.52 -2.84
CA ASP C 198 -28.51 0.86 -1.67
C ASP C 198 -29.01 2.30 -1.71
N ASP C 199 -28.90 2.97 -2.86
CA ASP C 199 -29.31 4.36 -3.00
C ASP C 199 -30.80 4.44 -3.28
N VAL C 200 -31.50 5.29 -2.53
CA VAL C 200 -32.95 5.37 -2.64
C VAL C 200 -33.41 6.82 -2.74
N VAL C 201 -32.54 7.76 -2.37
CA VAL C 201 -32.98 9.16 -2.28
C VAL C 201 -32.60 9.94 -3.53
N VAL C 202 -31.33 9.85 -3.94
CA VAL C 202 -30.90 10.58 -5.13
C VAL C 202 -31.59 10.03 -6.37
N SER C 203 -31.66 8.70 -6.49
CA SER C 203 -32.23 8.09 -7.68
C SER C 203 -33.72 8.36 -7.81
N SER C 204 -34.44 8.40 -6.70
CA SER C 204 -35.88 8.63 -6.77
C SER C 204 -36.19 9.97 -7.41
N PHE C 205 -35.26 10.92 -7.34
CA PHE C 205 -35.44 12.23 -7.94
C PHE C 205 -34.82 12.35 -9.32
N VAL C 206 -33.60 11.83 -9.52
CA VAL C 206 -32.89 12.04 -10.77
C VAL C 206 -33.23 11.00 -11.84
N THR C 207 -34.11 10.06 -11.55
CA THR C 207 -34.55 9.09 -12.55
C THR C 207 -35.76 9.64 -13.29
N GLY C 208 -36.31 8.86 -14.22
CA GLY C 208 -37.44 9.30 -14.99
C GLY C 208 -38.61 8.34 -14.89
N PRO C 209 -39.62 8.54 -15.73
CA PRO C 209 -40.81 7.68 -15.64
C PRO C 209 -40.55 6.20 -15.83
N SER C 210 -39.64 5.79 -16.72
CA SER C 210 -39.35 4.37 -16.90
C SER C 210 -37.84 4.12 -16.89
N TYR C 211 -37.26 4.12 -15.68
CA TYR C 211 -36.02 3.40 -15.42
C TYR C 211 -35.99 2.88 -13.99
N GLU C 212 -37.09 2.28 -13.54
CA GLU C 212 -37.22 1.91 -12.13
C GLU C 212 -36.11 0.96 -11.71
N ILE C 213 -35.62 1.15 -10.48
CA ILE C 213 -34.55 0.33 -9.94
C ILE C 213 -35.05 -0.37 -8.68
N LEU C 214 -34.29 -1.37 -8.26
CA LEU C 214 -34.76 -2.30 -7.24
C LEU C 214 -34.94 -1.68 -5.86
N PRO C 215 -33.99 -0.93 -5.28
CA PRO C 215 -34.20 -0.43 -3.91
C PRO C 215 -35.42 0.44 -3.74
N LEU C 216 -35.81 1.20 -4.77
CA LEU C 216 -37.05 1.96 -4.70
C LEU C 216 -38.24 1.06 -4.41
N LYS C 217 -38.32 -0.08 -5.10
CA LYS C 217 -39.42 -1.01 -4.91
C LYS C 217 -39.44 -1.55 -3.49
N ILE C 218 -38.28 -1.94 -2.97
CA ILE C 218 -38.21 -2.50 -1.63
C ILE C 218 -38.65 -1.47 -0.60
N TYR C 219 -38.19 -0.23 -0.75
CA TYR C 219 -38.57 0.80 0.21
C TYR C 219 -40.05 1.13 0.11
N SER C 220 -40.62 1.09 -1.09
CA SER C 220 -42.04 1.40 -1.23
C SER C 220 -42.94 0.25 -0.79
N MET C 221 -42.42 -0.96 -0.68
CA MET C 221 -43.23 -2.06 -0.18
C MET C 221 -43.56 -1.96 1.30
N VAL C 222 -43.05 -0.93 2.00
CA VAL C 222 -43.17 -0.88 3.45
C VAL C 222 -44.63 -0.68 3.86
N LYS C 223 -45.46 -0.17 2.95
CA LYS C 223 -46.87 0.03 3.26
C LYS C 223 -47.60 -1.29 3.44
N VAL C 224 -47.46 -2.21 2.48
CA VAL C 224 -48.20 -3.46 2.49
C VAL C 224 -47.38 -4.62 3.06
N GLY C 225 -46.17 -4.35 3.53
CA GLY C 225 -45.32 -5.40 4.07
C GLY C 225 -44.44 -6.01 3.00
N VAL C 226 -43.25 -6.45 3.42
CA VAL C 226 -42.26 -6.97 2.50
C VAL C 226 -42.44 -8.49 2.41
N SER C 227 -42.94 -8.94 1.26
CA SER C 227 -43.20 -10.35 1.06
C SER C 227 -41.89 -11.12 0.90
N PRO C 228 -41.90 -12.43 1.15
CA PRO C 228 -40.71 -13.24 0.91
C PRO C 228 -40.27 -13.31 -0.55
N GLU C 229 -40.92 -12.58 -1.44
CA GLU C 229 -40.47 -12.50 -2.82
C GLU C 229 -39.08 -11.91 -2.91
N VAL C 230 -38.81 -10.85 -2.15
CA VAL C 230 -37.50 -10.21 -2.21
C VAL C 230 -36.43 -11.11 -1.60
N ASN C 231 -36.80 -11.95 -0.62
CA ASN C 231 -35.86 -12.94 -0.15
C ASN C 231 -35.51 -13.94 -1.23
N ALA C 232 -36.50 -14.36 -2.02
CA ALA C 232 -36.22 -15.23 -3.16
C ALA C 232 -35.30 -14.57 -4.17
N LEU C 233 -35.49 -13.28 -4.42
CA LEU C 233 -34.60 -12.57 -5.34
C LEU C 233 -33.18 -12.49 -4.78
N ALA C 234 -33.06 -12.22 -3.48
CA ALA C 234 -31.75 -12.09 -2.86
C ALA C 234 -30.99 -13.40 -2.88
N THR C 235 -31.67 -14.54 -2.66
CA THR C 235 -30.98 -15.82 -2.75
C THR C 235 -30.41 -16.05 -4.14
N ILE C 236 -31.18 -15.72 -5.19
CA ILE C 236 -30.71 -15.92 -6.55
C ILE C 236 -29.49 -15.03 -6.82
N LEU C 237 -29.56 -13.77 -6.41
CA LEU C 237 -28.43 -12.88 -6.64
C LEU C 237 -27.19 -13.33 -5.88
N LEU C 238 -27.35 -13.82 -4.65
CA LEU C 238 -26.22 -14.34 -3.90
C LEU C 238 -25.61 -15.56 -4.57
N VAL C 239 -26.46 -16.47 -5.07
CA VAL C 239 -25.96 -17.66 -5.75
C VAL C 239 -25.18 -17.26 -7.00
N LEU C 240 -25.70 -16.29 -7.76
CA LEU C 240 -24.97 -15.80 -8.93
C LEU C 240 -23.62 -15.23 -8.55
N SER C 241 -23.57 -14.40 -7.50
CA SER C 241 -22.31 -13.81 -7.10
C SER C 241 -21.31 -14.89 -6.68
N LEU C 242 -21.77 -15.91 -5.97
CA LEU C 242 -20.86 -16.95 -5.51
C LEU C 242 -20.34 -17.77 -6.69
N VAL C 243 -21.22 -18.18 -7.61
CA VAL C 243 -20.76 -18.98 -8.73
C VAL C 243 -19.85 -18.19 -9.66
N MET C 244 -20.05 -16.88 -9.79
CA MET C 244 -19.18 -16.09 -10.66
C MET C 244 -17.73 -16.18 -10.21
N VAL C 245 -17.48 -16.02 -8.91
CA VAL C 245 -16.10 -16.05 -8.44
C VAL C 245 -15.57 -17.47 -8.31
N ILE C 246 -16.40 -18.44 -7.93
CA ILE C 246 -15.87 -19.81 -7.91
C ILE C 246 -15.55 -20.27 -9.31
N ALA C 247 -16.11 -19.62 -10.33
CA ALA C 247 -15.69 -19.88 -11.71
C ALA C 247 -14.41 -19.12 -12.04
N SER C 248 -14.36 -17.84 -11.67
CA SER C 248 -13.20 -17.02 -12.02
C SER C 248 -11.92 -17.53 -11.38
N GLN C 249 -11.98 -17.91 -10.11
CA GLN C 249 -10.78 -18.43 -9.43
C GLN C 249 -10.34 -19.76 -10.03
N LEU C 250 -11.29 -20.64 -10.33
CA LEU C 250 -10.93 -21.98 -10.80
C LEU C 250 -10.41 -21.95 -12.23
N ILE C 251 -10.97 -21.10 -13.09
CA ILE C 251 -10.61 -21.13 -14.50
C ILE C 251 -9.17 -20.69 -14.70
N ALA C 252 -8.80 -19.53 -14.15
CA ALA C 252 -7.47 -18.97 -14.38
C ALA C 252 -6.64 -18.88 -13.10
N ARG C 253 -7.12 -18.16 -12.09
CA ARG C 253 -6.32 -17.93 -10.89
C ARG C 253 -7.21 -17.85 -9.64
N PRO D 16 34.30 -22.52 22.91
CA PRO D 16 33.23 -22.86 21.99
C PRO D 16 31.93 -22.12 22.29
N LEU D 17 31.83 -20.89 21.79
CA LEU D 17 30.66 -20.07 22.04
C LEU D 17 29.44 -20.57 21.28
N VAL D 18 29.61 -20.93 20.01
CA VAL D 18 28.49 -21.42 19.20
C VAL D 18 28.90 -22.73 18.56
N GLN D 19 28.00 -23.71 18.62
CA GLN D 19 28.22 -25.01 18.00
C GLN D 19 27.04 -25.34 17.10
N LEU D 20 27.34 -25.62 15.83
CA LEU D 20 26.35 -26.04 14.86
C LEU D 20 26.58 -27.51 14.53
N ALA D 21 25.58 -28.35 14.80
CA ALA D 21 25.66 -29.79 14.54
C ALA D 21 24.50 -30.21 13.66
N GLY D 22 24.80 -30.74 12.49
CA GLY D 22 23.82 -31.32 11.59
C GLY D 22 22.78 -30.39 11.00
N ILE D 23 23.14 -29.14 10.72
CA ILE D 23 22.19 -28.19 10.17
C ILE D 23 21.95 -28.50 8.70
N ARG D 24 20.68 -28.55 8.30
CA ARG D 24 20.31 -28.80 6.92
C ARG D 24 19.09 -27.96 6.57
N LYS D 25 19.17 -27.23 5.46
CA LYS D 25 18.06 -26.36 5.07
C LYS D 25 17.87 -26.41 3.55
N CYS D 26 16.60 -26.54 3.15
CA CYS D 26 16.22 -26.61 1.75
C CYS D 26 15.18 -25.55 1.46
N PHE D 27 15.32 -24.89 0.31
CA PHE D 27 14.44 -23.80 -0.11
C PHE D 27 13.62 -24.30 -1.30
N ASP D 28 12.30 -24.27 -1.17
CA ASP D 28 11.39 -24.61 -2.26
C ASP D 28 11.71 -25.97 -2.87
N GLY D 29 12.13 -26.91 -2.03
CA GLY D 29 12.42 -28.25 -2.49
C GLY D 29 13.80 -28.47 -3.06
N LYS D 30 14.68 -27.47 -3.04
CA LYS D 30 16.04 -27.65 -3.49
C LYS D 30 17.01 -27.41 -2.34
N GLU D 31 18.05 -28.24 -2.28
CA GLU D 31 19.03 -28.18 -1.21
C GLU D 31 19.86 -26.91 -1.33
N VAL D 32 19.95 -26.15 -0.25
CA VAL D 32 20.82 -24.99 -0.16
C VAL D 32 21.96 -25.23 0.84
N ILE D 33 21.64 -25.74 2.02
CA ILE D 33 22.69 -26.16 2.95
C ILE D 33 22.49 -27.64 3.24
N PRO D 34 23.23 -28.52 2.59
CA PRO D 34 23.02 -29.96 2.78
C PRO D 34 23.39 -30.45 4.17
N GLN D 35 24.62 -30.21 4.60
CA GLN D 35 25.07 -30.68 5.90
C GLN D 35 26.21 -29.79 6.36
N LEU D 36 26.27 -29.55 7.67
CA LEU D 36 27.20 -28.58 8.23
C LEU D 36 27.56 -28.98 9.64
N ASP D 37 28.83 -28.76 10.00
CA ASP D 37 29.32 -28.96 11.36
C ASP D 37 30.34 -27.86 11.63
N LEU D 38 30.01 -26.93 12.52
CA LEU D 38 30.85 -25.76 12.71
C LEU D 38 31.00 -25.43 14.18
N THR D 39 32.13 -24.81 14.54
CA THR D 39 32.41 -24.42 15.90
C THR D 39 33.05 -23.03 15.91
N ILE D 40 32.45 -22.11 16.68
CA ILE D 40 32.94 -20.75 16.81
C ILE D 40 33.29 -20.51 18.26
N ASN D 41 34.53 -20.07 18.50
CA ASN D 41 35.08 -19.92 19.83
C ASN D 41 34.97 -18.46 20.30
N ASN D 42 35.60 -18.18 21.44
CA ASN D 42 35.59 -16.85 22.02
C ASN D 42 36.75 -16.01 21.49
N GLY D 43 36.50 -14.71 21.35
CA GLY D 43 37.54 -13.77 20.96
C GLY D 43 38.17 -14.08 19.62
N GLU D 44 37.38 -14.46 18.64
CA GLU D 44 37.87 -14.98 17.37
C GLU D 44 37.36 -14.13 16.22
N PHE D 45 38.17 -14.04 15.17
CA PHE D 45 37.76 -13.42 13.92
C PHE D 45 37.64 -14.52 12.87
N LEU D 46 36.41 -14.84 12.49
CA LEU D 46 36.12 -15.85 11.49
C LEU D 46 35.62 -15.16 10.23
N THR D 47 36.27 -15.43 9.11
CA THR D 47 35.86 -14.85 7.83
C THR D 47 35.36 -15.98 6.93
N LEU D 48 34.34 -15.67 6.14
CA LEU D 48 33.66 -16.65 5.31
C LEU D 48 33.80 -16.22 3.85
N LEU D 49 34.39 -17.07 3.03
CA LEU D 49 34.61 -16.77 1.63
C LEU D 49 33.95 -17.85 0.77
N GLY D 50 33.40 -17.46 -0.38
CA GLY D 50 32.77 -18.38 -1.27
C GLY D 50 32.47 -17.77 -2.63
N PRO D 51 32.03 -18.60 -3.58
CA PRO D 51 31.78 -18.12 -4.95
C PRO D 51 30.35 -17.68 -5.26
N SER D 52 29.92 -16.59 -4.63
CA SER D 52 28.74 -15.83 -5.06
C SER D 52 27.49 -16.65 -5.34
N GLY D 53 26.94 -17.29 -4.32
CA GLY D 53 25.77 -18.13 -4.50
C GLY D 53 25.88 -19.38 -3.66
N CYS D 54 26.92 -19.42 -2.83
CA CYS D 54 27.23 -20.64 -2.10
C CYS D 54 26.31 -20.84 -0.91
N GLY D 55 25.91 -19.76 -0.24
CA GLY D 55 25.02 -19.91 0.90
C GLY D 55 25.53 -19.35 2.21
N LYS D 56 26.32 -18.29 2.16
CA LYS D 56 26.90 -17.71 3.37
C LYS D 56 25.85 -16.96 4.20
N THR D 57 25.04 -16.11 3.55
CA THR D 57 24.11 -15.29 4.33
C THR D 57 22.98 -16.12 4.91
N THR D 58 22.64 -17.25 4.29
CA THR D 58 21.69 -18.16 4.94
C THR D 58 22.28 -18.75 6.22
N VAL D 59 23.58 -19.03 6.22
CA VAL D 59 24.24 -19.48 7.45
C VAL D 59 24.16 -18.38 8.51
N LEU D 60 24.43 -17.14 8.12
CA LEU D 60 24.37 -16.03 9.08
C LEU D 60 22.98 -15.87 9.64
N ARG D 61 21.95 -16.03 8.79
CA ARG D 61 20.58 -15.96 9.28
C ARG D 61 20.23 -17.13 10.19
N LEU D 62 20.73 -18.33 9.90
CA LEU D 62 20.49 -19.47 10.76
C LEU D 62 21.09 -19.26 12.14
N ILE D 63 22.27 -18.62 12.21
CA ILE D 63 22.85 -18.29 13.51
C ILE D 63 21.93 -17.36 14.29
N ALA D 64 21.39 -16.34 13.63
CA ALA D 64 20.46 -15.45 14.28
C ALA D 64 19.10 -16.13 14.42
N GLY D 65 18.17 -15.44 15.08
CA GLY D 65 16.88 -16.05 15.37
C GLY D 65 16.05 -16.27 14.12
N LEU D 66 16.34 -15.53 13.06
CA LEU D 66 15.57 -15.62 11.84
C LEU D 66 15.82 -16.96 11.16
N GLU D 67 14.86 -17.40 10.34
CA GLU D 67 15.07 -18.54 9.46
C GLU D 67 15.44 -19.82 10.19
N THR D 68 14.49 -20.39 10.94
CA THR D 68 14.68 -21.63 11.68
C THR D 68 15.12 -22.78 10.77
N VAL D 69 15.71 -23.81 11.39
CA VAL D 69 16.34 -24.91 10.66
C VAL D 69 15.29 -25.98 10.36
N ASP D 70 15.53 -26.74 9.29
CA ASP D 70 14.69 -27.89 9.00
C ASP D 70 15.02 -29.07 9.89
N SER D 71 16.31 -29.30 10.13
CA SER D 71 16.76 -30.33 11.07
C SER D 71 18.15 -29.96 11.55
N GLY D 72 18.54 -30.51 12.69
CA GLY D 72 19.84 -30.21 13.27
C GLY D 72 19.71 -29.59 14.64
N ARG D 73 20.81 -28.97 15.08
CA ARG D 73 20.94 -28.57 16.47
C ARG D 73 22.00 -27.47 16.61
N ILE D 74 21.73 -26.50 17.48
CA ILE D 74 22.64 -25.38 17.75
C ILE D 74 22.75 -25.18 19.25
N MET D 75 23.98 -25.07 19.74
CA MET D 75 24.25 -24.68 21.13
C MET D 75 24.94 -23.33 21.19
N LEU D 76 24.57 -22.54 22.19
CA LEU D 76 25.26 -21.31 22.57
C LEU D 76 25.67 -21.47 24.02
N ASP D 77 26.98 -21.55 24.26
CA ASP D 77 27.53 -22.12 25.52
C ASP D 77 26.92 -23.51 25.64
N ASN D 78 26.28 -23.85 26.75
CA ASN D 78 25.58 -25.13 26.89
C ASN D 78 24.11 -24.83 27.13
N GLU D 79 23.38 -24.56 26.05
CA GLU D 79 21.93 -24.39 26.08
C GLU D 79 21.48 -24.30 24.63
N ASP D 80 20.28 -24.81 24.39
CA ASP D 80 19.79 -25.11 23.04
C ASP D 80 18.94 -23.93 22.56
N ILE D 81 19.39 -23.29 21.49
CA ILE D 81 18.70 -22.15 20.91
C ILE D 81 17.99 -22.51 19.61
N THR D 82 17.97 -23.81 19.25
CA THR D 82 17.50 -24.18 17.92
C THR D 82 16.04 -23.82 17.71
N HIS D 83 15.27 -23.67 18.79
CA HIS D 83 13.87 -23.28 18.68
C HIS D 83 13.56 -22.06 19.54
N VAL D 84 14.55 -21.55 20.25
CA VAL D 84 14.38 -20.28 20.98
C VAL D 84 14.36 -19.15 19.96
N PRO D 85 13.32 -18.31 19.95
CA PRO D 85 13.18 -17.33 18.87
C PRO D 85 14.19 -16.21 19.01
N ALA D 86 14.20 -15.32 18.02
CA ALA D 86 14.94 -14.08 18.13
C ALA D 86 14.36 -13.25 19.27
N GLU D 87 14.96 -12.09 19.53
CA GLU D 87 14.62 -11.22 20.65
C GLU D 87 15.08 -11.82 21.96
N ASN D 88 15.56 -13.06 21.94
CA ASN D 88 16.09 -13.72 23.12
C ASN D 88 17.53 -14.19 22.94
N ARG D 89 18.09 -14.10 21.74
CA ARG D 89 19.48 -14.41 21.49
C ARG D 89 20.29 -13.13 21.53
N TYR D 90 21.50 -13.21 22.08
CA TYR D 90 22.34 -12.03 22.24
C TYR D 90 23.37 -11.94 21.10
N VAL D 91 22.86 -11.81 19.89
CA VAL D 91 23.68 -11.62 18.70
C VAL D 91 23.15 -10.40 17.95
N ASN D 92 24.03 -9.75 17.20
CA ASN D 92 23.65 -8.59 16.41
C ASN D 92 24.16 -8.73 14.99
N THR D 93 23.46 -8.10 14.05
CA THR D 93 23.74 -8.28 12.63
C THR D 93 23.86 -6.94 11.92
N VAL D 94 24.75 -6.89 10.92
CA VAL D 94 24.86 -5.78 9.99
C VAL D 94 24.49 -6.31 8.62
N PHE D 95 23.34 -5.87 8.11
CA PHE D 95 22.73 -6.40 6.92
C PHE D 95 23.46 -5.94 5.67
N GLN D 96 23.11 -6.55 4.54
CA GLN D 96 23.70 -6.15 3.26
C GLN D 96 22.87 -5.06 2.58
N SER D 97 21.56 -5.07 2.76
CA SER D 97 20.67 -4.12 2.11
C SER D 97 20.43 -2.88 2.96
N TYR D 98 21.16 -2.74 4.07
CA TYR D 98 21.07 -1.58 4.95
C TYR D 98 19.63 -1.41 5.45
N ALA D 99 19.19 -2.35 6.28
CA ALA D 99 17.81 -2.30 6.73
C ALA D 99 17.65 -1.12 7.67
N LEU D 100 17.24 0.02 7.11
CA LEU D 100 17.30 1.30 7.79
C LEU D 100 15.89 1.88 7.86
N PHE D 101 15.49 2.31 9.04
CA PHE D 101 14.14 2.83 9.24
C PHE D 101 13.99 4.19 8.58
N PRO D 102 13.02 4.37 7.69
CA PRO D 102 12.91 5.65 6.97
C PRO D 102 12.19 6.74 7.73
N HIS D 103 11.43 6.42 8.77
CA HIS D 103 10.69 7.43 9.53
C HIS D 103 11.41 7.84 10.81
N MET D 104 12.68 7.49 10.94
CA MET D 104 13.47 7.86 12.11
C MET D 104 14.74 8.56 11.65
N THR D 105 15.24 9.42 12.53
CA THR D 105 16.49 10.13 12.26
C THR D 105 17.65 9.15 12.43
N VAL D 106 18.87 9.60 12.11
CA VAL D 106 20.05 8.78 12.40
C VAL D 106 20.17 8.53 13.89
N PHE D 107 19.91 9.56 14.70
CA PHE D 107 19.98 9.42 16.15
C PHE D 107 19.05 8.34 16.66
N GLU D 108 17.80 8.35 16.18
CA GLU D 108 16.83 7.35 16.65
C GLU D 108 17.19 5.97 16.14
N ASN D 109 17.72 5.87 14.92
CA ASN D 109 18.18 4.58 14.42
C ASN D 109 19.25 4.01 15.33
N VAL D 110 20.21 4.82 15.74
CA VAL D 110 21.27 4.33 16.60
C VAL D 110 20.72 3.96 17.97
N ALA D 111 19.84 4.78 18.53
CA ALA D 111 19.41 4.58 19.90
C ALA D 111 18.24 3.60 20.02
N PHE D 112 17.75 3.06 18.92
CA PHE D 112 16.66 2.08 18.99
C PHE D 112 17.04 0.92 19.89
N GLY D 113 18.20 0.31 19.63
CA GLY D 113 18.61 -0.84 20.42
C GLY D 113 18.80 -0.50 21.87
N LEU D 114 19.43 0.64 22.16
CA LEU D 114 19.64 1.03 23.53
C LEU D 114 18.32 1.19 24.26
N ARG D 115 17.33 1.80 23.62
CA ARG D 115 16.06 2.01 24.30
C ARG D 115 15.30 0.71 24.50
N MET D 116 15.43 -0.24 23.57
CA MET D 116 14.56 -1.41 23.67
C MET D 116 14.93 -2.37 24.79
N GLN D 117 16.13 -2.28 25.36
CA GLN D 117 16.49 -3.12 26.49
C GLN D 117 16.40 -2.37 27.82
N LYS D 118 15.63 -1.28 27.84
CA LYS D 118 15.34 -0.54 29.07
C LYS D 118 16.60 0.02 29.72
N THR D 119 17.39 0.76 28.94
CA THR D 119 18.56 1.41 29.50
C THR D 119 18.14 2.66 30.27
N PRO D 120 18.93 3.08 31.28
CA PRO D 120 18.66 4.38 31.90
C PRO D 120 18.76 5.50 30.90
N ALA D 121 17.91 6.52 31.07
CA ALA D 121 17.82 7.60 30.10
C ALA D 121 19.02 8.52 30.12
N ALA D 122 19.89 8.42 31.12
CA ALA D 122 21.02 9.33 31.21
C ALA D 122 22.11 8.96 30.22
N GLU D 123 22.34 7.66 30.02
CA GLU D 123 23.48 7.20 29.26
C GLU D 123 23.20 7.01 27.77
N ILE D 124 21.99 7.35 27.29
CA ILE D 124 21.68 7.13 25.88
C ILE D 124 22.48 8.09 25.00
N THR D 125 22.49 9.38 25.35
CA THR D 125 23.12 10.35 24.47
C THR D 125 24.64 10.16 24.35
N PRO D 126 25.40 10.03 25.44
CA PRO D 126 26.86 9.85 25.27
C PRO D 126 27.24 8.60 24.49
N ARG D 127 26.52 7.50 24.68
CA ARG D 127 26.85 6.26 23.96
C ARG D 127 26.57 6.40 22.47
N VAL D 128 25.44 7.02 22.11
CA VAL D 128 25.13 7.25 20.71
C VAL D 128 26.16 8.18 20.07
N MET D 129 26.53 9.24 20.77
CA MET D 129 27.52 10.16 20.19
C MET D 129 28.90 9.53 20.08
N GLU D 130 29.28 8.66 21.03
CA GLU D 130 30.54 7.94 20.88
C GLU D 130 30.50 7.02 19.67
N ALA D 131 29.38 6.30 19.49
CA ALA D 131 29.26 5.43 18.33
C ALA D 131 29.34 6.22 17.03
N LEU D 132 28.76 7.42 17.01
CA LEU D 132 28.82 8.23 15.79
C LEU D 132 30.20 8.83 15.58
N ARG D 133 30.92 9.17 16.65
CA ARG D 133 32.29 9.67 16.50
C ARG D 133 33.21 8.58 15.97
N MET D 134 32.94 7.33 16.32
CA MET D 134 33.73 6.22 15.77
C MET D 134 33.57 6.13 14.25
N VAL D 135 32.38 6.39 13.72
CA VAL D 135 32.09 6.24 12.30
C VAL D 135 32.17 7.56 11.55
N GLN D 136 32.62 8.63 12.21
CA GLN D 136 32.81 9.95 11.59
C GLN D 136 31.52 10.50 10.97
N LEU D 137 30.44 10.51 11.76
CA LEU D 137 29.16 11.07 11.34
C LEU D 137 28.56 11.91 12.46
N GLU D 138 29.39 12.70 13.14
CA GLU D 138 28.88 13.49 14.26
C GLU D 138 27.96 14.61 13.80
N THR D 139 28.24 15.20 12.63
CA THR D 139 27.44 16.31 12.14
C THR D 139 26.15 15.86 11.45
N PHE D 140 26.00 14.58 11.16
CA PHE D 140 24.82 14.06 10.47
C PHE D 140 23.82 13.47 11.45
N ALA D 141 23.74 14.03 12.65
CA ALA D 141 22.95 13.42 13.70
C ALA D 141 21.46 13.60 13.47
N GLN D 142 21.06 14.69 12.84
CA GLN D 142 19.65 15.02 12.68
C GLN D 142 19.23 15.07 11.21
N ARG D 143 19.63 14.06 10.43
CA ARG D 143 19.28 13.95 9.02
C ARG D 143 18.63 12.60 8.79
N LYS D 144 17.59 12.57 7.96
CA LYS D 144 16.90 11.33 7.65
C LYS D 144 17.76 10.47 6.73
N PRO D 145 17.52 9.16 6.71
CA PRO D 145 18.36 8.28 5.88
C PRO D 145 18.34 8.58 4.40
N HIS D 146 17.21 9.03 3.85
CA HIS D 146 17.11 9.23 2.42
C HIS D 146 17.87 10.46 1.93
N GLN D 147 18.39 11.27 2.83
CA GLN D 147 19.22 12.41 2.48
C GLN D 147 20.70 12.09 2.44
N LEU D 148 21.07 10.84 2.70
CA LEU D 148 22.47 10.45 2.81
C LEU D 148 22.91 9.69 1.56
N SER D 149 24.21 9.39 1.51
CA SER D 149 24.78 8.60 0.45
C SER D 149 24.89 7.13 0.87
N GLY D 150 25.40 6.30 -0.03
CA GLY D 150 25.51 4.89 0.29
C GLY D 150 26.50 4.61 1.41
N GLY D 151 27.66 5.26 1.37
CA GLY D 151 28.66 5.04 2.39
C GLY D 151 28.21 5.50 3.76
N GLN D 152 27.55 6.66 3.82
CA GLN D 152 27.07 7.16 5.10
C GLN D 152 25.97 6.25 5.65
N GLN D 153 25.10 5.73 4.78
CA GLN D 153 24.09 4.78 5.23
C GLN D 153 24.72 3.53 5.80
N GLN D 154 25.76 3.01 5.14
CA GLN D 154 26.43 1.81 5.66
C GLN D 154 27.12 2.09 6.99
N ARG D 155 27.72 3.26 7.13
CA ARG D 155 28.35 3.61 8.40
C ARG D 155 27.31 3.69 9.52
N VAL D 156 26.12 4.22 9.22
CA VAL D 156 25.04 4.21 10.20
C VAL D 156 24.64 2.78 10.54
N ALA D 157 24.62 1.90 9.53
CA ALA D 157 24.26 0.51 9.79
C ALA D 157 25.25 -0.16 10.74
N ILE D 158 26.54 0.11 10.56
CA ILE D 158 27.55 -0.42 11.48
C ILE D 158 27.32 0.13 12.89
N ALA D 159 27.09 1.44 12.98
CA ALA D 159 26.97 2.08 14.28
C ALA D 159 25.75 1.58 15.04
N ARG D 160 24.67 1.25 14.33
CA ARG D 160 23.47 0.77 15.00
C ARG D 160 23.71 -0.54 15.73
N ALA D 161 24.46 -1.45 15.10
CA ALA D 161 24.71 -2.76 15.72
C ALA D 161 25.81 -2.68 16.78
N VAL D 162 26.80 -1.80 16.58
CA VAL D 162 27.95 -1.78 17.48
C VAL D 162 27.57 -1.28 18.87
N VAL D 163 26.68 -0.29 18.93
CA VAL D 163 26.46 0.48 20.17
C VAL D 163 25.84 -0.33 21.30
N ASN D 164 25.29 -1.51 21.03
CA ASN D 164 24.71 -2.32 22.10
C ASN D 164 25.74 -3.16 22.84
N LYS D 165 26.95 -3.28 22.32
CA LYS D 165 28.00 -4.12 22.89
C LYS D 165 27.53 -5.57 23.04
N PRO D 166 27.36 -6.29 21.93
CA PRO D 166 26.92 -7.69 22.02
C PRO D 166 28.10 -8.65 22.09
N ARG D 167 27.79 -9.90 22.43
CA ARG D 167 28.83 -10.91 22.48
C ARG D 167 29.18 -11.45 21.11
N LEU D 168 28.19 -11.62 20.23
CA LEU D 168 28.43 -12.12 18.88
C LEU D 168 27.93 -11.09 17.87
N LEU D 169 28.82 -10.68 16.97
CA LEU D 169 28.50 -9.69 15.96
C LEU D 169 28.76 -10.26 14.59
N LEU D 170 27.74 -10.23 13.74
CA LEU D 170 27.81 -10.77 12.38
C LEU D 170 27.76 -9.59 11.41
N LEU D 171 28.68 -9.57 10.47
CA LEU D 171 28.77 -8.49 9.50
C LEU D 171 28.67 -9.07 8.09
N ASP D 172 27.77 -8.50 7.28
CA ASP D 172 27.53 -9.00 5.93
C ASP D 172 27.93 -7.91 4.94
N GLN D 173 29.18 -7.95 4.51
CA GLN D 173 29.73 -6.98 3.55
C GLN D 173 29.58 -5.56 4.07
N SER D 174 30.27 -5.28 5.17
CA SER D 174 30.09 -4.02 5.88
C SER D 174 31.15 -2.98 5.54
N LEU D 175 32.07 -3.26 4.63
CA LEU D 175 33.09 -2.31 4.22
C LEU D 175 33.26 -2.29 2.71
N SER D 176 32.15 -2.33 1.97
CA SER D 176 32.24 -2.43 0.52
C SER D 176 32.03 -1.10 -0.19
N ALA D 177 31.29 -0.17 0.43
CA ALA D 177 30.91 1.08 -0.23
C ALA D 177 31.83 2.24 0.11
N LEU D 178 32.94 2.01 0.80
CA LEU D 178 33.84 3.07 1.20
C LEU D 178 35.09 3.08 0.32
N ASP D 179 35.88 4.14 0.44
CA ASP D 179 37.16 4.23 -0.23
C ASP D 179 38.23 3.52 0.60
N TYR D 180 39.46 3.54 0.12
CA TYR D 180 40.51 2.73 0.71
C TYR D 180 40.92 3.26 2.08
N LYS D 181 41.16 4.56 2.18
CA LYS D 181 41.69 5.14 3.42
C LYS D 181 40.70 5.03 4.57
N LEU D 182 39.41 5.24 4.30
CA LEU D 182 38.41 5.07 5.34
C LEU D 182 38.22 3.62 5.71
N ARG D 183 38.34 2.72 4.74
CA ARG D 183 38.20 1.30 5.02
C ARG D 183 39.30 0.82 5.95
N LYS D 184 40.52 1.30 5.76
CA LYS D 184 41.59 0.93 6.68
C LYS D 184 41.28 1.39 8.09
N GLN D 185 40.74 2.60 8.23
CA GLN D 185 40.41 3.12 9.55
C GLN D 185 39.34 2.29 10.22
N MET D 186 38.31 1.88 9.47
CA MET D 186 37.26 1.07 10.08
C MET D 186 37.77 -0.31 10.45
N GLN D 187 38.64 -0.91 9.63
CA GLN D 187 39.25 -2.18 10.00
C GLN D 187 40.01 -2.06 11.32
N ASN D 188 40.81 -1.00 11.44
CA ASN D 188 41.56 -0.79 12.67
C ASN D 188 40.63 -0.59 13.86
N GLU D 189 39.55 0.15 13.66
CA GLU D 189 38.61 0.41 14.75
C GLU D 189 37.94 -0.86 15.23
N LEU D 190 37.48 -1.71 14.30
CA LEU D 190 36.85 -2.96 14.68
C LEU D 190 37.83 -3.88 15.40
N LYS D 191 39.08 -3.94 14.92
CA LYS D 191 40.08 -4.76 15.61
C LYS D 191 40.32 -4.25 17.02
N ALA D 192 40.38 -2.93 17.20
CA ALA D 192 40.55 -2.37 18.53
C ALA D 192 39.40 -2.74 19.45
N LEU D 193 38.17 -2.67 18.94
CA LEU D 193 37.03 -3.07 19.75
C LEU D 193 37.12 -4.54 20.15
N GLN D 194 37.49 -5.41 19.21
CA GLN D 194 37.59 -6.83 19.51
C GLN D 194 38.64 -7.09 20.58
N ARG D 195 39.79 -6.43 20.47
CA ARG D 195 40.83 -6.63 21.47
C ARG D 195 40.39 -6.10 22.84
N LYS D 196 39.72 -4.96 22.88
CA LYS D 196 39.39 -4.34 24.16
C LYS D 196 38.26 -5.09 24.88
N LEU D 197 37.18 -5.44 24.17
CA LEU D 197 35.98 -5.93 24.83
C LEU D 197 35.92 -7.45 24.90
N GLY D 198 36.25 -8.13 23.82
CA GLY D 198 36.19 -9.56 23.76
C GLY D 198 35.11 -10.14 22.86
N ILE D 199 34.63 -9.37 21.88
CA ILE D 199 33.53 -9.80 21.05
C ILE D 199 34.00 -10.83 20.02
N THR D 200 33.12 -11.76 19.68
CA THR D 200 33.33 -12.68 18.57
C THR D 200 32.73 -12.08 17.31
N PHE D 201 33.49 -12.12 16.21
CA PHE D 201 33.10 -11.56 14.94
C PHE D 201 32.93 -12.66 13.91
N VAL D 202 31.79 -12.66 13.22
CA VAL D 202 31.61 -13.50 12.03
C VAL D 202 31.41 -12.55 10.86
N PHE D 203 32.45 -12.38 10.07
CA PHE D 203 32.51 -11.33 9.05
C PHE D 203 32.59 -11.99 7.68
N VAL D 204 31.63 -11.70 6.81
CA VAL D 204 31.62 -12.27 5.47
C VAL D 204 31.90 -11.17 4.46
N THR D 205 32.90 -11.39 3.61
CA THR D 205 33.37 -10.37 2.69
C THR D 205 33.99 -11.03 1.48
N HIS D 206 34.20 -10.22 0.43
CA HIS D 206 34.74 -10.71 -0.83
C HIS D 206 36.12 -10.15 -1.15
N ASP D 207 36.58 -9.13 -0.43
CA ASP D 207 37.91 -8.56 -0.61
C ASP D 207 38.91 -9.49 0.09
N GLN D 208 39.73 -10.17 -0.70
CA GLN D 208 40.56 -11.22 -0.13
C GLN D 208 41.75 -10.68 0.64
N GLU D 209 42.35 -9.57 0.18
CA GLU D 209 43.48 -9.01 0.91
C GLU D 209 43.06 -8.56 2.30
N GLU D 210 41.91 -7.90 2.40
CA GLU D 210 41.37 -7.54 3.71
C GLU D 210 41.06 -8.77 4.53
N ALA D 211 40.58 -9.84 3.89
CA ALA D 211 40.27 -11.07 4.62
C ALA D 211 41.53 -11.66 5.24
N LEU D 212 42.64 -11.66 4.51
CA LEU D 212 43.87 -12.23 5.05
C LEU D 212 44.53 -11.31 6.07
N THR D 213 44.33 -10.00 5.96
CA THR D 213 45.09 -9.07 6.79
C THR D 213 44.51 -8.95 8.19
N MET D 214 43.27 -9.39 8.40
CA MET D 214 42.54 -9.03 9.61
C MET D 214 41.81 -10.21 10.26
N SER D 215 42.07 -11.44 9.82
CA SER D 215 41.33 -12.58 10.31
C SER D 215 42.25 -13.57 11.02
N ASP D 216 41.63 -14.47 11.79
CA ASP D 216 42.31 -15.56 12.46
C ASP D 216 41.90 -16.93 11.94
N ARG D 217 40.63 -17.12 11.59
CA ARG D 217 40.21 -18.33 10.90
C ARG D 217 39.46 -17.94 9.64
N ILE D 218 39.72 -18.68 8.56
CA ILE D 218 39.08 -18.44 7.27
C ILE D 218 38.42 -19.73 6.83
N VAL D 219 37.14 -19.64 6.46
CA VAL D 219 36.39 -20.79 6.00
C VAL D 219 35.95 -20.53 4.56
N VAL D 220 36.38 -21.39 3.65
CA VAL D 220 36.00 -21.31 2.25
C VAL D 220 34.91 -22.35 1.99
N MET D 221 33.88 -21.95 1.25
CA MET D 221 32.71 -22.79 1.07
C MET D 221 32.38 -22.91 -0.41
N ARG D 222 31.70 -24.00 -0.77
CA ARG D 222 31.20 -24.14 -2.14
C ARG D 222 29.99 -25.05 -2.14
N ASP D 223 28.87 -24.54 -2.63
CA ASP D 223 27.61 -25.28 -2.75
C ASP D 223 27.22 -25.91 -1.41
N GLY D 224 27.38 -25.16 -0.32
CA GLY D 224 27.02 -25.65 0.99
C GLY D 224 28.07 -26.52 1.66
N ARG D 225 29.21 -26.72 1.05
CA ARG D 225 30.28 -27.54 1.61
C ARG D 225 31.36 -26.66 2.24
N ILE D 226 31.85 -27.09 3.39
CA ILE D 226 32.99 -26.46 4.06
C ILE D 226 34.25 -27.06 3.45
N GLU D 227 34.83 -26.40 2.44
CA GLU D 227 35.92 -27.02 1.70
C GLU D 227 37.25 -26.98 2.44
N GLN D 228 37.56 -25.92 3.16
CA GLN D 228 38.82 -25.85 3.88
C GLN D 228 38.71 -24.81 4.99
N ASP D 229 39.17 -25.18 6.18
CA ASP D 229 39.18 -24.30 7.34
C ASP D 229 40.59 -24.24 7.90
N GLY D 230 41.15 -23.03 8.00
CA GLY D 230 42.51 -22.92 8.48
C GLY D 230 42.93 -21.48 8.66
N THR D 231 44.16 -21.33 9.11
CA THR D 231 44.72 -20.02 9.44
C THR D 231 44.95 -19.21 8.17
N PRO D 232 45.03 -17.88 8.26
CA PRO D 232 45.22 -17.06 7.04
C PRO D 232 46.46 -17.40 6.25
N ARG D 233 47.35 -18.24 6.77
CA ARG D 233 48.55 -18.65 6.05
C ARG D 233 48.39 -19.98 5.34
N GLU D 234 47.61 -20.90 5.91
CA GLU D 234 47.44 -22.22 5.31
C GLU D 234 46.60 -22.14 4.04
N ILE D 235 45.76 -21.12 3.93
CA ILE D 235 44.97 -20.96 2.71
C ILE D 235 45.85 -20.53 1.54
N TYR D 236 46.75 -19.57 1.78
CA TYR D 236 47.57 -19.00 0.71
C TYR D 236 48.86 -19.74 0.44
N GLU D 237 49.37 -20.51 1.40
CA GLU D 237 50.65 -21.18 1.19
C GLU D 237 50.49 -22.65 0.79
N GLU D 238 49.61 -23.38 1.46
CA GLU D 238 49.43 -24.82 1.20
C GLU D 238 47.95 -25.14 1.01
N PRO D 239 47.39 -24.86 -0.16
CA PRO D 239 46.03 -25.29 -0.43
C PRO D 239 45.90 -26.80 -0.42
N LYS D 240 44.71 -27.28 -0.10
CA LYS D 240 44.44 -28.71 -0.01
C LYS D 240 43.68 -29.24 -1.22
N ASN D 241 42.89 -28.41 -1.89
CA ASN D 241 42.07 -28.86 -3.00
C ASN D 241 42.39 -28.00 -4.21
N LEU D 242 41.98 -28.48 -5.38
CA LEU D 242 42.16 -27.73 -6.61
C LEU D 242 41.23 -26.53 -6.71
N PHE D 243 40.08 -26.57 -6.03
CA PHE D 243 39.19 -25.42 -6.05
C PHE D 243 39.71 -24.29 -5.16
N VAL D 244 40.36 -24.63 -4.04
CA VAL D 244 40.86 -23.63 -3.11
C VAL D 244 42.12 -23.01 -3.69
N ALA D 245 42.71 -23.67 -4.67
CA ALA D 245 43.88 -23.14 -5.36
C ALA D 245 43.52 -22.20 -6.49
N GLY D 246 42.34 -22.32 -7.07
CA GLY D 246 41.96 -21.46 -8.17
C GLY D 246 40.99 -20.37 -7.76
N PHE D 247 40.78 -20.20 -6.46
CA PHE D 247 39.83 -19.21 -5.97
C PHE D 247 40.45 -18.15 -5.06
N ILE D 248 41.63 -18.41 -4.50
CA ILE D 248 42.22 -17.52 -3.51
C ILE D 248 43.22 -16.55 -4.16
N GLY D 249 43.58 -16.79 -5.40
CA GLY D 249 44.48 -15.85 -6.06
C GLY D 249 44.81 -16.33 -7.46
N GLU D 250 45.80 -15.69 -8.05
CA GLU D 250 46.26 -16.04 -9.38
C GLU D 250 47.29 -17.16 -9.25
N ILE D 251 47.26 -18.11 -10.18
CA ILE D 251 48.05 -19.32 -10.06
C ILE D 251 48.21 -19.95 -11.44
N ASN D 252 49.35 -20.60 -11.66
CA ASN D 252 49.59 -21.37 -12.88
C ASN D 252 49.73 -22.84 -12.51
N MET D 253 49.00 -23.70 -13.22
CA MET D 253 49.04 -25.12 -12.99
C MET D 253 49.69 -25.82 -14.18
N PHE D 254 50.59 -26.75 -13.90
CA PHE D 254 51.31 -27.53 -14.90
C PHE D 254 51.10 -29.01 -14.64
N ASN D 255 51.12 -29.81 -15.71
CA ASN D 255 51.00 -31.26 -15.58
C ASN D 255 52.37 -31.90 -15.53
N ALA D 256 52.56 -32.84 -14.61
CA ALA D 256 53.85 -33.49 -14.43
C ALA D 256 53.65 -35.00 -14.32
N THR D 257 54.67 -35.75 -14.73
CA THR D 257 54.68 -37.20 -14.64
C THR D 257 55.97 -37.66 -13.94
N VAL D 258 55.83 -38.48 -12.93
CA VAL D 258 56.97 -38.91 -12.12
C VAL D 258 57.79 -39.94 -12.88
N ILE D 259 59.10 -39.76 -12.89
CA ILE D 259 60.02 -40.65 -13.58
C ILE D 259 60.58 -41.66 -12.58
N GLU D 260 61.31 -41.17 -11.58
CA GLU D 260 61.89 -42.03 -10.57
C GLU D 260 62.06 -41.20 -9.31
N ARG D 261 61.97 -41.86 -8.15
CA ARG D 261 62.03 -41.20 -6.86
C ARG D 261 63.45 -41.23 -6.33
N LEU D 262 63.99 -40.04 -6.05
CA LEU D 262 65.31 -39.94 -5.43
C LEU D 262 65.20 -40.18 -3.94
N ASP D 263 66.25 -39.86 -3.20
CA ASP D 263 66.16 -39.85 -1.74
C ASP D 263 64.95 -39.04 -1.31
N GLU D 264 64.25 -39.54 -0.29
CA GLU D 264 62.92 -39.02 0.02
C GLU D 264 62.96 -37.52 0.28
N GLN D 265 61.82 -36.88 0.05
CA GLN D 265 61.67 -35.43 -0.02
C GLN D 265 62.32 -34.89 -1.28
N ARG D 266 62.39 -35.72 -2.33
CA ARG D 266 62.92 -35.30 -3.62
C ARG D 266 62.47 -36.30 -4.67
N VAL D 267 61.83 -35.84 -5.73
CA VAL D 267 61.28 -36.71 -6.76
C VAL D 267 61.55 -36.11 -8.13
N ARG D 268 61.99 -36.96 -9.06
CA ARG D 268 62.27 -36.55 -10.43
C ARG D 268 61.00 -36.67 -11.27
N ALA D 269 60.69 -35.63 -12.03
CA ALA D 269 59.47 -35.66 -12.83
C ALA D 269 59.66 -34.82 -14.08
N ASN D 270 58.91 -35.20 -15.12
CA ASN D 270 58.88 -34.46 -16.38
C ASN D 270 57.64 -33.58 -16.36
N VAL D 271 57.85 -32.27 -16.44
CA VAL D 271 56.78 -31.28 -16.48
C VAL D 271 57.01 -30.39 -17.70
N GLU D 272 55.99 -30.30 -18.56
CA GLU D 272 56.06 -29.50 -19.77
C GLU D 272 57.35 -29.74 -20.55
N GLY D 273 57.73 -31.01 -20.64
CA GLY D 273 58.85 -31.41 -21.46
C GLY D 273 60.21 -31.26 -20.82
N ARG D 274 60.29 -30.78 -19.58
CA ARG D 274 61.56 -30.64 -18.89
C ARG D 274 61.57 -31.53 -17.67
N GLU D 275 62.65 -32.30 -17.50
CA GLU D 275 62.84 -33.12 -16.31
C GLU D 275 63.44 -32.25 -15.21
N CYS D 276 62.85 -32.31 -14.03
CA CYS D 276 63.28 -31.48 -12.91
C CYS D 276 62.85 -32.12 -11.60
N ASN D 277 63.27 -31.51 -10.51
CA ASN D 277 63.03 -32.05 -9.18
C ASN D 277 61.82 -31.35 -8.55
N ILE D 278 60.98 -32.11 -7.88
CA ILE D 278 59.84 -31.60 -7.13
C ILE D 278 59.84 -32.26 -5.76
N TYR D 279 59.46 -31.49 -4.75
CA TYR D 279 59.49 -31.95 -3.36
C TYR D 279 58.11 -32.51 -3.01
N VAL D 280 58.04 -33.82 -2.86
CA VAL D 280 56.81 -34.54 -2.55
C VAL D 280 57.04 -35.35 -1.28
N ASN D 281 56.09 -35.26 -0.35
CA ASN D 281 56.26 -35.87 0.97
C ASN D 281 55.25 -36.98 1.24
N PHE D 282 54.78 -37.65 0.18
CA PHE D 282 53.96 -38.84 0.39
C PHE D 282 54.36 -39.95 -0.56
N ALA D 283 53.69 -41.10 -0.47
CA ALA D 283 54.03 -42.25 -1.29
C ALA D 283 53.58 -42.03 -2.73
N VAL D 284 54.49 -42.24 -3.68
CA VAL D 284 54.22 -42.04 -5.09
C VAL D 284 54.75 -43.24 -5.86
N GLU D 285 53.96 -43.71 -6.83
CA GLU D 285 54.37 -44.78 -7.73
C GLU D 285 54.58 -44.23 -9.14
N PRO D 286 55.49 -44.81 -9.91
CA PRO D 286 55.77 -44.29 -11.25
C PRO D 286 54.54 -44.39 -12.15
N GLY D 287 54.45 -43.47 -13.11
CA GLY D 287 53.33 -43.39 -14.01
C GLY D 287 52.22 -42.44 -13.59
N GLN D 288 52.30 -41.87 -12.39
CA GLN D 288 51.26 -40.97 -11.92
C GLN D 288 51.30 -39.64 -12.67
N LYS D 289 50.15 -38.98 -12.69
CA LYS D 289 50.02 -37.63 -13.21
C LYS D 289 49.71 -36.71 -12.05
N LEU D 290 50.56 -35.69 -11.86
CA LEU D 290 50.43 -34.77 -10.74
C LEU D 290 50.29 -33.35 -11.25
N HIS D 291 49.72 -32.49 -10.39
CA HIS D 291 49.59 -31.07 -10.67
C HIS D 291 50.66 -30.32 -9.91
N VAL D 292 51.43 -29.50 -10.61
CA VAL D 292 52.40 -28.62 -9.99
C VAL D 292 51.90 -27.18 -10.14
N LEU D 293 51.63 -26.55 -9.02
CA LEU D 293 51.08 -25.20 -8.98
C LEU D 293 52.18 -24.24 -8.54
N LEU D 294 52.29 -23.12 -9.25
CA LEU D 294 53.21 -22.06 -8.91
C LEU D 294 52.48 -20.72 -8.92
N ARG D 295 52.89 -19.87 -8.04
CA ARG D 295 52.38 -18.51 -7.93
C ARG D 295 53.10 -17.60 -8.91
N PRO D 296 52.42 -16.58 -9.43
CA PRO D 296 53.04 -15.75 -10.46
C PRO D 296 54.33 -15.09 -10.03
N GLU D 297 54.48 -14.80 -8.75
CA GLU D 297 55.65 -14.11 -8.25
C GLU D 297 56.82 -15.04 -7.99
N ASP D 298 56.61 -16.34 -8.10
CA ASP D 298 57.66 -17.31 -7.84
C ASP D 298 58.38 -17.76 -9.09
N LEU D 299 58.04 -17.20 -10.25
CA LEU D 299 58.72 -17.50 -11.50
C LEU D 299 59.75 -16.42 -11.77
N ARG D 300 60.87 -16.82 -12.38
CA ARG D 300 61.87 -15.89 -12.88
C ARG D 300 61.92 -15.98 -14.40
N VAL D 301 61.86 -14.83 -15.07
CA VAL D 301 61.91 -14.76 -16.53
C VAL D 301 63.24 -14.13 -16.92
N GLU D 302 64.00 -14.84 -17.77
CA GLU D 302 65.33 -14.39 -18.16
C GLU D 302 65.46 -14.36 -19.67
N GLU D 303 66.14 -13.34 -20.18
CA GLU D 303 66.37 -13.21 -21.61
C GLU D 303 67.42 -14.21 -22.07
N ILE D 304 67.27 -14.69 -23.31
CA ILE D 304 68.19 -15.63 -23.92
C ILE D 304 68.43 -15.18 -25.36
N ASN D 305 69.53 -14.47 -25.60
CA ASN D 305 69.86 -14.07 -26.97
C ASN D 305 70.46 -15.22 -27.78
N ASP D 306 71.20 -16.11 -27.14
CA ASP D 306 71.82 -17.23 -27.85
C ASP D 306 70.76 -18.23 -28.30
N ASP D 307 71.00 -18.84 -29.46
CA ASP D 307 70.05 -19.79 -30.01
C ASP D 307 69.91 -21.02 -29.13
N ASN D 308 71.01 -21.51 -28.56
CA ASN D 308 70.97 -22.69 -27.71
C ASN D 308 70.22 -22.38 -26.41
N HIS D 309 69.30 -23.27 -26.04
CA HIS D 309 68.52 -23.13 -24.82
C HIS D 309 68.75 -24.35 -23.94
N ALA D 310 69.02 -24.11 -22.66
CA ALA D 310 69.25 -25.18 -21.70
C ALA D 310 68.71 -24.78 -20.34
N GLU D 311 68.09 -25.75 -19.65
CA GLU D 311 67.60 -25.59 -18.28
C GLU D 311 66.57 -24.44 -18.19
N GLY D 312 65.45 -24.64 -18.88
CA GLY D 312 64.37 -23.67 -18.82
C GLY D 312 63.37 -23.77 -19.96
N LEU D 313 62.10 -23.52 -19.67
CA LEU D 313 61.07 -23.51 -20.68
C LEU D 313 61.12 -22.21 -21.48
N ILE D 314 60.93 -22.33 -22.79
CA ILE D 314 61.13 -21.23 -23.72
C ILE D 314 59.77 -20.73 -24.19
N GLY D 315 59.60 -19.41 -24.24
CA GLY D 315 58.35 -18.84 -24.71
C GLY D 315 58.52 -17.40 -25.10
N TYR D 316 57.42 -16.80 -25.53
CA TYR D 316 57.39 -15.40 -25.94
C TYR D 316 56.38 -14.63 -25.11
N VAL D 317 56.76 -13.41 -24.70
CA VAL D 317 55.83 -12.54 -24.00
C VAL D 317 54.81 -12.00 -24.99
N ARG D 318 53.56 -11.91 -24.57
CA ARG D 318 52.52 -11.44 -25.48
C ARG D 318 51.99 -10.05 -25.12
N GLU D 319 51.55 -9.82 -23.88
CA GLU D 319 51.26 -8.44 -23.48
C GLU D 319 51.80 -8.17 -22.09
N ARG D 320 51.88 -6.88 -21.75
CA ARG D 320 52.17 -6.41 -20.41
C ARG D 320 51.00 -5.56 -19.91
N ASN D 321 50.65 -5.76 -18.64
CA ASN D 321 49.58 -5.00 -18.00
C ASN D 321 50.16 -4.16 -16.86
N TYR D 322 49.69 -2.93 -16.76
CA TYR D 322 50.09 -2.01 -15.71
C TYR D 322 49.02 -2.03 -14.63
N LYS D 323 49.18 -2.91 -13.65
CA LYS D 323 48.40 -2.87 -12.43
C LYS D 323 49.26 -2.23 -11.36
N GLY D 324 48.73 -1.24 -10.66
CA GLY D 324 49.51 -0.42 -9.76
C GLY D 324 50.51 -1.18 -8.91
N MET D 325 51.76 -0.71 -8.91
CA MET D 325 52.88 -1.22 -8.12
C MET D 325 53.40 -2.56 -8.63
N THR D 326 52.73 -3.16 -9.62
CA THR D 326 53.21 -4.39 -10.24
C THR D 326 53.20 -4.23 -11.75
N LEU D 327 53.67 -5.26 -12.44
CA LEU D 327 53.66 -5.30 -13.91
C LEU D 327 53.32 -6.72 -14.29
N GLU D 328 52.03 -7.00 -14.45
CA GLU D 328 51.62 -8.29 -14.97
C GLU D 328 52.14 -8.52 -16.37
N SER D 329 52.55 -9.75 -16.64
CA SER D 329 53.00 -10.14 -17.97
C SER D 329 52.53 -11.55 -18.23
N VAL D 330 52.09 -11.83 -19.45
CA VAL D 330 51.63 -13.16 -19.85
C VAL D 330 52.56 -13.66 -20.96
N VAL D 331 53.01 -14.91 -20.82
CA VAL D 331 53.94 -15.48 -21.78
C VAL D 331 53.36 -16.80 -22.29
N GLU D 332 53.48 -17.01 -23.59
CA GLU D 332 52.98 -18.21 -24.24
C GLU D 332 54.16 -19.07 -24.67
N LEU D 333 54.11 -20.35 -24.33
CA LEU D 333 55.18 -21.26 -24.67
C LEU D 333 54.99 -21.76 -26.10
N GLU D 334 55.94 -22.58 -26.56
CA GLU D 334 55.73 -23.27 -27.82
C GLU D 334 54.65 -24.32 -27.69
N ASN D 335 54.34 -24.75 -26.47
CA ASN D 335 53.29 -25.73 -26.28
C ASN D 335 51.92 -25.18 -26.66
N GLY D 336 51.67 -23.91 -26.35
CA GLY D 336 50.38 -23.32 -26.64
C GLY D 336 49.61 -22.98 -25.38
N LYS D 337 50.33 -22.64 -24.31
CA LYS D 337 49.74 -22.36 -23.01
C LYS D 337 50.24 -21.01 -22.52
N MET D 338 49.35 -20.26 -21.88
CA MET D 338 49.69 -18.94 -21.36
C MET D 338 49.90 -19.02 -19.85
N VAL D 339 51.04 -18.54 -19.38
CA VAL D 339 51.36 -18.54 -17.96
C VAL D 339 51.70 -17.11 -17.54
N MET D 340 51.64 -16.87 -16.24
CA MET D 340 51.57 -15.54 -15.66
C MET D 340 52.87 -15.23 -14.92
N VAL D 341 53.35 -13.99 -15.02
CA VAL D 341 54.55 -13.58 -14.30
C VAL D 341 54.36 -12.14 -13.80
N SER D 342 54.84 -11.86 -12.59
CA SER D 342 54.60 -10.58 -11.96
C SER D 342 55.85 -10.06 -11.28
N GLU D 343 56.03 -8.75 -11.31
CA GLU D 343 57.19 -8.11 -10.72
C GLU D 343 56.88 -6.63 -10.52
N PHE D 344 57.64 -6.00 -9.64
CA PHE D 344 57.41 -4.59 -9.35
C PHE D 344 57.66 -3.74 -10.58
N PHE D 345 56.75 -2.80 -10.84
CA PHE D 345 56.88 -1.88 -11.94
C PHE D 345 57.40 -0.52 -11.53
N ASN D 346 57.30 -0.15 -10.25
CA ASN D 346 57.87 1.10 -9.79
C ASN D 346 59.38 0.97 -9.76
N GLU D 347 59.88 -0.12 -10.36
CA GLU D 347 61.25 -0.19 -10.86
C GLU D 347 61.43 0.66 -12.10
N ASP D 348 60.43 1.47 -12.42
CA ASP D 348 60.50 2.47 -13.48
C ASP D 348 61.58 3.49 -13.10
N ASP D 349 61.92 4.34 -14.05
CA ASP D 349 63.15 5.11 -14.08
C ASP D 349 64.38 4.20 -13.96
N PRO D 350 64.42 3.05 -14.67
CA PRO D 350 65.65 2.25 -14.67
C PRO D 350 66.49 2.55 -15.90
N ASP D 351 67.56 1.78 -16.09
CA ASP D 351 68.22 1.68 -17.38
C ASP D 351 67.66 0.53 -18.21
N PHE D 352 67.70 -0.68 -17.66
CA PHE D 352 67.17 -1.87 -18.31
C PHE D 352 65.72 -2.07 -17.85
N ASP D 353 65.13 -3.25 -17.98
CA ASP D 353 63.83 -3.64 -17.40
C ASP D 353 62.63 -3.16 -18.19
N HIS D 354 62.80 -2.84 -19.47
CA HIS D 354 61.69 -2.62 -20.38
C HIS D 354 61.94 -3.37 -21.68
N SER D 355 60.90 -4.05 -22.16
CA SER D 355 61.05 -4.86 -23.36
C SER D 355 59.70 -5.15 -24.02
N LEU D 356 59.71 -6.02 -25.04
CA LEU D 356 58.48 -6.37 -25.76
C LEU D 356 58.62 -7.80 -26.26
N ASP D 357 57.79 -8.18 -27.24
CA ASP D 357 57.78 -9.54 -27.79
C ASP D 357 59.19 -9.99 -28.16
N GLN D 358 59.67 -11.02 -27.46
CA GLN D 358 60.99 -11.59 -27.67
C GLN D 358 60.98 -13.07 -27.34
N LYS D 359 62.16 -13.66 -27.17
CA LYS D 359 62.28 -15.05 -26.74
C LYS D 359 62.94 -15.12 -25.38
N MET D 360 62.26 -15.70 -24.39
CA MET D 360 62.82 -15.76 -23.05
C MET D 360 62.39 -17.03 -22.34
N ALA D 361 63.13 -17.35 -21.27
CA ALA D 361 62.97 -18.59 -20.55
C ALA D 361 62.38 -18.34 -19.16
N ILE D 362 61.64 -19.33 -18.66
CA ILE D 362 61.01 -19.27 -17.34
C ILE D 362 61.64 -20.35 -16.48
N ASN D 363 62.04 -19.97 -15.27
CA ASN D 363 62.70 -20.89 -14.35
C ASN D 363 62.30 -20.55 -12.92
N TRP D 364 62.02 -21.57 -12.11
CA TRP D 364 61.75 -21.32 -10.70
C TRP D 364 63.00 -21.59 -9.87
N VAL D 365 62.83 -21.56 -8.55
CA VAL D 365 63.94 -21.48 -7.61
C VAL D 365 64.15 -22.81 -6.88
N GLU D 366 63.28 -23.79 -7.15
CA GLU D 366 63.35 -25.14 -6.58
C GLU D 366 62.68 -25.07 -5.22
N SER D 367 62.14 -26.20 -4.77
CA SER D 367 61.41 -26.33 -3.51
C SER D 367 60.49 -25.18 -3.13
N TRP D 368 60.02 -24.41 -4.10
CA TRP D 368 59.05 -23.36 -3.87
C TRP D 368 57.70 -23.67 -4.47
N GLU D 369 57.47 -24.90 -4.91
CA GLU D 369 56.27 -25.27 -5.64
C GLU D 369 55.22 -25.82 -4.69
N VAL D 370 54.04 -26.08 -5.23
CA VAL D 370 53.02 -26.83 -4.52
C VAL D 370 52.60 -28.01 -5.40
N VAL D 371 52.60 -29.21 -4.84
CA VAL D 371 52.34 -30.42 -5.61
C VAL D 371 51.07 -31.08 -5.09
N LEU D 372 50.17 -31.42 -6.00
CA LEU D 372 48.94 -32.10 -5.64
C LEU D 372 48.73 -33.32 -6.52
N ALA D 373 48.02 -34.29 -5.96
CA ALA D 373 47.63 -35.49 -6.69
C ALA D 373 46.68 -35.12 -7.82
N ASN E 27 -52.59 3.86 -27.28
CA ASN E 27 -51.47 4.53 -26.63
C ASN E 27 -50.99 3.78 -25.40
N THR E 28 -50.29 4.50 -24.53
CA THR E 28 -49.74 3.94 -23.30
C THR E 28 -50.25 4.76 -22.11
N LEU E 29 -50.10 4.18 -20.93
CA LEU E 29 -50.61 4.77 -19.70
C LEU E 29 -49.49 4.79 -18.66
N TYR E 30 -49.42 5.88 -17.90
CA TYR E 30 -48.45 6.02 -16.82
C TYR E 30 -49.16 5.96 -15.48
N PHE E 31 -48.70 5.07 -14.61
CA PHE E 31 -49.32 4.81 -13.32
C PHE E 31 -48.31 5.11 -12.22
N TYR E 32 -48.71 5.97 -11.28
CA TYR E 32 -47.84 6.41 -10.18
C TYR E 32 -48.50 5.94 -8.89
N ASN E 33 -47.95 4.89 -8.28
CA ASN E 33 -48.61 4.25 -7.16
C ASN E 33 -47.54 3.57 -6.29
N TRP E 34 -48.00 3.00 -5.18
CA TRP E 34 -47.13 2.19 -4.34
C TRP E 34 -46.80 0.89 -5.06
N THR E 35 -45.83 0.14 -4.53
CA THR E 35 -45.23 -0.94 -5.31
C THR E 35 -46.22 -2.07 -5.57
N GLU E 36 -46.88 -2.59 -4.54
CA GLU E 36 -47.74 -3.75 -4.69
C GLU E 36 -49.19 -3.42 -4.40
N TYR E 37 -49.59 -2.17 -4.59
CA TYR E 37 -50.92 -1.73 -4.18
C TYR E 37 -51.98 -2.27 -5.12
N VAL E 38 -51.67 -2.34 -6.42
CA VAL E 38 -52.52 -3.02 -7.39
C VAL E 38 -51.80 -4.29 -7.85
N PRO E 39 -52.39 -5.47 -7.64
CA PRO E 39 -51.66 -6.73 -7.83
C PRO E 39 -51.17 -6.90 -9.26
N PRO E 40 -50.02 -7.53 -9.45
CA PRO E 40 -49.61 -7.90 -10.81
C PRO E 40 -50.45 -9.06 -11.32
N GLY E 41 -50.50 -9.17 -12.64
CA GLY E 41 -51.34 -10.18 -13.25
C GLY E 41 -52.76 -9.68 -13.37
N LEU E 42 -53.24 -8.96 -12.37
CA LEU E 42 -54.52 -8.27 -12.49
C LEU E 42 -54.46 -7.21 -13.58
N LEU E 43 -53.33 -6.52 -13.70
CA LEU E 43 -53.12 -5.55 -14.77
C LEU E 43 -53.00 -6.21 -16.13
N GLU E 44 -52.71 -7.52 -16.19
CA GLU E 44 -52.56 -8.18 -17.48
C GLU E 44 -53.88 -8.28 -18.22
N GLN E 45 -54.97 -8.49 -17.48
CA GLN E 45 -56.29 -8.58 -18.13
C GLN E 45 -56.73 -7.24 -18.68
N PHE E 46 -56.30 -6.13 -18.09
CA PHE E 46 -56.57 -4.83 -18.68
C PHE E 46 -55.88 -4.69 -20.04
N THR E 47 -54.66 -5.20 -20.16
CA THR E 47 -53.95 -5.17 -21.43
C THR E 47 -54.54 -6.15 -22.43
N LYS E 48 -55.07 -7.28 -21.96
CA LYS E 48 -55.69 -8.24 -22.87
C LYS E 48 -57.01 -7.71 -23.41
N GLU E 49 -57.82 -7.08 -22.55
CA GLU E 49 -59.10 -6.55 -23.00
C GLU E 49 -58.92 -5.33 -23.89
N THR E 50 -58.01 -4.44 -23.50
CA THR E 50 -57.79 -3.20 -24.22
C THR E 50 -56.31 -3.03 -24.52
N GLY E 51 -56.00 -2.46 -25.68
CA GLY E 51 -54.62 -2.46 -26.15
C GLY E 51 -53.67 -1.67 -25.27
N ILE E 52 -54.21 -0.88 -24.34
CA ILE E 52 -53.39 -0.02 -23.49
C ILE E 52 -52.43 -0.86 -22.66
N LYS E 53 -51.16 -0.46 -22.63
CA LYS E 53 -50.17 -1.07 -21.75
C LYS E 53 -49.73 -0.03 -20.73
N VAL E 54 -49.47 -0.48 -19.51
CA VAL E 54 -49.21 0.40 -18.39
C VAL E 54 -47.73 0.33 -18.05
N ILE E 55 -47.08 1.48 -17.98
CA ILE E 55 -45.73 1.58 -17.45
C ILE E 55 -45.81 2.10 -16.02
N TYR E 56 -45.31 1.31 -15.08
CA TYR E 56 -45.56 1.49 -13.66
C TYR E 56 -44.38 2.19 -13.01
N SER E 57 -44.64 3.30 -12.32
CA SER E 57 -43.62 4.02 -11.59
C SER E 57 -44.05 4.19 -10.14
N THR E 58 -43.11 4.01 -9.22
CA THR E 58 -43.44 3.91 -7.80
C THR E 58 -42.69 4.97 -7.00
N TYR E 59 -43.25 5.30 -5.82
CA TYR E 59 -42.70 6.34 -4.98
C TYR E 59 -42.76 5.93 -3.52
N GLU E 60 -41.86 6.51 -2.72
CA GLU E 60 -41.69 6.12 -1.33
C GLU E 60 -42.78 6.70 -0.43
N SER E 61 -42.99 8.02 -0.47
CA SER E 61 -43.94 8.66 0.43
C SER E 61 -44.68 9.75 -0.33
N ASN E 62 -45.74 10.27 0.30
CA ASN E 62 -46.56 11.29 -0.34
C ASN E 62 -45.80 12.58 -0.53
N GLU E 63 -44.91 12.93 0.40
CA GLU E 63 -44.16 14.18 0.29
C GLU E 63 -43.24 14.17 -0.92
N THR E 64 -42.58 13.04 -1.18
CA THR E 64 -41.77 12.90 -2.37
C THR E 64 -42.62 13.04 -3.63
N MET E 65 -43.82 12.46 -3.60
CA MET E 65 -44.72 12.59 -4.75
C MET E 65 -45.05 14.06 -5.00
N TYR E 66 -45.40 14.80 -3.95
CA TYR E 66 -45.72 16.21 -4.10
C TYR E 66 -44.53 16.97 -4.68
N ALA E 67 -43.34 16.78 -4.11
CA ALA E 67 -42.18 17.54 -4.56
C ALA E 67 -41.81 17.20 -6.00
N LYS E 68 -41.76 15.91 -6.33
CA LYS E 68 -41.40 15.49 -7.68
C LYS E 68 -42.41 15.97 -8.70
N LEU E 69 -43.70 15.90 -8.37
CA LEU E 69 -44.72 16.35 -9.31
C LEU E 69 -44.66 17.85 -9.51
N LYS E 70 -44.39 18.61 -8.44
CA LYS E 70 -44.39 20.07 -8.56
C LYS E 70 -43.15 20.56 -9.30
N THR E 71 -41.99 19.94 -9.07
CA THR E 71 -40.75 20.46 -9.64
C THR E 71 -40.62 20.11 -11.11
N TYR E 72 -40.84 18.84 -11.45
CA TYR E 72 -40.59 18.34 -12.81
C TYR E 72 -41.88 18.45 -13.61
N LYS E 73 -42.11 19.63 -14.21
CA LYS E 73 -43.32 19.85 -14.98
C LYS E 73 -43.26 19.13 -16.32
N ASP E 74 -42.06 18.94 -16.87
CA ASP E 74 -41.95 18.30 -18.17
C ASP E 74 -42.46 16.87 -18.13
N GLY E 75 -42.11 16.12 -17.10
CA GLY E 75 -42.61 14.77 -16.93
C GLY E 75 -44.11 14.73 -16.67
N ALA E 76 -44.84 13.98 -17.49
CA ALA E 76 -46.29 13.91 -17.40
C ALA E 76 -46.72 12.53 -16.98
N TYR E 77 -47.55 12.47 -15.94
CA TYR E 77 -48.13 11.22 -15.45
C TYR E 77 -49.61 11.20 -15.77
N ASP E 78 -50.18 9.99 -15.75
CA ASP E 78 -51.54 9.79 -16.25
C ASP E 78 -52.55 9.47 -15.16
N LEU E 79 -52.13 8.89 -14.04
CA LEU E 79 -53.04 8.58 -12.95
C LEU E 79 -52.23 8.42 -11.67
N VAL E 80 -52.59 9.17 -10.64
CA VAL E 80 -51.84 9.21 -9.39
C VAL E 80 -52.80 8.94 -8.24
N VAL E 81 -52.27 8.40 -7.15
CA VAL E 81 -53.07 7.99 -6.00
C VAL E 81 -52.61 8.79 -4.77
N PRO E 82 -53.27 9.91 -4.47
CA PRO E 82 -52.89 10.68 -3.29
C PRO E 82 -53.57 10.20 -2.02
N SER E 83 -53.30 10.89 -0.92
CA SER E 83 -53.96 10.62 0.35
C SER E 83 -55.08 11.61 0.59
N THR E 84 -55.73 11.50 1.75
CA THR E 84 -56.83 12.41 2.08
C THR E 84 -56.32 13.84 2.24
N TYR E 85 -55.16 14.02 2.86
CA TYR E 85 -54.56 15.33 2.95
C TYR E 85 -54.21 15.87 1.57
N TYR E 86 -53.55 15.06 0.75
CA TYR E 86 -52.95 15.55 -0.48
C TYR E 86 -53.88 15.49 -1.69
N VAL E 87 -55.08 14.93 -1.57
CA VAL E 87 -56.08 15.19 -2.60
C VAL E 87 -56.55 16.63 -2.50
N ASP E 88 -56.73 17.12 -1.28
CA ASP E 88 -56.73 18.55 -1.00
C ASP E 88 -55.28 19.04 -1.10
N LYS E 89 -55.11 20.35 -1.18
CA LYS E 89 -53.82 21.01 -1.41
C LYS E 89 -53.37 20.82 -2.84
N MET E 90 -54.02 19.93 -3.59
CA MET E 90 -53.72 19.75 -5.01
C MET E 90 -54.86 20.19 -5.92
N ARG E 91 -56.00 20.59 -5.37
CA ARG E 91 -57.06 21.18 -6.18
C ARG E 91 -56.88 22.69 -6.28
N LYS E 92 -56.63 23.34 -5.14
CA LYS E 92 -56.50 24.78 -5.11
C LYS E 92 -55.31 25.25 -5.94
N GLU E 93 -54.19 24.55 -5.82
CA GLU E 93 -53.08 24.69 -6.76
C GLU E 93 -53.34 23.71 -7.89
N GLY E 94 -53.53 24.21 -9.10
CA GLY E 94 -53.86 23.31 -10.18
C GLY E 94 -52.77 22.30 -10.42
N MET E 95 -53.00 21.08 -9.92
CA MET E 95 -52.11 19.94 -10.12
C MET E 95 -52.98 18.72 -10.34
N ILE E 96 -54.29 18.93 -10.36
CA ILE E 96 -55.28 17.88 -10.39
C ILE E 96 -56.41 18.32 -11.31
N GLN E 97 -57.17 17.35 -11.81
CA GLN E 97 -58.12 17.58 -12.87
C GLN E 97 -59.48 16.99 -12.50
N LYS E 98 -60.52 17.51 -13.14
CA LYS E 98 -61.86 17.01 -12.94
C LYS E 98 -62.02 15.63 -13.56
N ILE E 99 -62.74 14.76 -12.87
CA ILE E 99 -63.01 13.41 -13.34
C ILE E 99 -64.44 13.40 -13.88
N ASP E 100 -64.59 13.09 -15.17
CA ASP E 100 -65.89 13.09 -15.82
C ASP E 100 -66.60 11.80 -15.43
N LYS E 101 -67.59 11.92 -14.54
CA LYS E 101 -68.24 10.75 -13.98
C LYS E 101 -69.33 10.19 -14.88
N SER E 102 -69.61 10.83 -16.01
CA SER E 102 -70.66 10.33 -16.90
C SER E 102 -70.32 8.96 -17.46
N LYS E 103 -69.05 8.76 -17.86
CA LYS E 103 -68.68 7.50 -18.49
C LYS E 103 -67.97 6.52 -17.57
N LEU E 104 -68.08 6.71 -16.25
CA LEU E 104 -67.77 5.65 -15.29
C LEU E 104 -69.06 4.90 -15.00
N THR E 105 -69.27 3.79 -15.70
CA THR E 105 -70.55 3.09 -15.58
C THR E 105 -70.68 2.30 -14.30
N ASN E 106 -69.61 2.16 -13.50
CA ASN E 106 -69.64 1.37 -12.29
C ASN E 106 -69.58 2.24 -11.04
N PHE E 107 -69.94 3.52 -11.15
CA PHE E 107 -69.89 4.40 -9.98
C PHE E 107 -70.95 4.05 -8.95
N SER E 108 -71.98 3.31 -9.34
CA SER E 108 -73.00 2.91 -8.38
C SER E 108 -72.43 1.97 -7.33
N ASN E 109 -71.54 1.06 -7.75
CA ASN E 109 -71.00 0.04 -6.85
C ASN E 109 -69.99 0.69 -5.90
N LEU E 110 -70.50 1.57 -5.04
CA LEU E 110 -69.64 2.25 -4.09
C LEU E 110 -70.51 2.77 -2.96
N ASP E 111 -70.05 2.55 -1.73
CA ASP E 111 -70.84 2.86 -0.55
C ASP E 111 -71.03 4.36 -0.43
N PRO E 112 -72.26 4.86 -0.29
CA PRO E 112 -72.47 6.32 -0.26
C PRO E 112 -71.84 7.00 0.94
N ASP E 113 -71.52 6.27 2.00
CA ASP E 113 -70.96 6.91 3.19
C ASP E 113 -69.59 7.52 2.92
N MET E 114 -68.76 6.86 2.11
CA MET E 114 -67.44 7.40 1.80
C MET E 114 -67.46 8.37 0.62
N LEU E 115 -68.57 8.49 -0.08
CA LEU E 115 -68.61 9.30 -1.30
C LEU E 115 -68.39 10.78 -1.04
N ASN E 116 -69.28 11.41 -0.30
CA ASN E 116 -69.26 12.85 -0.11
C ASN E 116 -68.57 13.17 1.21
N LYS E 117 -67.48 13.93 1.15
CA LYS E 117 -66.69 14.30 2.31
C LYS E 117 -66.20 15.72 2.13
N PRO E 118 -65.83 16.40 3.23
CA PRO E 118 -65.44 17.82 3.11
C PRO E 118 -64.12 18.11 2.43
N PHE E 119 -63.32 17.08 2.11
CA PHE E 119 -62.08 17.30 1.39
C PHE E 119 -62.22 17.17 -0.12
N ASP E 120 -63.30 16.59 -0.61
CA ASP E 120 -63.68 16.63 -2.02
C ASP E 120 -65.19 16.80 -2.06
N PRO E 121 -65.68 17.98 -2.44
CA PRO E 121 -67.08 18.33 -2.18
C PRO E 121 -68.11 17.42 -2.84
N ASN E 122 -67.89 17.06 -4.10
CA ASN E 122 -68.82 16.20 -4.82
C ASN E 122 -68.10 15.11 -5.61
N ASN E 123 -66.96 14.63 -5.10
CA ASN E 123 -66.11 13.67 -5.81
C ASN E 123 -65.77 14.16 -7.21
N ASP E 124 -65.57 15.47 -7.34
CA ASP E 124 -65.19 16.04 -8.63
C ASP E 124 -63.73 15.76 -8.96
N TYR E 125 -62.88 15.57 -7.95
CA TYR E 125 -61.46 15.43 -8.18
C TYR E 125 -60.84 14.15 -7.67
N SER E 126 -61.61 13.28 -7.01
CA SER E 126 -61.05 12.03 -6.51
C SER E 126 -62.12 10.95 -6.51
N ILE E 127 -61.67 9.70 -6.53
CA ILE E 127 -62.56 8.56 -6.40
C ILE E 127 -61.97 7.56 -5.40
N PRO E 128 -62.68 7.23 -4.33
CA PRO E 128 -62.08 6.42 -3.27
C PRO E 128 -61.61 5.06 -3.75
N TYR E 129 -60.49 4.59 -3.20
CA TYR E 129 -59.91 3.31 -3.59
C TYR E 129 -59.70 2.37 -2.41
N ILE E 130 -59.07 2.82 -1.33
CA ILE E 130 -58.83 1.99 -0.14
C ILE E 130 -58.90 2.86 1.10
N TRP E 131 -59.55 2.35 2.15
CA TRP E 131 -59.75 3.08 3.39
C TRP E 131 -59.33 2.24 4.59
N GLY E 132 -59.42 2.83 5.77
CA GLY E 132 -58.99 2.14 6.97
C GLY E 132 -59.21 3.00 8.19
N ALA E 133 -58.55 2.63 9.29
CA ALA E 133 -58.68 3.36 10.54
C ALA E 133 -57.46 3.08 11.41
N THR E 134 -57.31 3.87 12.47
CA THR E 134 -56.25 3.71 13.45
C THR E 134 -56.88 3.54 14.82
N ALA E 135 -56.37 2.61 15.61
CA ALA E 135 -57.01 2.28 16.88
C ALA E 135 -56.00 1.60 17.80
N ILE E 136 -56.45 1.31 19.02
CA ILE E 136 -55.63 0.63 20.01
C ILE E 136 -55.55 -0.85 19.67
N GLY E 137 -54.33 -1.37 19.65
CA GLY E 137 -54.08 -2.78 19.47
C GLY E 137 -53.44 -3.35 20.73
N VAL E 138 -53.95 -4.51 21.15
CA VAL E 138 -53.59 -5.16 22.40
C VAL E 138 -53.24 -6.61 22.12
N ASN E 139 -52.11 -7.06 22.64
CA ASN E 139 -51.74 -8.46 22.57
C ASN E 139 -52.46 -9.20 23.70
N GLY E 140 -53.40 -10.08 23.34
CA GLY E 140 -54.24 -10.71 24.33
C GLY E 140 -53.50 -11.69 25.23
N ASP E 141 -52.36 -12.19 24.79
CA ASP E 141 -51.63 -13.15 25.61
C ASP E 141 -51.12 -12.52 26.89
N ALA E 142 -50.63 -11.28 26.82
CA ALA E 142 -49.99 -10.64 27.96
C ALA E 142 -50.84 -9.57 28.62
N VAL E 143 -51.74 -8.90 27.90
CA VAL E 143 -52.57 -7.84 28.44
C VAL E 143 -54.02 -8.16 28.13
N ASP E 144 -54.89 -8.04 29.13
CA ASP E 144 -56.31 -8.31 28.93
C ASP E 144 -56.93 -7.27 28.01
N PRO E 145 -57.60 -7.67 26.93
CA PRO E 145 -58.18 -6.69 26.01
C PRO E 145 -59.17 -5.74 26.65
N LYS E 146 -59.93 -6.18 27.65
CA LYS E 146 -60.96 -5.35 28.24
C LYS E 146 -60.43 -4.39 29.30
N SER E 147 -59.15 -4.47 29.65
CA SER E 147 -58.62 -3.57 30.66
C SER E 147 -58.46 -2.16 30.13
N VAL E 148 -58.32 -2.00 28.82
CA VAL E 148 -58.18 -0.69 28.19
C VAL E 148 -59.41 -0.44 27.32
N THR E 149 -59.97 0.77 27.41
CA THR E 149 -61.21 1.09 26.72
C THR E 149 -61.24 2.45 26.04
N SER E 150 -60.24 3.30 26.23
CA SER E 150 -60.29 4.65 25.71
C SER E 150 -58.87 5.13 25.46
N TRP E 151 -58.77 6.31 24.85
CA TRP E 151 -57.46 6.92 24.66
C TRP E 151 -56.81 7.25 26.00
N ALA E 152 -57.59 7.80 26.93
CA ALA E 152 -57.05 8.31 28.18
C ALA E 152 -56.39 7.22 29.01
N ASP E 153 -56.80 5.96 28.84
CA ASP E 153 -56.19 4.88 29.60
C ASP E 153 -54.73 4.66 29.23
N LEU E 154 -54.25 5.21 28.12
CA LEU E 154 -52.83 5.12 27.84
C LEU E 154 -52.01 6.09 28.67
N TRP E 155 -52.65 7.00 29.41
CA TRP E 155 -51.95 7.95 30.25
C TRP E 155 -51.72 7.44 31.68
N LYS E 156 -52.25 6.27 32.01
CA LYS E 156 -52.11 5.77 33.36
C LYS E 156 -50.63 5.47 33.66
N PRO E 157 -50.17 5.75 34.88
CA PRO E 157 -48.73 5.59 35.16
C PRO E 157 -48.25 4.16 35.13
N GLU E 158 -49.14 3.17 35.15
CA GLU E 158 -48.67 1.78 35.15
C GLU E 158 -48.09 1.37 33.80
N TYR E 159 -48.52 2.01 32.72
CA TYR E 159 -48.01 1.69 31.38
C TYR E 159 -46.73 2.46 31.08
N LYS E 160 -45.67 2.19 31.84
CA LYS E 160 -44.41 2.89 31.69
C LYS E 160 -43.46 2.08 30.84
N GLY E 161 -43.04 2.65 29.70
CA GLY E 161 -42.11 1.98 28.82
C GLY E 161 -42.68 0.85 27.99
N SER E 162 -43.98 0.84 27.73
CA SER E 162 -44.60 -0.24 26.96
C SER E 162 -45.65 0.25 25.97
N LEU E 163 -45.46 1.41 25.37
CA LEU E 163 -46.41 1.93 24.38
C LEU E 163 -45.70 2.22 23.06
N LEU E 164 -46.36 1.88 21.97
CA LEU E 164 -45.85 2.15 20.63
C LEU E 164 -46.71 3.25 19.99
N LEU E 165 -46.05 4.26 19.43
CA LEU E 165 -46.73 5.39 18.82
C LEU E 165 -46.29 5.57 17.38
N THR E 166 -47.20 6.04 16.54
CA THR E 166 -46.92 6.27 15.14
C THR E 166 -46.07 7.52 14.96
N ASP E 167 -45.14 7.46 14.01
CA ASP E 167 -44.18 8.53 13.78
C ASP E 167 -44.67 9.44 12.64
N ASP E 168 -45.72 10.19 12.93
CA ASP E 168 -46.12 11.29 12.07
C ASP E 168 -46.90 12.26 12.94
N ALA E 169 -46.63 13.55 12.76
CA ALA E 169 -47.10 14.56 13.71
C ALA E 169 -48.61 14.61 13.83
N ARG E 170 -49.32 14.56 12.71
CA ARG E 170 -50.76 14.78 12.74
C ARG E 170 -51.50 13.67 13.46
N GLU E 171 -51.06 12.41 13.34
CA GLU E 171 -51.74 11.34 14.05
C GLU E 171 -51.61 11.48 15.56
N VAL E 172 -50.41 11.78 16.07
CA VAL E 172 -50.23 11.92 17.51
C VAL E 172 -50.98 13.14 18.02
N PHE E 173 -50.92 14.24 17.28
CA PHE E 173 -51.64 15.43 17.72
C PHE E 173 -53.15 15.24 17.65
N GLN E 174 -53.64 14.45 16.70
CA GLN E 174 -55.05 14.08 16.69
C GLN E 174 -55.41 13.21 17.88
N MET E 175 -54.56 12.25 18.26
CA MET E 175 -54.81 11.50 19.49
C MET E 175 -55.01 12.44 20.66
N ALA E 176 -54.07 13.37 20.84
CA ALA E 176 -54.16 14.28 21.98
C ALA E 176 -55.40 15.16 21.90
N LEU E 177 -55.70 15.69 20.72
CA LEU E 177 -56.83 16.61 20.58
C LEU E 177 -58.15 15.90 20.81
N ARG E 178 -58.31 14.68 20.30
CA ARG E 178 -59.53 13.95 20.60
C ARG E 178 -59.61 13.57 22.07
N LYS E 179 -58.47 13.33 22.74
CA LYS E 179 -58.53 13.12 24.18
C LYS E 179 -59.05 14.36 24.89
N LEU E 180 -58.59 15.54 24.48
CA LEU E 180 -59.05 16.77 25.11
C LEU E 180 -60.50 17.12 24.75
N GLY E 181 -60.92 16.85 23.51
CA GLY E 181 -62.29 17.10 23.12
C GLY E 181 -62.45 18.08 21.97
N TYR E 182 -61.39 18.34 21.23
CA TYR E 182 -61.40 19.29 20.13
C TYR E 182 -61.51 18.55 18.80
N SER E 183 -61.44 19.32 17.71
CA SER E 183 -61.43 18.73 16.37
C SER E 183 -59.99 18.51 15.89
N GLY E 184 -59.85 17.60 14.94
CA GLY E 184 -58.55 17.25 14.41
C GLY E 184 -57.83 18.38 13.70
N ASN E 185 -58.56 19.11 12.85
CA ASN E 185 -58.02 20.29 12.16
C ASN E 185 -58.47 21.56 12.89
N THR E 186 -57.74 21.86 13.97
CA THR E 186 -58.16 22.91 14.89
C THR E 186 -57.84 24.30 14.37
N THR E 187 -56.70 24.44 13.69
CA THR E 187 -56.20 25.71 13.12
C THR E 187 -56.18 26.86 14.13
N ASP E 188 -56.24 26.55 15.41
CA ASP E 188 -56.22 27.56 16.48
C ASP E 188 -55.01 27.30 17.35
N PRO E 189 -54.07 28.26 17.46
CA PRO E 189 -52.83 27.97 18.19
C PRO E 189 -53.04 27.61 19.65
N LYS E 190 -54.06 28.19 20.29
CA LYS E 190 -54.29 27.90 21.70
C LYS E 190 -54.59 26.43 21.92
N GLU E 191 -55.35 25.81 21.01
CA GLU E 191 -55.68 24.39 21.13
C GLU E 191 -54.45 23.51 20.90
N ILE E 192 -53.59 23.89 19.96
CA ILE E 192 -52.36 23.15 19.72
C ILE E 192 -51.44 23.23 20.94
N GLU E 193 -51.44 24.35 21.65
CA GLU E 193 -50.65 24.46 22.87
C GLU E 193 -51.09 23.44 23.91
N ALA E 194 -52.41 23.30 24.11
CA ALA E 194 -52.90 22.32 25.06
C ALA E 194 -52.55 20.91 24.62
N ALA E 195 -52.63 20.65 23.32
CA ALA E 195 -52.24 19.33 22.82
C ALA E 195 -50.76 19.06 23.11
N TYR E 196 -49.90 20.05 22.91
CA TYR E 196 -48.47 19.87 23.17
C TYR E 196 -48.20 19.62 24.64
N ASN E 197 -48.88 20.38 25.51
CA ASN E 197 -48.70 20.16 26.94
C ASN E 197 -49.16 18.76 27.35
N GLU E 198 -50.28 18.29 26.80
CA GLU E 198 -50.73 16.94 27.12
C GLU E 198 -49.77 15.88 26.61
N LEU E 199 -49.23 16.07 25.41
CA LEU E 199 -48.31 15.08 24.86
C LEU E 199 -47.00 15.05 25.62
N LYS E 200 -46.60 16.15 26.26
CA LYS E 200 -45.36 16.13 27.04
C LYS E 200 -45.44 15.14 28.19
N LYS E 201 -46.63 14.88 28.73
CA LYS E 201 -46.76 13.94 29.84
C LYS E 201 -46.70 12.49 29.38
N LEU E 202 -46.91 12.22 28.09
CA LEU E 202 -46.93 10.85 27.62
C LEU E 202 -45.54 10.29 27.35
N MET E 203 -44.53 11.15 27.31
CA MET E 203 -43.19 10.69 26.98
C MET E 203 -42.63 9.61 27.90
N PRO E 204 -42.83 9.65 29.23
CA PRO E 204 -42.31 8.55 30.05
C PRO E 204 -42.88 7.19 29.68
N ASN E 205 -44.02 7.14 28.99
CA ASN E 205 -44.62 5.87 28.62
C ASN E 205 -44.16 5.33 27.28
N VAL E 206 -43.66 6.19 26.39
CA VAL E 206 -43.35 5.76 25.03
C VAL E 206 -42.11 4.89 25.04
N ALA E 207 -42.18 3.75 24.33
CA ALA E 207 -41.05 2.87 24.14
C ALA E 207 -40.44 2.96 22.75
N ALA E 208 -41.25 3.26 21.74
CA ALA E 208 -40.69 3.48 20.41
C ALA E 208 -41.68 4.23 19.54
N PHE E 209 -41.15 4.96 18.57
CA PHE E 209 -41.94 5.58 17.51
C PHE E 209 -41.77 4.71 16.27
N ASN E 210 -42.88 4.24 15.71
CA ASN E 210 -42.81 3.25 14.64
C ASN E 210 -42.54 3.92 13.31
N SER E 211 -41.55 3.39 12.57
CA SER E 211 -41.19 3.93 11.26
C SER E 211 -41.53 3.01 10.11
N ASP E 212 -41.92 1.76 10.36
CA ASP E 212 -42.32 0.82 9.32
C ASP E 212 -43.70 0.28 9.63
N ASN E 213 -44.11 -0.77 8.91
CA ASN E 213 -45.42 -1.41 9.03
C ASN E 213 -45.81 -1.59 10.49
N PRO E 214 -47.00 -1.14 10.87
CA PRO E 214 -47.42 -1.24 12.29
C PRO E 214 -47.43 -2.64 12.85
N ALA E 215 -47.69 -3.66 12.03
CA ALA E 215 -47.73 -5.01 12.56
C ALA E 215 -46.35 -5.55 12.87
N ASN E 216 -45.30 -4.95 12.31
CA ASN E 216 -43.96 -5.51 12.46
C ASN E 216 -43.46 -5.49 13.90
N PRO E 217 -43.53 -4.40 14.65
CA PRO E 217 -43.05 -4.44 16.04
C PRO E 217 -43.83 -5.36 16.95
N TYR E 218 -45.05 -5.77 16.57
CA TYR E 218 -45.84 -6.61 17.47
C TYR E 218 -45.53 -8.09 17.30
N MET E 219 -45.11 -8.51 16.11
CA MET E 219 -44.81 -9.91 15.88
C MET E 219 -43.55 -10.37 16.58
N GLU E 220 -42.67 -9.44 16.99
CA GLU E 220 -41.46 -9.79 17.70
C GLU E 220 -41.60 -9.71 19.21
N GLY E 221 -42.72 -9.21 19.72
CA GLY E 221 -42.89 -9.14 21.16
C GLY E 221 -42.24 -7.96 21.83
N GLU E 222 -41.75 -6.98 21.07
CA GLU E 222 -41.15 -5.79 21.68
C GLU E 222 -42.17 -5.00 22.49
N VAL E 223 -43.37 -4.83 21.95
CA VAL E 223 -44.41 -4.00 22.53
C VAL E 223 -45.73 -4.75 22.50
N ASN E 224 -46.49 -4.69 23.60
CA ASN E 224 -47.73 -5.43 23.74
C ASN E 224 -48.98 -4.57 23.70
N LEU E 225 -48.87 -3.25 23.54
CA LEU E 225 -50.05 -2.39 23.50
C LEU E 225 -49.68 -1.05 22.88
N GLY E 226 -50.53 -0.55 21.99
CA GLY E 226 -50.31 0.76 21.42
C GLY E 226 -51.07 0.94 20.13
N MET E 227 -50.70 1.99 19.38
CA MET E 227 -51.38 2.30 18.13
C MET E 227 -51.20 1.20 17.10
N ILE E 228 -52.20 1.02 16.24
CA ILE E 228 -52.14 0.02 15.18
C ILE E 228 -53.18 0.36 14.13
N TRP E 229 -52.97 -0.11 12.91
CA TRP E 229 -53.97 -0.07 11.87
C TRP E 229 -54.77 -1.37 11.91
N ASN E 230 -56.07 -1.28 11.61
CA ASN E 230 -56.93 -2.46 11.73
C ASN E 230 -56.54 -3.55 10.72
N GLY E 231 -56.24 -3.17 9.48
CA GLY E 231 -55.79 -4.14 8.50
C GLY E 231 -54.51 -4.85 8.87
N SER E 232 -53.54 -4.13 9.43
CA SER E 232 -52.33 -4.76 9.93
C SER E 232 -52.63 -5.73 11.05
N ALA E 233 -53.57 -5.40 11.94
CA ALA E 233 -53.98 -6.35 12.95
C ALA E 233 -54.57 -7.61 12.34
N PHE E 234 -55.39 -7.47 11.29
CA PHE E 234 -55.95 -8.64 10.63
C PHE E 234 -54.85 -9.52 10.03
N VAL E 235 -53.90 -8.89 9.33
CA VAL E 235 -52.82 -9.66 8.72
C VAL E 235 -51.96 -10.32 9.79
N ALA E 236 -51.76 -9.65 10.93
CA ALA E 236 -50.97 -10.23 12.00
C ALA E 236 -51.68 -11.40 12.65
N ARG E 237 -52.99 -11.30 12.86
CA ARG E 237 -53.74 -12.44 13.36
C ARG E 237 -53.72 -13.60 12.38
N GLN E 238 -53.69 -13.33 11.08
CA GLN E 238 -53.59 -14.41 10.10
C GLN E 238 -52.21 -15.04 10.04
N ALA E 239 -51.29 -14.69 10.94
CA ALA E 239 -49.97 -15.30 10.98
C ALA E 239 -49.65 -15.91 12.34
N GLY E 240 -50.64 -15.99 13.24
CA GLY E 240 -50.48 -16.70 14.49
C GLY E 240 -50.25 -15.85 15.72
N THR E 241 -50.31 -14.52 15.61
CA THR E 241 -50.14 -13.63 16.76
C THR E 241 -51.50 -13.03 17.10
N PRO E 242 -52.05 -13.30 18.27
CA PRO E 242 -53.39 -12.80 18.60
C PRO E 242 -53.41 -11.33 19.03
N ILE E 243 -53.48 -10.45 18.05
CA ILE E 243 -53.49 -9.01 18.28
C ILE E 243 -54.91 -8.52 18.07
N ASP E 244 -55.59 -8.17 19.16
CA ASP E 244 -56.96 -7.68 19.06
C ASP E 244 -56.94 -6.16 18.95
N VAL E 245 -58.01 -5.60 18.39
CA VAL E 245 -58.13 -4.16 18.21
C VAL E 245 -59.41 -3.69 18.88
N VAL E 246 -59.29 -2.65 19.71
CA VAL E 246 -60.41 -2.13 20.48
C VAL E 246 -60.70 -0.71 20.04
N TRP E 247 -61.97 -0.41 19.80
CA TRP E 247 -62.35 0.88 19.27
C TRP E 247 -62.40 1.91 20.39
N PRO E 248 -61.58 2.96 20.34
CA PRO E 248 -61.63 3.96 21.40
C PRO E 248 -62.93 4.74 21.38
N LYS E 249 -63.40 5.10 22.58
CA LYS E 249 -64.69 5.78 22.69
C LYS E 249 -64.61 7.20 22.16
N GLU E 250 -63.46 7.85 22.32
CA GLU E 250 -63.31 9.20 21.80
C GLU E 250 -63.46 9.21 20.28
N GLY E 251 -62.96 8.18 19.62
CA GLY E 251 -63.14 8.03 18.19
C GLY E 251 -61.97 7.27 17.58
N GLY E 252 -62.09 7.03 16.30
CA GLY E 252 -61.00 6.46 15.52
C GLY E 252 -60.56 7.44 14.45
N ILE E 253 -59.26 7.46 14.20
CA ILE E 253 -58.66 8.39 13.24
C ILE E 253 -58.68 7.71 11.88
N PHE E 254 -59.49 8.24 10.96
CA PHE E 254 -59.74 7.62 9.68
C PHE E 254 -58.77 8.13 8.61
N TRP E 255 -58.58 7.31 7.58
CA TRP E 255 -57.80 7.71 6.41
C TRP E 255 -58.27 6.89 5.22
N MET E 256 -58.01 7.42 4.03
CA MET E 256 -58.35 6.70 2.80
C MET E 256 -57.50 7.26 1.66
N ASP E 257 -57.35 6.44 0.62
CA ASP E 257 -56.64 6.81 -0.59
C ASP E 257 -57.62 6.95 -1.74
N SER E 258 -57.24 7.74 -2.73
CA SER E 258 -58.15 8.09 -3.81
C SER E 258 -57.41 8.08 -5.14
N LEU E 259 -58.20 8.01 -6.21
CA LEU E 259 -57.70 8.03 -7.58
C LEU E 259 -58.02 9.38 -8.20
N ALA E 260 -57.04 9.92 -8.93
CA ALA E 260 -57.13 11.25 -9.51
C ALA E 260 -56.21 11.34 -10.72
N ILE E 261 -56.38 12.39 -11.51
CA ILE E 261 -55.63 12.61 -12.75
C ILE E 261 -54.75 13.84 -12.59
N PRO E 262 -53.49 13.80 -13.03
CA PRO E 262 -52.53 14.83 -12.64
C PRO E 262 -52.57 16.12 -13.43
N ALA E 263 -53.61 16.40 -14.22
CA ALA E 263 -53.94 17.67 -14.85
C ALA E 263 -53.00 18.03 -15.99
N ASN E 264 -51.93 17.27 -16.20
CA ASN E 264 -51.12 17.36 -17.41
C ASN E 264 -50.89 15.94 -17.92
N ALA E 265 -51.84 15.45 -18.72
CA ALA E 265 -51.85 14.05 -19.12
C ALA E 265 -52.05 13.97 -20.63
N LYS E 266 -51.23 13.14 -21.28
CA LYS E 266 -51.41 12.92 -22.71
C LYS E 266 -52.57 11.96 -22.99
N ASN E 267 -52.77 10.97 -22.14
CA ASN E 267 -53.80 9.97 -22.31
C ASN E 267 -54.74 10.04 -21.11
N LYS E 268 -55.87 10.72 -21.29
CA LYS E 268 -56.87 10.81 -20.25
C LYS E 268 -57.92 9.71 -20.33
N GLU E 269 -58.31 9.31 -21.55
CA GLU E 269 -59.29 8.23 -21.70
C GLU E 269 -58.78 6.93 -21.14
N GLY E 270 -57.48 6.64 -21.31
CA GLY E 270 -56.93 5.42 -20.74
C GLY E 270 -57.02 5.42 -19.22
N ALA E 271 -56.70 6.56 -18.59
CA ALA E 271 -56.79 6.63 -17.14
C ALA E 271 -58.22 6.48 -16.67
N LEU E 272 -59.16 7.12 -17.35
CA LEU E 272 -60.55 7.08 -16.93
C LEU E 272 -61.21 5.74 -17.26
N LYS E 273 -60.62 4.95 -18.16
CA LYS E 273 -61.01 3.55 -18.31
C LYS E 273 -60.39 2.66 -17.24
N LEU E 274 -59.15 2.96 -16.84
CA LEU E 274 -58.53 2.18 -15.77
C LEU E 274 -59.30 2.31 -14.46
N ILE E 275 -59.79 3.52 -14.17
CA ILE E 275 -60.60 3.69 -12.97
C ILE E 275 -61.85 2.83 -13.04
N ASN E 276 -62.52 2.82 -14.20
CA ASN E 276 -63.70 1.97 -14.37
C ASN E 276 -63.37 0.51 -14.17
N PHE E 277 -62.24 0.06 -14.71
CA PHE E 277 -61.85 -1.33 -14.51
C PHE E 277 -61.62 -1.63 -13.04
N LEU E 278 -61.02 -0.68 -12.31
CA LEU E 278 -60.79 -0.89 -10.89
C LEU E 278 -62.05 -0.79 -10.05
N LEU E 279 -63.14 -0.25 -10.59
CA LEU E 279 -64.38 -0.17 -9.82
C LEU E 279 -65.27 -1.40 -9.98
N ARG E 280 -64.80 -2.46 -10.63
CA ARG E 280 -65.62 -3.65 -10.81
C ARG E 280 -65.75 -4.43 -9.50
N PRO E 281 -66.76 -5.28 -9.35
CA PRO E 281 -66.87 -6.06 -8.12
C PRO E 281 -65.78 -7.11 -7.95
N ASP E 282 -65.54 -7.94 -8.97
CA ASP E 282 -64.55 -9.00 -8.86
C ASP E 282 -63.14 -8.46 -8.68
N VAL E 283 -62.80 -7.38 -9.37
CA VAL E 283 -61.49 -6.77 -9.21
C VAL E 283 -61.31 -6.27 -7.78
N ALA E 284 -62.36 -5.67 -7.21
CA ALA E 284 -62.27 -5.19 -5.84
C ALA E 284 -62.13 -6.34 -4.86
N LYS E 285 -62.84 -7.45 -5.12
CA LYS E 285 -62.74 -8.60 -4.22
C LYS E 285 -61.33 -9.17 -4.26
N GLN E 286 -60.73 -9.28 -5.45
CA GLN E 286 -59.35 -9.74 -5.51
C GLN E 286 -58.41 -8.82 -4.75
N VAL E 287 -58.56 -7.50 -4.93
CA VAL E 287 -57.66 -6.58 -4.25
C VAL E 287 -57.81 -6.68 -2.75
N ALA E 288 -59.05 -6.80 -2.25
CA ALA E 288 -59.26 -6.90 -0.82
C ALA E 288 -58.81 -8.26 -0.28
N GLU E 289 -58.74 -9.28 -1.14
CA GLU E 289 -58.23 -10.57 -0.70
C GLU E 289 -56.70 -10.58 -0.61
N THR E 290 -56.03 -9.99 -1.60
CA THR E 290 -54.58 -10.08 -1.66
C THR E 290 -53.92 -9.20 -0.60
N ILE E 291 -54.57 -8.09 -0.23
CA ILE E 291 -54.12 -7.23 0.86
C ILE E 291 -55.31 -6.98 1.77
N GLY E 292 -55.08 -7.03 3.08
CA GLY E 292 -56.18 -7.17 4.02
C GLY E 292 -56.97 -5.89 4.23
N TYR E 293 -56.48 -4.78 3.72
CA TYR E 293 -57.10 -3.48 3.99
C TYR E 293 -58.53 -3.43 3.48
N PRO E 294 -59.46 -2.86 4.25
CA PRO E 294 -60.86 -2.75 3.82
C PRO E 294 -61.02 -2.09 2.45
N THR E 295 -62.16 -2.34 1.81
CA THR E 295 -62.46 -1.79 0.50
C THR E 295 -63.74 -0.96 0.55
N PRO E 296 -63.85 0.10 -0.27
CA PRO E 296 -65.07 0.92 -0.22
C PRO E 296 -66.20 0.42 -1.10
N ASN E 297 -65.98 -0.59 -1.94
CA ASN E 297 -67.09 -1.13 -2.73
C ASN E 297 -68.07 -1.86 -1.84
N LEU E 298 -69.33 -1.46 -1.91
CA LEU E 298 -70.39 -2.17 -1.19
C LEU E 298 -70.84 -3.41 -1.95
N ALA E 299 -70.79 -3.37 -3.27
CA ALA E 299 -71.15 -4.52 -4.08
C ALA E 299 -70.03 -5.55 -4.15
N ALA E 300 -68.96 -5.36 -3.39
CA ALA E 300 -67.85 -6.31 -3.35
C ALA E 300 -67.60 -6.92 -1.99
N ARG E 301 -67.93 -6.23 -0.90
CA ARG E 301 -67.74 -6.84 0.41
C ARG E 301 -68.76 -7.93 0.68
N LYS E 302 -69.89 -7.93 -0.03
CA LYS E 302 -70.83 -9.04 0.09
C LYS E 302 -70.22 -10.33 -0.44
N LEU E 303 -69.48 -10.25 -1.55
CA LEU E 303 -68.86 -11.42 -2.13
C LEU E 303 -67.71 -11.96 -1.30
N LEU E 304 -67.25 -11.22 -0.30
CA LEU E 304 -66.14 -11.67 0.51
C LEU E 304 -66.59 -12.78 1.46
N SER E 305 -65.66 -13.28 2.26
CA SER E 305 -65.95 -14.38 3.16
C SER E 305 -66.96 -13.95 4.22
N PRO E 306 -67.80 -14.87 4.69
CA PRO E 306 -68.82 -14.49 5.68
C PRO E 306 -68.25 -13.92 6.96
N GLU E 307 -67.09 -14.42 7.39
CA GLU E 307 -66.46 -13.95 8.63
C GLU E 307 -65.68 -12.64 8.45
N VAL E 308 -65.22 -12.38 7.23
CA VAL E 308 -64.46 -11.16 6.96
C VAL E 308 -65.37 -9.94 6.93
N ALA E 309 -66.50 -10.03 6.25
CA ALA E 309 -67.39 -8.88 6.13
C ALA E 309 -68.03 -8.54 7.46
N ASN E 310 -68.30 -9.53 8.29
CA ASN E 310 -68.99 -9.34 9.55
C ASN E 310 -68.04 -9.01 10.72
N ASP E 311 -66.73 -9.03 10.49
CA ASP E 311 -65.79 -8.65 11.54
C ASP E 311 -65.95 -7.16 11.80
N LYS E 312 -66.42 -6.80 12.99
CA LYS E 312 -66.91 -5.45 13.23
C LYS E 312 -65.81 -4.41 13.20
N THR E 313 -64.57 -4.78 13.52
CA THR E 313 -63.49 -3.80 13.55
C THR E 313 -63.04 -3.42 12.15
N LEU E 314 -62.95 -4.38 11.24
CA LEU E 314 -62.53 -4.08 9.87
C LEU E 314 -63.55 -3.17 9.18
N TYR E 315 -64.83 -3.48 9.34
CA TYR E 315 -65.91 -2.70 8.71
C TYR E 315 -66.86 -2.23 9.80
N PRO E 316 -66.65 -1.04 10.37
CA PRO E 316 -67.52 -0.59 11.47
C PRO E 316 -68.93 -0.25 11.04
N ASP E 317 -69.81 -0.02 12.01
CA ASP E 317 -71.21 0.25 11.72
C ASP E 317 -71.36 1.67 11.15
N ALA E 318 -72.50 1.89 10.49
CA ALA E 318 -72.65 3.06 9.63
C ALA E 318 -72.50 4.38 10.37
N GLU E 319 -73.07 4.50 11.58
CA GLU E 319 -73.06 5.79 12.25
C GLU E 319 -71.66 6.23 12.64
N THR E 320 -70.79 5.28 13.00
CA THR E 320 -69.42 5.63 13.31
C THR E 320 -68.70 6.17 12.08
N ILE E 321 -68.94 5.56 10.91
CA ILE E 321 -68.27 6.00 9.69
C ILE E 321 -68.77 7.38 9.27
N LYS E 322 -70.10 7.56 9.25
CA LYS E 322 -70.63 8.81 8.73
C LYS E 322 -70.37 9.98 9.68
N ASN E 323 -70.39 9.73 10.98
CA ASN E 323 -70.05 10.76 11.97
C ASN E 323 -68.60 10.56 12.40
N GLY E 324 -67.69 10.69 11.43
CA GLY E 324 -66.29 10.44 11.64
C GLY E 324 -65.44 11.65 11.28
N GLU E 325 -64.15 11.53 11.60
CA GLU E 325 -63.17 12.58 11.35
C GLU E 325 -62.25 12.15 10.22
N TRP E 326 -62.08 13.03 9.23
CA TRP E 326 -61.18 12.78 8.11
C TRP E 326 -60.12 13.86 8.08
N GLN E 327 -58.89 13.48 7.72
CA GLN E 327 -57.73 14.36 7.80
C GLN E 327 -57.75 15.34 6.64
N ASN E 328 -58.44 16.47 6.85
CA ASN E 328 -58.50 17.51 5.83
C ASN E 328 -57.26 18.41 5.94
N ASP E 329 -57.21 19.44 5.11
CA ASP E 329 -56.04 20.31 5.01
C ASP E 329 -56.26 21.57 5.83
N VAL E 330 -55.28 21.91 6.65
CA VAL E 330 -55.25 23.17 7.38
C VAL E 330 -54.05 23.97 6.88
N GLY E 331 -54.30 25.22 6.48
CA GLY E 331 -53.29 26.03 5.85
C GLY E 331 -52.45 26.78 6.87
N ALA E 332 -51.14 26.71 6.71
CA ALA E 332 -50.11 27.42 7.45
C ALA E 332 -49.94 26.90 8.87
N ALA E 333 -50.76 25.95 9.33
CA ALA E 333 -50.62 25.38 10.66
C ALA E 333 -49.92 24.04 10.66
N SER E 334 -49.67 23.43 9.49
CA SER E 334 -48.88 22.21 9.46
C SER E 334 -47.45 22.47 9.89
N SER E 335 -46.93 23.66 9.58
CA SER E 335 -45.62 24.03 10.06
C SER E 335 -45.54 24.00 11.57
N ILE E 336 -46.60 24.48 12.24
CA ILE E 336 -46.64 24.44 13.70
C ILE E 336 -46.61 23.01 14.21
N TYR E 337 -47.41 22.13 13.59
CA TYR E 337 -47.41 20.73 14.00
C TYR E 337 -46.02 20.11 13.87
N GLU E 338 -45.35 20.32 12.74
CA GLU E 338 -44.04 19.71 12.55
C GLU E 338 -42.99 20.28 13.49
N GLU E 339 -43.01 21.60 13.70
CA GLU E 339 -42.06 22.20 14.63
C GLU E 339 -42.28 21.68 16.04
N TYR E 340 -43.53 21.52 16.47
CA TYR E 340 -43.81 20.98 17.78
C TYR E 340 -43.42 19.51 17.90
N TYR E 341 -43.63 18.72 16.84
CA TYR E 341 -43.17 17.34 16.88
C TYR E 341 -41.66 17.26 16.99
N GLN E 342 -40.93 18.17 16.31
CA GLN E 342 -39.49 18.25 16.50
C GLN E 342 -39.14 18.55 17.95
N LYS E 343 -39.77 19.57 18.53
CA LYS E 343 -39.40 19.98 19.89
C LYS E 343 -39.73 18.91 20.92
N LEU E 344 -40.81 18.15 20.69
CA LEU E 344 -41.26 17.22 21.71
C LEU E 344 -40.33 16.01 21.85
N LYS E 345 -39.73 15.55 20.75
CA LYS E 345 -38.79 14.43 20.84
C LYS E 345 -37.52 14.84 21.56
N ALA E 346 -36.97 16.00 21.24
CA ALA E 346 -35.72 16.47 21.84
C ALA E 346 -36.01 17.16 23.17
N GLY E 347 -36.50 16.36 24.11
CA GLY E 347 -36.87 16.87 25.42
C GLY E 347 -35.69 17.26 26.28
#